data_2H8A
# 
_entry.id   2H8A 
# 
_audit_conform.dict_name       mmcif_pdbx.dic 
_audit_conform.dict_version    5.387 
_audit_conform.dict_location   http://mmcif.pdb.org/dictionaries/ascii/mmcif_pdbx.dic 
# 
loop_
_database_2.database_id 
_database_2.database_code 
_database_2.pdbx_database_accession 
_database_2.pdbx_DOI 
PDB   2H8A         pdb_00002h8a 10.2210/pdb2h8a/pdb 
RCSB  RCSB038054   ?            ?                   
WWPDB D_1000038054 ?            ?                   
# 
loop_
_pdbx_audit_revision_history.ordinal 
_pdbx_audit_revision_history.data_content_type 
_pdbx_audit_revision_history.major_revision 
_pdbx_audit_revision_history.minor_revision 
_pdbx_audit_revision_history.revision_date 
1 'Structure model' 1 0 2007-05-22 
2 'Structure model' 1 1 2008-05-01 
3 'Structure model' 1 2 2011-07-13 
4 'Structure model' 1 3 2012-01-18 
5 'Structure model' 1 4 2012-03-21 
6 'Structure model' 1 5 2024-02-14 
# 
_pdbx_audit_revision_details.ordinal             1 
_pdbx_audit_revision_details.revision_ordinal    1 
_pdbx_audit_revision_details.data_content_type   'Structure model' 
_pdbx_audit_revision_details.provider            repository 
_pdbx_audit_revision_details.type                'Initial release' 
_pdbx_audit_revision_details.description         ? 
_pdbx_audit_revision_details.details             ? 
# 
loop_
_pdbx_audit_revision_group.ordinal 
_pdbx_audit_revision_group.revision_ordinal 
_pdbx_audit_revision_group.data_content_type 
_pdbx_audit_revision_group.group 
1 2 'Structure model' 'Version format compliance'  
2 3 'Structure model' 'Derived calculations'       
3 3 'Structure model' 'Version format compliance'  
4 4 'Structure model' 'Non-polymer description'    
5 5 'Structure model' 'Non-polymer description'    
6 6 'Structure model' 'Author supporting evidence' 
7 6 'Structure model' 'Data collection'            
8 6 'Structure model' 'Database references'        
9 6 'Structure model' 'Derived calculations'       
# 
loop_
_pdbx_audit_revision_category.ordinal 
_pdbx_audit_revision_category.revision_ordinal 
_pdbx_audit_revision_category.data_content_type 
_pdbx_audit_revision_category.category 
1 6 'Structure model' chem_comp_atom            
2 6 'Structure model' chem_comp_bond            
3 6 'Structure model' database_2                
4 6 'Structure model' em_image_scans            
5 6 'Structure model' em_single_particle_entity 
6 6 'Structure model' struct_site               
# 
loop_
_pdbx_audit_revision_item.ordinal 
_pdbx_audit_revision_item.revision_ordinal 
_pdbx_audit_revision_item.data_content_type 
_pdbx_audit_revision_item.item 
1 6 'Structure model' '_database_2.pdbx_DOI'                
2 6 'Structure model' '_database_2.pdbx_database_accession' 
3 6 'Structure model' '_struct_site.pdbx_auth_asym_id'      
4 6 'Structure model' '_struct_site.pdbx_auth_comp_id'      
5 6 'Structure model' '_struct_site.pdbx_auth_seq_id'       
# 
_pdbx_database_status.status_code                     REL 
_pdbx_database_status.entry_id                        2H8A 
_pdbx_database_status.recvd_initial_deposition_date   2006-06-07 
_pdbx_database_status.deposit_site                    RCSB 
_pdbx_database_status.process_site                    RCSB 
_pdbx_database_status.status_code_sf                  REL 
_pdbx_database_status.status_code_mr                  ? 
_pdbx_database_status.SG_entry                        ? 
_pdbx_database_status.status_code_cs                  ? 
_pdbx_database_status.pdb_format_compatible           Y 
_pdbx_database_status.status_code_nmr_data            ? 
_pdbx_database_status.methods_development_category    ? 
# 
_audit_author.name           'Hebert, H.' 
_audit_author.pdbx_ordinal   1 
# 
_citation.id                        primary 
_citation.title                     'Structural basis for detoxification and oxidative stress protection in membranes.' 
_citation.journal_abbrev            J.Mol.Biol. 
_citation.journal_volume            360 
_citation.page_first                934 
_citation.page_last                 945 
_citation.year                      2006 
_citation.journal_id_ASTM           JMOBAK 
_citation.country                   UK 
_citation.journal_id_ISSN           0022-2836 
_citation.journal_id_CSD            0070 
_citation.book_publisher            ? 
_citation.pdbx_database_id_PubMed   16806268 
_citation.pdbx_database_id_DOI      10.1016/j.jmb.2006.05.056 
# 
loop_
_citation_author.citation_id 
_citation_author.name 
_citation_author.ordinal 
_citation_author.identifier_ORCID 
primary 'Holm, P.J.'      1 ? 
primary 'Bhakat, P.'      2 ? 
primary 'Jegerschold, C.' 3 ? 
primary 'Gyobu, N.'       4 ? 
primary 'Mitsuoka, K.'    5 ? 
primary 'Fujiyoshi, Y.'   6 ? 
primary 'Morgenstern, R.' 7 ? 
primary 'Hebert, H.'      8 ? 
# 
loop_
_entity.id 
_entity.type 
_entity.src_method 
_entity.pdbx_description 
_entity.formula_weight 
_entity.pdbx_number_of_molecules 
_entity.pdbx_ec 
_entity.pdbx_mutation 
_entity.pdbx_fragment 
_entity.details 
1 polymer     nat 'Microsomal glutathione S-transferase 1' 17361.289 1 2.5.1.18 ? ? ? 
2 non-polymer syn GLUTATHIONE                              307.323   1 ?        ? ? ? 
# 
_entity_name_com.entity_id   1 
_entity_name_com.name        'Microsomal GST- 1, Microsomal GST-I' 
# 
_entity_poly.entity_id                      1 
_entity_poly.type                           'polypeptide(L)' 
_entity_poly.nstd_linkage                   no 
_entity_poly.nstd_monomer                   no 
_entity_poly.pdbx_seq_one_letter_code       
;ADLKQLMDNEVLMAFTSYATIILAKMMFLSSATAFQRLTNKVFANPEDCAGFGKGENAKKFLRTDEKVERVRRAHLNDLE
NIVPFLGIGLLYSLSGPDLSTALIHFRIFVGARIYHTIAYLTPLPQPNRGLAFFVGYGVTLSMAYRLLRSRLYL
;
_entity_poly.pdbx_seq_one_letter_code_can   
;ADLKQLMDNEVLMAFTSYATIILAKMMFLSSATAFQRLTNKVFANPEDCAGFGKGENAKKFLRTDEKVERVRRAHLNDLE
NIVPFLGIGLLYSLSGPDLSTALIHFRIFVGARIYHTIAYLTPLPQPNRGLAFFVGYGVTLSMAYRLLRSRLYL
;
_entity_poly.pdbx_strand_id                 A 
_entity_poly.pdbx_target_identifier         ? 
# 
_pdbx_entity_nonpoly.entity_id   2 
_pdbx_entity_nonpoly.name        GLUTATHIONE 
_pdbx_entity_nonpoly.comp_id     GSH 
# 
loop_
_entity_poly_seq.entity_id 
_entity_poly_seq.num 
_entity_poly_seq.mon_id 
_entity_poly_seq.hetero 
1 1   ALA n 
1 2   ASP n 
1 3   LEU n 
1 4   LYS n 
1 5   GLN n 
1 6   LEU n 
1 7   MET n 
1 8   ASP n 
1 9   ASN n 
1 10  GLU n 
1 11  VAL n 
1 12  LEU n 
1 13  MET n 
1 14  ALA n 
1 15  PHE n 
1 16  THR n 
1 17  SER n 
1 18  TYR n 
1 19  ALA n 
1 20  THR n 
1 21  ILE n 
1 22  ILE n 
1 23  LEU n 
1 24  ALA n 
1 25  LYS n 
1 26  MET n 
1 27  MET n 
1 28  PHE n 
1 29  LEU n 
1 30  SER n 
1 31  SER n 
1 32  ALA n 
1 33  THR n 
1 34  ALA n 
1 35  PHE n 
1 36  GLN n 
1 37  ARG n 
1 38  LEU n 
1 39  THR n 
1 40  ASN n 
1 41  LYS n 
1 42  VAL n 
1 43  PHE n 
1 44  ALA n 
1 45  ASN n 
1 46  PRO n 
1 47  GLU n 
1 48  ASP n 
1 49  CYS n 
1 50  ALA n 
1 51  GLY n 
1 52  PHE n 
1 53  GLY n 
1 54  LYS n 
1 55  GLY n 
1 56  GLU n 
1 57  ASN n 
1 58  ALA n 
1 59  LYS n 
1 60  LYS n 
1 61  PHE n 
1 62  LEU n 
1 63  ARG n 
1 64  THR n 
1 65  ASP n 
1 66  GLU n 
1 67  LYS n 
1 68  VAL n 
1 69  GLU n 
1 70  ARG n 
1 71  VAL n 
1 72  ARG n 
1 73  ARG n 
1 74  ALA n 
1 75  HIS n 
1 76  LEU n 
1 77  ASN n 
1 78  ASP n 
1 79  LEU n 
1 80  GLU n 
1 81  ASN n 
1 82  ILE n 
1 83  VAL n 
1 84  PRO n 
1 85  PHE n 
1 86  LEU n 
1 87  GLY n 
1 88  ILE n 
1 89  GLY n 
1 90  LEU n 
1 91  LEU n 
1 92  TYR n 
1 93  SER n 
1 94  LEU n 
1 95  SER n 
1 96  GLY n 
1 97  PRO n 
1 98  ASP n 
1 99  LEU n 
1 100 SER n 
1 101 THR n 
1 102 ALA n 
1 103 LEU n 
1 104 ILE n 
1 105 HIS n 
1 106 PHE n 
1 107 ARG n 
1 108 ILE n 
1 109 PHE n 
1 110 VAL n 
1 111 GLY n 
1 112 ALA n 
1 113 ARG n 
1 114 ILE n 
1 115 TYR n 
1 116 HIS n 
1 117 THR n 
1 118 ILE n 
1 119 ALA n 
1 120 TYR n 
1 121 LEU n 
1 122 THR n 
1 123 PRO n 
1 124 LEU n 
1 125 PRO n 
1 126 GLN n 
1 127 PRO n 
1 128 ASN n 
1 129 ARG n 
1 130 GLY n 
1 131 LEU n 
1 132 ALA n 
1 133 PHE n 
1 134 PHE n 
1 135 VAL n 
1 136 GLY n 
1 137 TYR n 
1 138 GLY n 
1 139 VAL n 
1 140 THR n 
1 141 LEU n 
1 142 SER n 
1 143 MET n 
1 144 ALA n 
1 145 TYR n 
1 146 ARG n 
1 147 LEU n 
1 148 LEU n 
1 149 ARG n 
1 150 SER n 
1 151 ARG n 
1 152 LEU n 
1 153 TYR n 
1 154 LEU n 
# 
_entity_src_nat.entity_id                  1 
_entity_src_nat.pdbx_src_id                1 
_entity_src_nat.pdbx_alt_source_flag       sample 
_entity_src_nat.pdbx_beg_seq_num           ? 
_entity_src_nat.pdbx_end_seq_num           ? 
_entity_src_nat.common_name                'Norway rat' 
_entity_src_nat.pdbx_organism_scientific   'Rattus norvegicus' 
_entity_src_nat.pdbx_ncbi_taxonomy_id      10116 
_entity_src_nat.genus                      Rattus 
_entity_src_nat.species                    ? 
_entity_src_nat.strain                     ? 
_entity_src_nat.tissue                     ? 
_entity_src_nat.tissue_fraction            ? 
_entity_src_nat.pdbx_secretion             ? 
_entity_src_nat.pdbx_fragment              ? 
_entity_src_nat.pdbx_variant               ? 
_entity_src_nat.pdbx_cell_line             ? 
_entity_src_nat.pdbx_atcc                  ? 
_entity_src_nat.pdbx_cellular_location     ? 
_entity_src_nat.pdbx_organ                 ? 
_entity_src_nat.pdbx_organelle             ? 
_entity_src_nat.pdbx_cell                  ? 
_entity_src_nat.pdbx_plasmid_name          ? 
_entity_src_nat.pdbx_plasmid_details       ? 
_entity_src_nat.details                    ? 
# 
loop_
_chem_comp.id 
_chem_comp.type 
_chem_comp.mon_nstd_flag 
_chem_comp.name 
_chem_comp.pdbx_synonyms 
_chem_comp.formula 
_chem_comp.formula_weight 
ALA 'L-peptide linking' y ALANINE         ? 'C3 H7 N O2'      89.093  
ARG 'L-peptide linking' y ARGININE        ? 'C6 H15 N4 O2 1'  175.209 
ASN 'L-peptide linking' y ASPARAGINE      ? 'C4 H8 N2 O3'     132.118 
ASP 'L-peptide linking' y 'ASPARTIC ACID' ? 'C4 H7 N O4'      133.103 
CYS 'L-peptide linking' y CYSTEINE        ? 'C3 H7 N O2 S'    121.158 
GLN 'L-peptide linking' y GLUTAMINE       ? 'C5 H10 N2 O3'    146.144 
GLU 'L-peptide linking' y 'GLUTAMIC ACID' ? 'C5 H9 N O4'      147.129 
GLY 'peptide linking'   y GLYCINE         ? 'C2 H5 N O2'      75.067  
GSH non-polymer         . GLUTATHIONE     ? 'C10 H17 N3 O6 S' 307.323 
HIS 'L-peptide linking' y HISTIDINE       ? 'C6 H10 N3 O2 1'  156.162 
ILE 'L-peptide linking' y ISOLEUCINE      ? 'C6 H13 N O2'     131.173 
LEU 'L-peptide linking' y LEUCINE         ? 'C6 H13 N O2'     131.173 
LYS 'L-peptide linking' y LYSINE          ? 'C6 H15 N2 O2 1'  147.195 
MET 'L-peptide linking' y METHIONINE      ? 'C5 H11 N O2 S'   149.211 
PHE 'L-peptide linking' y PHENYLALANINE   ? 'C9 H11 N O2'     165.189 
PRO 'L-peptide linking' y PROLINE         ? 'C5 H9 N O2'      115.130 
SER 'L-peptide linking' y SERINE          ? 'C3 H7 N O3'      105.093 
THR 'L-peptide linking' y THREONINE       ? 'C4 H9 N O3'      119.119 
TYR 'L-peptide linking' y TYROSINE        ? 'C9 H11 N O3'     181.189 
VAL 'L-peptide linking' y VALINE          ? 'C5 H11 N O2'     117.146 
# 
loop_
_pdbx_poly_seq_scheme.asym_id 
_pdbx_poly_seq_scheme.entity_id 
_pdbx_poly_seq_scheme.seq_id 
_pdbx_poly_seq_scheme.mon_id 
_pdbx_poly_seq_scheme.ndb_seq_num 
_pdbx_poly_seq_scheme.pdb_seq_num 
_pdbx_poly_seq_scheme.auth_seq_num 
_pdbx_poly_seq_scheme.pdb_mon_id 
_pdbx_poly_seq_scheme.auth_mon_id 
_pdbx_poly_seq_scheme.pdb_strand_id 
_pdbx_poly_seq_scheme.pdb_ins_code 
_pdbx_poly_seq_scheme.hetero 
A 1 1   ALA 1   1   ?   ?   ?   A . n 
A 1 2   ASP 2   2   ?   ?   ?   A . n 
A 1 3   LEU 3   3   ?   ?   ?   A . n 
A 1 4   LYS 4   4   ?   ?   ?   A . n 
A 1 5   GLN 5   5   ?   ?   ?   A . n 
A 1 6   LEU 6   6   ?   ?   ?   A . n 
A 1 7   MET 7   7   ?   ?   ?   A . n 
A 1 8   ASP 8   8   ?   ?   ?   A . n 
A 1 9   ASN 9   9   9   ASN ASN A . n 
A 1 10  GLU 10  10  10  GLU GLU A . n 
A 1 11  VAL 11  11  11  VAL VAL A . n 
A 1 12  LEU 12  12  12  LEU LEU A . n 
A 1 13  MET 13  13  13  MET MET A . n 
A 1 14  ALA 14  14  14  ALA ALA A . n 
A 1 15  PHE 15  15  15  PHE PHE A . n 
A 1 16  THR 16  16  16  THR THR A . n 
A 1 17  SER 17  17  17  SER SER A . n 
A 1 18  TYR 18  18  18  TYR TYR A . n 
A 1 19  ALA 19  19  19  ALA ALA A . n 
A 1 20  THR 20  20  20  THR THR A . n 
A 1 21  ILE 21  21  21  ILE ILE A . n 
A 1 22  ILE 22  22  22  ILE ILE A . n 
A 1 23  LEU 23  23  23  LEU LEU A . n 
A 1 24  ALA 24  24  24  ALA ALA A . n 
A 1 25  LYS 25  25  25  LYS LYS A . n 
A 1 26  MET 26  26  26  MET MET A . n 
A 1 27  MET 27  27  27  MET MET A . n 
A 1 28  PHE 28  28  28  PHE PHE A . n 
A 1 29  LEU 29  29  29  LEU LEU A . n 
A 1 30  SER 30  30  30  SER SER A . n 
A 1 31  SER 31  31  31  SER SER A . n 
A 1 32  ALA 32  32  32  ALA ALA A . n 
A 1 33  THR 33  33  33  THR THR A . n 
A 1 34  ALA 34  34  34  ALA ALA A . n 
A 1 35  PHE 35  35  35  PHE PHE A . n 
A 1 36  GLN 36  36  36  GLN GLN A . n 
A 1 37  ARG 37  37  37  ARG ARG A . n 
A 1 38  LEU 38  38  38  LEU LEU A . n 
A 1 39  THR 39  39  39  THR THR A . n 
A 1 40  ASN 40  40  40  ASN ASN A . n 
A 1 41  LYS 41  41  41  LYS LYS A . n 
A 1 42  VAL 42  42  42  VAL VAL A . n 
A 1 43  PHE 43  43  43  PHE PHE A . n 
A 1 44  ALA 44  44  ?   ?   ?   A . n 
A 1 45  ASN 45  45  ?   ?   ?   A . n 
A 1 46  PRO 46  46  ?   ?   ?   A . n 
A 1 47  GLU 47  47  ?   ?   ?   A . n 
A 1 48  ASP 48  48  ?   ?   ?   A . n 
A 1 49  CYS 49  49  ?   ?   ?   A . n 
A 1 50  ALA 50  50  ?   ?   ?   A . n 
A 1 51  GLY 51  51  ?   ?   ?   A . n 
A 1 52  PHE 52  52  ?   ?   ?   A . n 
A 1 53  GLY 53  53  ?   ?   ?   A . n 
A 1 54  LYS 54  54  ?   ?   ?   A . n 
A 1 55  GLY 55  55  ?   ?   ?   A . n 
A 1 56  GLU 56  56  ?   ?   ?   A . n 
A 1 57  ASN 57  57  ?   ?   ?   A . n 
A 1 58  ALA 58  58  ?   ?   ?   A . n 
A 1 59  LYS 59  59  ?   ?   ?   A . n 
A 1 60  LYS 60  60  ?   ?   ?   A . n 
A 1 61  PHE 61  61  ?   ?   ?   A . n 
A 1 62  LEU 62  62  62  LEU LEU A . n 
A 1 63  ARG 63  63  63  ARG ARG A . n 
A 1 64  THR 64  64  64  THR THR A . n 
A 1 65  ASP 65  65  65  ASP ASP A . n 
A 1 66  GLU 66  66  66  GLU GLU A . n 
A 1 67  LYS 67  67  67  LYS LYS A . n 
A 1 68  VAL 68  68  68  VAL VAL A . n 
A 1 69  GLU 69  69  69  GLU GLU A . n 
A 1 70  ARG 70  70  70  ARG ARG A . n 
A 1 71  VAL 71  71  71  VAL VAL A . n 
A 1 72  ARG 72  72  72  ARG ARG A . n 
A 1 73  ARG 73  73  73  ARG ARG A . n 
A 1 74  ALA 74  74  74  ALA ALA A . n 
A 1 75  HIS 75  75  75  HIS HIS A . n 
A 1 76  LEU 76  76  76  LEU LEU A . n 
A 1 77  ASN 77  77  77  ASN ASN A . n 
A 1 78  ASP 78  78  78  ASP ASP A . n 
A 1 79  LEU 79  79  79  LEU LEU A . n 
A 1 80  GLU 80  80  80  GLU GLU A . n 
A 1 81  ASN 81  81  81  ASN ASN A . n 
A 1 82  ILE 82  82  82  ILE ILE A . n 
A 1 83  VAL 83  83  83  VAL VAL A . n 
A 1 84  PRO 84  84  84  PRO PRO A . n 
A 1 85  PHE 85  85  85  PHE PHE A . n 
A 1 86  LEU 86  86  86  LEU LEU A . n 
A 1 87  GLY 87  87  87  GLY GLY A . n 
A 1 88  ILE 88  88  88  ILE ILE A . n 
A 1 89  GLY 89  89  89  GLY GLY A . n 
A 1 90  LEU 90  90  90  LEU LEU A . n 
A 1 91  LEU 91  91  91  LEU LEU A . n 
A 1 92  TYR 92  92  92  TYR TYR A . n 
A 1 93  SER 93  93  93  SER SER A . n 
A 1 94  LEU 94  94  94  LEU LEU A . n 
A 1 95  SER 95  95  95  SER SER A . n 
A 1 96  GLY 96  96  96  GLY GLY A . n 
A 1 97  PRO 97  97  97  PRO PRO A . n 
A 1 98  ASP 98  98  98  ASP ASP A . n 
A 1 99  LEU 99  99  99  LEU LEU A . n 
A 1 100 SER 100 100 100 SER SER A . n 
A 1 101 THR 101 101 101 THR THR A . n 
A 1 102 ALA 102 102 102 ALA ALA A . n 
A 1 103 LEU 103 103 103 LEU LEU A . n 
A 1 104 ILE 104 104 104 ILE ILE A . n 
A 1 105 HIS 105 105 105 HIS HIS A . n 
A 1 106 PHE 106 106 106 PHE PHE A . n 
A 1 107 ARG 107 107 107 ARG ARG A . n 
A 1 108 ILE 108 108 108 ILE ILE A . n 
A 1 109 PHE 109 109 109 PHE PHE A . n 
A 1 110 VAL 110 110 110 VAL VAL A . n 
A 1 111 GLY 111 111 111 GLY GLY A . n 
A 1 112 ALA 112 112 112 ALA ALA A . n 
A 1 113 ARG 113 113 113 ARG ARG A . n 
A 1 114 ILE 114 114 114 ILE ILE A . n 
A 1 115 TYR 115 115 115 TYR TYR A . n 
A 1 116 HIS 116 116 116 HIS HIS A . n 
A 1 117 THR 117 117 117 THR THR A . n 
A 1 118 ILE 118 118 118 ILE ILE A . n 
A 1 119 ALA 119 119 119 ALA ALA A . n 
A 1 120 TYR 120 120 120 TYR TYR A . n 
A 1 121 LEU 121 121 121 LEU LEU A . n 
A 1 122 THR 122 122 122 THR THR A . n 
A 1 123 PRO 123 123 123 PRO PRO A . n 
A 1 124 LEU 124 124 124 LEU LEU A . n 
A 1 125 PRO 125 125 125 PRO PRO A . n 
A 1 126 GLN 126 126 126 GLN GLN A . n 
A 1 127 PRO 127 127 127 PRO PRO A . n 
A 1 128 ASN 128 128 128 ASN ASN A . n 
A 1 129 ARG 129 129 129 ARG ARG A . n 
A 1 130 GLY 130 130 130 GLY GLY A . n 
A 1 131 LEU 131 131 131 LEU LEU A . n 
A 1 132 ALA 132 132 132 ALA ALA A . n 
A 1 133 PHE 133 133 133 PHE PHE A . n 
A 1 134 PHE 134 134 134 PHE PHE A . n 
A 1 135 VAL 135 135 135 VAL VAL A . n 
A 1 136 GLY 136 136 136 GLY GLY A . n 
A 1 137 TYR 137 137 137 TYR TYR A . n 
A 1 138 GLY 138 138 138 GLY GLY A . n 
A 1 139 VAL 139 139 139 VAL VAL A . n 
A 1 140 THR 140 140 140 THR THR A . n 
A 1 141 LEU 141 141 141 LEU LEU A . n 
A 1 142 SER 142 142 142 SER SER A . n 
A 1 143 MET 143 143 143 MET MET A . n 
A 1 144 ALA 144 144 144 ALA ALA A . n 
A 1 145 TYR 145 145 145 TYR TYR A . n 
A 1 146 ARG 146 146 146 ARG ARG A . n 
A 1 147 LEU 147 147 147 LEU LEU A . n 
A 1 148 LEU 148 148 ?   ?   ?   A . n 
A 1 149 ARG 149 149 ?   ?   ?   A . n 
A 1 150 SER 150 150 ?   ?   ?   A . n 
A 1 151 ARG 151 151 ?   ?   ?   A . n 
A 1 152 LEU 152 152 ?   ?   ?   A . n 
A 1 153 TYR 153 153 ?   ?   ?   A . n 
A 1 154 LEU 154 154 ?   ?   ?   A . n 
# 
_pdbx_nonpoly_scheme.asym_id         B 
_pdbx_nonpoly_scheme.entity_id       2 
_pdbx_nonpoly_scheme.mon_id          GSH 
_pdbx_nonpoly_scheme.ndb_seq_num     1 
_pdbx_nonpoly_scheme.pdb_seq_num     218 
_pdbx_nonpoly_scheme.auth_seq_num    218 
_pdbx_nonpoly_scheme.pdb_mon_id      GSH 
_pdbx_nonpoly_scheme.auth_mon_id     GSH 
_pdbx_nonpoly_scheme.pdb_strand_id   A 
_pdbx_nonpoly_scheme.pdb_ins_code    . 
# 
_software.name             REFMAC 
_software.classification   refinement 
_software.version          5.2.0005 
_software.citation_id      ? 
_software.pdbx_ordinal     1 
# 
_cell.entry_id           2H8A 
_cell.length_a           81.800 
_cell.length_b           81.800 
_cell.length_c           100.000 
_cell.angle_alpha        90.00 
_cell.angle_beta         90.00 
_cell.angle_gamma        120.00 
_cell.Z_PDB              6 
_cell.pdbx_unique_axis   ? 
_cell.length_a_esd       ? 
_cell.length_b_esd       ? 
_cell.length_c_esd       ? 
_cell.angle_alpha_esd    ? 
_cell.angle_beta_esd     ? 
_cell.angle_gamma_esd    ? 
# 
_symmetry.entry_id                         2H8A 
_symmetry.space_group_name_H-M             'P 6' 
_symmetry.pdbx_full_space_group_name_H-M   ? 
_symmetry.cell_setting                     ? 
_symmetry.Int_Tables_number                168 
_symmetry.space_group_name_Hall            ? 
# 
_exptl.entry_id          2H8A 
_exptl.method            'ELECTRON CRYSTALLOGRAPHY' 
_exptl.crystals_number   ? 
# 
_exptl_crystal.id                    1 
_exptl_crystal.density_meas          ? 
_exptl_crystal.density_percent_sol   ? 
_exptl_crystal.density_Matthews      ? 
_exptl_crystal.description           ? 
_exptl_crystal.F_000                 ? 
_exptl_crystal.preparation           ? 
# 
_diffrn.id                     1 
_diffrn.ambient_temp           ? 
_diffrn.ambient_temp_details   ? 
_diffrn.crystal_id             1 
# 
_diffrn_radiation.diffrn_id                        1 
_diffrn_radiation.wavelength_id                    1 
_diffrn_radiation.pdbx_monochromatic_or_laue_m_l   M 
_diffrn_radiation.monochromator                    ? 
_diffrn_radiation.pdbx_diffrn_protocol             'SINGLE WAVELENGTH' 
_diffrn_radiation.pdbx_scattering_type             electron 
# 
_diffrn_radiation_wavelength.id           1 
_diffrn_radiation_wavelength.wavelength   . 
_diffrn_radiation_wavelength.wt           1.0 
# 
_refine.entry_id                                 2H8A 
_refine.ls_number_reflns_obs                     4409 
_refine.ls_number_reflns_all                     ? 
_refine.pdbx_ls_sigma_I                          ? 
_refine.pdbx_ls_sigma_F                          ? 
_refine.pdbx_data_cutoff_high_absF               ? 
_refine.pdbx_data_cutoff_low_absF                ? 
_refine.pdbx_data_cutoff_high_rms_absF           ? 
_refine.ls_d_res_low                             10.00 
_refine.ls_d_res_high                            3.20 
_refine.ls_percent_reflns_obs                    79.25 
_refine.ls_R_factor_obs                          0.34237 
_refine.ls_R_factor_all                          ? 
_refine.ls_R_factor_R_work                       0.33894 
_refine.ls_R_factor_R_free                       0.37628 
_refine.ls_R_factor_R_free_error                 ? 
_refine.ls_R_factor_R_free_error_details         ? 
_refine.ls_percent_reflns_R_free                 9.4 
_refine.ls_number_reflns_R_free                  457 
_refine.ls_number_parameters                     ? 
_refine.ls_number_restraints                     ? 
_refine.occupancy_min                            ? 
_refine.occupancy_max                            ? 
_refine.correlation_coeff_Fo_to_Fc               0.619 
_refine.correlation_coeff_Fo_to_Fc_free          0.356 
_refine.B_iso_mean                               26.662 
_refine.aniso_B[1][1]                            -2.58 
_refine.aniso_B[2][2]                            -2.58 
_refine.aniso_B[3][3]                            3.88 
_refine.aniso_B[1][2]                            -1.29 
_refine.aniso_B[1][3]                            0.00 
_refine.aniso_B[2][3]                            0.00 
_refine.solvent_model_details                    MASK 
_refine.solvent_model_param_ksol                 ? 
_refine.solvent_model_param_bsol                 ? 
_refine.pdbx_solvent_vdw_probe_radii             1.20 
_refine.pdbx_solvent_ion_probe_radii             0.80 
_refine.pdbx_solvent_shrinkage_radii             0.80 
_refine.pdbx_ls_cross_valid_method               THROUGHOUT 
_refine.details                                  'HYDROGENS HAVE BEEN ADDED IN THE RIDING POSITIONS' 
_refine.pdbx_starting_model                      ? 
_refine.pdbx_method_to_determine_struct          ? 
_refine.pdbx_isotropic_thermal_model             ? 
_refine.pdbx_stereochemistry_target_values       'MAXIMUM LIKELIHOOD' 
_refine.pdbx_stereochem_target_val_spec_case     ? 
_refine.pdbx_R_Free_selection_details            RANDOM 
_refine.pdbx_overall_ESU_R                       1.747 
_refine.pdbx_overall_ESU_R_Free                  0.635 
_refine.overall_SU_ML                            0.540 
_refine.overall_SU_B                             29.134 
_refine.ls_redundancy_reflns_obs                 ? 
_refine.B_iso_min                                ? 
_refine.B_iso_max                                ? 
_refine.overall_SU_R_Cruickshank_DPI             ? 
_refine.overall_SU_R_free                        ? 
_refine.pdbx_overall_phase_error                 ? 
_refine.ls_wR_factor_R_free                      ? 
_refine.ls_wR_factor_R_work                      ? 
_refine.overall_FOM_free_R_set                   ? 
_refine.overall_FOM_work_R_set                   ? 
_refine.pdbx_refine_id                           'ELECTRON CRYSTALLOGRAPHY' 
_refine.pdbx_diffrn_id                           1 
_refine.pdbx_TLS_residual_ADP_flag               ? 
_refine.pdbx_overall_SU_R_free_Cruickshank_DPI   ? 
_refine.pdbx_overall_SU_R_Blow_DPI               ? 
_refine.pdbx_overall_SU_R_free_Blow_DPI          ? 
# 
_refine_hist.pdbx_refine_id                   'ELECTRON CRYSTALLOGRAPHY' 
_refine_hist.cycle_id                         LAST 
_refine_hist.pdbx_number_atoms_protein        964 
_refine_hist.pdbx_number_atoms_nucleic_acid   0 
_refine_hist.pdbx_number_atoms_ligand         20 
_refine_hist.number_atoms_solvent             0 
_refine_hist.number_atoms_total               984 
_refine_hist.d_res_high                       3.20 
_refine_hist.d_res_low                        10.00 
# 
loop_
_refine_ls_restr.type 
_refine_ls_restr.dev_ideal 
_refine_ls_restr.dev_ideal_target 
_refine_ls_restr.weight 
_refine_ls_restr.number 
_refine_ls_restr.pdbx_refine_id 
_refine_ls_restr.pdbx_restraint_function 
r_bond_refined_d             0.013  0.022  ? 1004 'ELECTRON CRYSTALLOGRAPHY' ? 
r_bond_other_d               ?      ?      ? ?    'ELECTRON CRYSTALLOGRAPHY' ? 
r_angle_refined_deg          1.863  1.990  ? 1358 'ELECTRON CRYSTALLOGRAPHY' ? 
r_angle_other_deg            ?      ?      ? ?    'ELECTRON CRYSTALLOGRAPHY' ? 
r_dihedral_angle_1_deg       9.855  5.000  ? 119  'ELECTRON CRYSTALLOGRAPHY' ? 
r_dihedral_angle_2_deg       36.936 21.220 ? 41   'ELECTRON CRYSTALLOGRAPHY' ? 
r_dihedral_angle_3_deg       26.230 15.000 ? 165  'ELECTRON CRYSTALLOGRAPHY' ? 
r_dihedral_angle_4_deg       16.716 15.000 ? 9    'ELECTRON CRYSTALLOGRAPHY' ? 
r_chiral_restr               0.120  0.200  ? 159  'ELECTRON CRYSTALLOGRAPHY' ? 
r_gen_planes_refined         0.006  0.020  ? 742  'ELECTRON CRYSTALLOGRAPHY' ? 
r_gen_planes_other           ?      ?      ? ?    'ELECTRON CRYSTALLOGRAPHY' ? 
r_nbd_refined                0.363  0.200  ? 806  'ELECTRON CRYSTALLOGRAPHY' ? 
r_nbd_other                  ?      ?      ? ?    'ELECTRON CRYSTALLOGRAPHY' ? 
r_nbtor_refined              0.336  0.200  ? 672  'ELECTRON CRYSTALLOGRAPHY' ? 
r_nbtor_other                ?      ?      ? ?    'ELECTRON CRYSTALLOGRAPHY' ? 
r_xyhbond_nbd_refined        0.267  0.200  ? 91   'ELECTRON CRYSTALLOGRAPHY' ? 
r_xyhbond_nbd_other          ?      ?      ? ?    'ELECTRON CRYSTALLOGRAPHY' ? 
r_metal_ion_refined          ?      ?      ? ?    'ELECTRON CRYSTALLOGRAPHY' ? 
r_metal_ion_other            ?      ?      ? ?    'ELECTRON CRYSTALLOGRAPHY' ? 
r_symmetry_vdw_refined       0.414  0.200  ? 69   'ELECTRON CRYSTALLOGRAPHY' ? 
r_symmetry_vdw_other         ?      ?      ? ?    'ELECTRON CRYSTALLOGRAPHY' ? 
r_symmetry_hbond_refined     0.375  0.200  ? 6    'ELECTRON CRYSTALLOGRAPHY' ? 
r_symmetry_hbond_other       ?      ?      ? ?    'ELECTRON CRYSTALLOGRAPHY' ? 
r_symmetry_metal_ion_refined ?      ?      ? ?    'ELECTRON CRYSTALLOGRAPHY' ? 
r_symmetry_metal_ion_other   ?      ?      ? ?    'ELECTRON CRYSTALLOGRAPHY' ? 
r_mcbond_it                  0.529  1.500  ? 610  'ELECTRON CRYSTALLOGRAPHY' ? 
r_mcbond_other               ?      ?      ? ?    'ELECTRON CRYSTALLOGRAPHY' ? 
r_mcangle_it                 0.981  2.000  ? 970  'ELECTRON CRYSTALLOGRAPHY' ? 
r_scbond_it                  1.131  3.000  ? 431  'ELECTRON CRYSTALLOGRAPHY' ? 
r_scangle_it                 1.666  4.500  ? 388  'ELECTRON CRYSTALLOGRAPHY' ? 
r_rigid_bond_restr           ?      ?      ? ?    'ELECTRON CRYSTALLOGRAPHY' ? 
r_sphericity_free            ?      ?      ? ?    'ELECTRON CRYSTALLOGRAPHY' ? 
r_sphericity_bonded          ?      ?      ? ?    'ELECTRON CRYSTALLOGRAPHY' ? 
# 
_refine_ls_shell.pdbx_total_number_of_bins_used   20 
_refine_ls_shell.d_res_high                       3.200 
_refine_ls_shell.d_res_low                        3.274 
_refine_ls_shell.number_reflns_R_work             262 
_refine_ls_shell.R_factor_R_work                  0.314 
_refine_ls_shell.percent_reflns_obs               64.52 
_refine_ls_shell.R_factor_R_free                  0.398 
_refine_ls_shell.R_factor_R_free_error            ? 
_refine_ls_shell.percent_reflns_R_free            ? 
_refine_ls_shell.number_reflns_R_free             29 
_refine_ls_shell.number_reflns_all                ? 
_refine_ls_shell.R_factor_all                     ? 
_refine_ls_shell.redundancy_reflns_obs            ? 
_refine_ls_shell.number_reflns_obs                ? 
_refine_ls_shell.pdbx_refine_id                   'ELECTRON CRYSTALLOGRAPHY' 
# 
_struct.entry_id                  2H8A 
_struct.title                     'Structure of Microsomal Glutathione Transferase 1 in Complex with Glutathione' 
_struct.pdbx_model_details        ? 
_struct.pdbx_CASP_flag            ? 
_struct.pdbx_model_type_details   ? 
# 
_struct_keywords.entry_id        2H8A 
_struct_keywords.pdbx_keywords   TRANSFERASE 
_struct_keywords.text            'Membrane protein, Transferase' 
# 
loop_
_struct_asym.id 
_struct_asym.pdbx_blank_PDB_chainid_flag 
_struct_asym.pdbx_modified 
_struct_asym.entity_id 
_struct_asym.details 
A N N 1 ? 
B N N 2 ? 
# 
_struct_ref.id                         1 
_struct_ref.db_name                    UNP 
_struct_ref.db_code                    MGST1_RAT 
_struct_ref.pdbx_db_accession          P08011 
_struct_ref.entity_id                  1 
_struct_ref.pdbx_seq_one_letter_code   
;ADLKQLMDNEVLMAFTSYATIILAKMMFLSSATAFQRLTNKVFANPEDCAGFGKGENAKKFLRTDEKVERVRRAHLNDLE
NIVPFLGIGLLYSLSGPDLSTALIHFRIFVGARIYHTIAYLTPLPQPNRGLAFFVGYGVTLSMAYRLLRSRLYL
;
_struct_ref.pdbx_align_begin           1 
_struct_ref.pdbx_db_isoform            ? 
# 
_struct_ref_seq.align_id                      1 
_struct_ref_seq.ref_id                        1 
_struct_ref_seq.pdbx_PDB_id_code              2H8A 
_struct_ref_seq.pdbx_strand_id                A 
_struct_ref_seq.seq_align_beg                 1 
_struct_ref_seq.pdbx_seq_align_beg_ins_code   ? 
_struct_ref_seq.seq_align_end                 154 
_struct_ref_seq.pdbx_seq_align_end_ins_code   ? 
_struct_ref_seq.pdbx_db_accession             P08011 
_struct_ref_seq.db_align_beg                  1 
_struct_ref_seq.pdbx_db_align_beg_ins_code    ? 
_struct_ref_seq.db_align_end                  154 
_struct_ref_seq.pdbx_db_align_end_ins_code    ? 
_struct_ref_seq.pdbx_auth_seq_align_beg       1 
_struct_ref_seq.pdbx_auth_seq_align_end       154 
# 
_pdbx_struct_assembly.id                   1 
_pdbx_struct_assembly.details              author_and_software_defined_assembly 
_pdbx_struct_assembly.method_details       PISA,PQS 
_pdbx_struct_assembly.oligomeric_details   trimeric 
_pdbx_struct_assembly.oligomeric_count     3 
# 
loop_
_pdbx_struct_assembly_prop.biol_id 
_pdbx_struct_assembly_prop.type 
_pdbx_struct_assembly_prop.value 
_pdbx_struct_assembly_prop.details 
1 'ABSA (A^2)' 7340  ? 
1 MORE         -51   ? 
1 'SSA (A^2)'  18560 ? 
# 
_pdbx_struct_assembly_gen.assembly_id       1 
_pdbx_struct_assembly_gen.oper_expression   1,2,3 
_pdbx_struct_assembly_gen.asym_id_list      A,B 
# 
loop_
_pdbx_struct_oper_list.id 
_pdbx_struct_oper_list.type 
_pdbx_struct_oper_list.name 
_pdbx_struct_oper_list.symmetry_operation 
_pdbx_struct_oper_list.matrix[1][1] 
_pdbx_struct_oper_list.matrix[1][2] 
_pdbx_struct_oper_list.matrix[1][3] 
_pdbx_struct_oper_list.vector[1] 
_pdbx_struct_oper_list.matrix[2][1] 
_pdbx_struct_oper_list.matrix[2][2] 
_pdbx_struct_oper_list.matrix[2][3] 
_pdbx_struct_oper_list.vector[2] 
_pdbx_struct_oper_list.matrix[3][1] 
_pdbx_struct_oper_list.matrix[3][2] 
_pdbx_struct_oper_list.matrix[3][3] 
_pdbx_struct_oper_list.vector[3] 
1 'identity operation'         1_555 x,y,z       1.0000000000  0.0000000000  0.0000000000 0.0000000000  0.0000000000  1.0000000000  0.0000000000 0.0000000000   0.0000000000 0.0000000000 1.0000000000 0.0000000000  
2 'crystal symmetry operation' 2_565 -y,x-y+1,z  -0.1990951399 -0.4403174476 0.8754893892 9.2352642995  0.9574647586  -0.2778024081 0.0780196009 -16.2976565584 0.2088596690 0.8537835600 0.4768975480 2.6471341658  
3 'crystal symmetry operation' 3_455 -x+y-1,-x,z -0.1990951399 0.9574647586  0.2088596690 16.8902484744 -0.4403174476 -0.2778024081 0.8537835600 -2.7211598646  0.8754893892 0.0780196009 0.4768975480 -8.0762510335 
# 
_struct_biol.id        1 
_struct_biol.details   ? 
# 
loop_
_struct_conf.conf_type_id 
_struct_conf.id 
_struct_conf.pdbx_PDB_helix_id 
_struct_conf.beg_label_comp_id 
_struct_conf.beg_label_asym_id 
_struct_conf.beg_label_seq_id 
_struct_conf.pdbx_beg_PDB_ins_code 
_struct_conf.end_label_comp_id 
_struct_conf.end_label_asym_id 
_struct_conf.end_label_seq_id 
_struct_conf.pdbx_end_PDB_ins_code 
_struct_conf.beg_auth_comp_id 
_struct_conf.beg_auth_asym_id 
_struct_conf.beg_auth_seq_id 
_struct_conf.end_auth_comp_id 
_struct_conf.end_auth_asym_id 
_struct_conf.end_auth_seq_id 
_struct_conf.pdbx_PDB_helix_class 
_struct_conf.details 
_struct_conf.pdbx_PDB_helix_length 
HELX_P HELX_P1 1 ASN A 9   ? ALA A 24  ? ASN A 9   ALA A 24  1 ? 16 
HELX_P HELX_P2 2 LYS A 25  ? SER A 30  ? LYS A 25  SER A 30  1 ? 6  
HELX_P HELX_P3 3 SER A 31  ? THR A 33  ? SER A 31  THR A 33  5 ? 3  
HELX_P HELX_P4 4 LEU A 62  ? ASN A 81  ? LEU A 62  ASN A 81  1 ? 20 
HELX_P HELX_P5 5 ILE A 82  ? TYR A 92  ? ILE A 82  TYR A 92  1 ? 11 
HELX_P HELX_P6 6 THR A 101 ? THR A 122 ? THR A 101 THR A 122 1 ? 22 
HELX_P HELX_P7 7 PRO A 125 ? TYR A 137 ? PRO A 125 TYR A 137 1 ? 13 
HELX_P HELX_P8 8 TYR A 137 ? ARG A 146 ? TYR A 137 ARG A 146 1 ? 10 
# 
_struct_conf_type.id          HELX_P 
_struct_conf_type.criteria    ? 
_struct_conf_type.reference   ? 
# 
_struct_site.id                   AC1 
_struct_site.pdbx_evidence_code   Software 
_struct_site.pdbx_auth_asym_id    A 
_struct_site.pdbx_auth_comp_id    GSH 
_struct_site.pdbx_auth_seq_id     218 
_struct_site.pdbx_auth_ins_code   ? 
_struct_site.pdbx_num_residues    3 
_struct_site.details              'BINDING SITE FOR RESIDUE GSH A 218' 
# 
loop_
_struct_site_gen.id 
_struct_site_gen.site_id 
_struct_site_gen.pdbx_num_res 
_struct_site_gen.label_comp_id 
_struct_site_gen.label_asym_id 
_struct_site_gen.label_seq_id 
_struct_site_gen.pdbx_auth_ins_code 
_struct_site_gen.auth_comp_id 
_struct_site_gen.auth_asym_id 
_struct_site_gen.auth_seq_id 
_struct_site_gen.label_atom_id 
_struct_site_gen.label_alt_id 
_struct_site_gen.symmetry 
_struct_site_gen.details 
1 AC1 3 ARG A 73  ? ARG A 73  . ? 1_555 ? 
2 AC1 3 GLU A 80  ? GLU A 80  . ? 1_555 ? 
3 AC1 3 LEU A 124 ? LEU A 124 . ? 1_555 ? 
# 
loop_
_pdbx_validate_close_contact.id 
_pdbx_validate_close_contact.PDB_model_num 
_pdbx_validate_close_contact.auth_atom_id_1 
_pdbx_validate_close_contact.auth_asym_id_1 
_pdbx_validate_close_contact.auth_comp_id_1 
_pdbx_validate_close_contact.auth_seq_id_1 
_pdbx_validate_close_contact.PDB_ins_code_1 
_pdbx_validate_close_contact.label_alt_id_1 
_pdbx_validate_close_contact.auth_atom_id_2 
_pdbx_validate_close_contact.auth_asym_id_2 
_pdbx_validate_close_contact.auth_comp_id_2 
_pdbx_validate_close_contact.auth_seq_id_2 
_pdbx_validate_close_contact.PDB_ins_code_2 
_pdbx_validate_close_contact.label_alt_id_2 
_pdbx_validate_close_contact.dist 
1 1 NH2 A ARG 70 ? ? O A THR 122 ? ? 2.03 
2 1 O   A LEU 90 ? ? N A TYR 92  ? ? 2.18 
# 
loop_
_pdbx_validate_torsion.id 
_pdbx_validate_torsion.PDB_model_num 
_pdbx_validate_torsion.auth_comp_id 
_pdbx_validate_torsion.auth_asym_id 
_pdbx_validate_torsion.auth_seq_id 
_pdbx_validate_torsion.PDB_ins_code 
_pdbx_validate_torsion.label_alt_id 
_pdbx_validate_torsion.phi 
_pdbx_validate_torsion.psi 
1  1 VAL A 11  ? ? -49.43  -97.27  
2  1 PHE A 15  ? ? -69.29  -74.11  
3  1 SER A 17  ? ? -34.57  -83.11  
4  1 LEU A 23  ? ? -76.05  -78.90  
5  1 ALA A 24  ? ? -30.55  -73.62  
6  1 MET A 27  ? ? -54.51  -3.27   
7  1 ALA A 34  ? ? -51.19  87.10   
8  1 GLN A 36  ? ? -22.82  134.98  
9  1 LEU A 38  ? ? -66.05  93.55   
10 1 ASN A 40  ? ? -146.35 -49.27  
11 1 LYS A 41  ? ? -68.05  79.68   
12 1 ARG A 63  ? ? -69.62  -85.95  
13 1 THR A 64  ? ? -10.91  -88.43  
14 1 LEU A 79  ? ? -57.34  -89.88  
15 1 ASN A 81  ? ? -43.41  -7.67   
16 1 PRO A 84  ? ? -68.07  -70.27  
17 1 PHE A 85  ? ? -26.53  -56.27  
18 1 LEU A 91  ? ? -36.79  -17.07  
19 1 PRO A 97  ? ? -48.15  -167.86 
20 1 ASP A 98  ? ? -62.85  -106.24 
21 1 LEU A 99  ? ? 178.50  -30.20  
22 1 ILE A 104 ? ? -68.95  -74.47  
23 1 PHE A 109 ? ? -49.39  -81.85  
24 1 ALA A 112 ? ? -55.61  -80.85  
25 1 ARG A 113 ? ? -28.43  -34.71  
26 1 ILE A 114 ? ? -61.91  -85.91  
27 1 TYR A 115 ? ? -27.91  -52.09  
28 1 PRO A 123 ? ? -86.09  -142.18 
29 1 LEU A 124 ? ? -157.12 -28.49  
30 1 PRO A 125 ? ? -97.16  -100.41 
31 1 PRO A 127 ? ? -65.86  4.29    
32 1 ASN A 128 ? ? -125.96 -52.04  
33 1 VAL A 135 ? ? -93.07  -81.80  
34 1 VAL A 139 ? ? -28.99  -21.12  
35 1 SER A 142 ? ? -67.51  -74.84  
36 1 ALA A 144 ? ? -74.88  -70.42  
37 1 TYR A 145 ? ? -46.58  -70.59  
38 1 ARG A 146 ? ? -36.81  -38.83  
# 
_pdbx_validate_chiral.id              1 
_pdbx_validate_chiral.PDB_model_num   1 
_pdbx_validate_chiral.auth_atom_id    CA1 
_pdbx_validate_chiral.label_alt_id    ? 
_pdbx_validate_chiral.auth_asym_id    A 
_pdbx_validate_chiral.auth_comp_id    GSH 
_pdbx_validate_chiral.auth_seq_id     218 
_pdbx_validate_chiral.PDB_ins_code    ? 
_pdbx_validate_chiral.details         'WRONG HAND' 
_pdbx_validate_chiral.omega           . 
# 
_em_3d_reconstruction.entry_id                    2H8A 
_em_3d_reconstruction.id                          1 
_em_3d_reconstruction.symmetry_type               '2D CRYSTAL' 
_em_3d_reconstruction.image_processing_id         1 
_em_3d_reconstruction.method                      Crystallographic 
_em_3d_reconstruction.nominal_pixel_size          1.17 
_em_3d_reconstruction.actual_pixel_size           ? 
_em_3d_reconstruction.resolution                  3.2 
_em_3d_reconstruction.magnification_calibration   'Gold electron diffraction to establish exact unit cell parameters' 
_em_3d_reconstruction.details                     ? 
_em_3d_reconstruction.resolution_method           ? 
_em_3d_reconstruction.num_class_averages          ? 
_em_3d_reconstruction.num_particles               ? 
_em_3d_reconstruction.algorithm                   ? 
# 
_em_buffer.id            1 
_em_buffer.specimen_id   1 
_em_buffer.name          'potassium phosphate' 
_em_buffer.pH            8 
_em_buffer.details       'potassium phosphate' 
# 
_em_entity_assembly.id                   1 
_em_entity_assembly.name                 'Microsomal Glutathione Transferase 1 in Complex with Glutathione' 
_em_entity_assembly.type                 COMPLEX 
_em_entity_assembly.parent_id            0 
_em_entity_assembly.synonym              ? 
_em_entity_assembly.details              'Embedded in trehalose' 
_em_entity_assembly.oligomeric_details   ? 
# 
_em_imaging.entry_id                        2H8A 
_em_imaging.id                              1 
_em_imaging.microscope_model                'JEOL 3000SFF' 
_em_imaging.mode                            'BRIGHT FIELD' 
_em_imaging.illumination_mode               'FLOOD BEAM' 
_em_imaging.electron_source                 'FIELD EMISSION GUN' 
_em_imaging.specimen_id                     1 
_em_imaging.date                            ? 
_em_imaging.temperature                     4 
_em_imaging.nominal_defocus_min             300 
_em_imaging.nominal_defocus_max             2000 
_em_imaging.tilt_angle_min                  0 
_em_imaging.tilt_angle_max                  62.6 
_em_imaging.nominal_cs                      1.6 
_em_imaging.nominal_magnification           60000 
_em_imaging.calibrated_magnification        ? 
_em_imaging.accelerating_voltage            300 
_em_imaging.details                         'Electron diffraction at 1.2 m camera length' 
_em_imaging.specimen_holder_type            ? 
_em_imaging.specimen_holder_model           ? 
_em_imaging.citation_id                     ? 
_em_imaging.detector_distance               ? 
_em_imaging.recording_temperature_maximum   ? 
_em_imaging.recording_temperature_minimum   ? 
_em_imaging.astigmatism                     ? 
_em_imaging.electron_beam_tilt_params       ? 
# 
_em_sample_support.id               1 
_em_sample_support.specimen_id      1 
_em_sample_support.details          'Carbon coated Mo-grids' 
_em_sample_support.film_material    ? 
_em_sample_support.grid_material    ? 
_em_sample_support.grid_mesh_size   ? 
_em_sample_support.grid_type        ? 
_em_sample_support.method           ? 
# 
_em_experiment.entry_id                2H8A 
_em_experiment.id                      1 
_em_experiment.aggregation_state       '2D ARRAY' 
_em_experiment.entity_assembly_id      1 
_em_experiment.reconstruction_method   CRYSTALLOGRAPHY 
# 
loop_
_pdbx_unobs_or_zero_occ_residues.id 
_pdbx_unobs_or_zero_occ_residues.PDB_model_num 
_pdbx_unobs_or_zero_occ_residues.polymer_flag 
_pdbx_unobs_or_zero_occ_residues.occupancy_flag 
_pdbx_unobs_or_zero_occ_residues.auth_asym_id 
_pdbx_unobs_or_zero_occ_residues.auth_comp_id 
_pdbx_unobs_or_zero_occ_residues.auth_seq_id 
_pdbx_unobs_or_zero_occ_residues.PDB_ins_code 
_pdbx_unobs_or_zero_occ_residues.label_asym_id 
_pdbx_unobs_or_zero_occ_residues.label_comp_id 
_pdbx_unobs_or_zero_occ_residues.label_seq_id 
1  1 Y 1 A ALA 1   ? A ALA 1   
2  1 Y 1 A ASP 2   ? A ASP 2   
3  1 Y 1 A LEU 3   ? A LEU 3   
4  1 Y 1 A LYS 4   ? A LYS 4   
5  1 Y 1 A GLN 5   ? A GLN 5   
6  1 Y 1 A LEU 6   ? A LEU 6   
7  1 Y 1 A MET 7   ? A MET 7   
8  1 Y 1 A ASP 8   ? A ASP 8   
9  1 Y 1 A ALA 44  ? A ALA 44  
10 1 Y 1 A ASN 45  ? A ASN 45  
11 1 Y 1 A PRO 46  ? A PRO 46  
12 1 Y 1 A GLU 47  ? A GLU 47  
13 1 Y 1 A ASP 48  ? A ASP 48  
14 1 Y 1 A CYS 49  ? A CYS 49  
15 1 Y 1 A ALA 50  ? A ALA 50  
16 1 Y 1 A GLY 51  ? A GLY 51  
17 1 Y 1 A PHE 52  ? A PHE 52  
18 1 Y 1 A GLY 53  ? A GLY 53  
19 1 Y 1 A LYS 54  ? A LYS 54  
20 1 Y 1 A GLY 55  ? A GLY 55  
21 1 Y 1 A GLU 56  ? A GLU 56  
22 1 Y 1 A ASN 57  ? A ASN 57  
23 1 Y 1 A ALA 58  ? A ALA 58  
24 1 Y 1 A LYS 59  ? A LYS 59  
25 1 Y 1 A LYS 60  ? A LYS 60  
26 1 Y 1 A PHE 61  ? A PHE 61  
27 1 Y 1 A LEU 148 ? A LEU 148 
28 1 Y 1 A ARG 149 ? A ARG 149 
29 1 Y 1 A SER 150 ? A SER 150 
30 1 Y 1 A ARG 151 ? A ARG 151 
31 1 Y 1 A LEU 152 ? A LEU 152 
32 1 Y 1 A TYR 153 ? A TYR 153 
33 1 Y 1 A LEU 154 ? A LEU 154 
# 
loop_
_chem_comp_atom.comp_id 
_chem_comp_atom.atom_id 
_chem_comp_atom.type_symbol 
_chem_comp_atom.pdbx_aromatic_flag 
_chem_comp_atom.pdbx_stereo_config 
_chem_comp_atom.pdbx_ordinal 
ALA N    N N N 1   
ALA CA   C N S 2   
ALA C    C N N 3   
ALA O    O N N 4   
ALA CB   C N N 5   
ALA OXT  O N N 6   
ALA H    H N N 7   
ALA H2   H N N 8   
ALA HA   H N N 9   
ALA HB1  H N N 10  
ALA HB2  H N N 11  
ALA HB3  H N N 12  
ALA HXT  H N N 13  
ARG N    N N N 14  
ARG CA   C N S 15  
ARG C    C N N 16  
ARG O    O N N 17  
ARG CB   C N N 18  
ARG CG   C N N 19  
ARG CD   C N N 20  
ARG NE   N N N 21  
ARG CZ   C N N 22  
ARG NH1  N N N 23  
ARG NH2  N N N 24  
ARG OXT  O N N 25  
ARG H    H N N 26  
ARG H2   H N N 27  
ARG HA   H N N 28  
ARG HB2  H N N 29  
ARG HB3  H N N 30  
ARG HG2  H N N 31  
ARG HG3  H N N 32  
ARG HD2  H N N 33  
ARG HD3  H N N 34  
ARG HE   H N N 35  
ARG HH11 H N N 36  
ARG HH12 H N N 37  
ARG HH21 H N N 38  
ARG HH22 H N N 39  
ARG HXT  H N N 40  
ASN N    N N N 41  
ASN CA   C N S 42  
ASN C    C N N 43  
ASN O    O N N 44  
ASN CB   C N N 45  
ASN CG   C N N 46  
ASN OD1  O N N 47  
ASN ND2  N N N 48  
ASN OXT  O N N 49  
ASN H    H N N 50  
ASN H2   H N N 51  
ASN HA   H N N 52  
ASN HB2  H N N 53  
ASN HB3  H N N 54  
ASN HD21 H N N 55  
ASN HD22 H N N 56  
ASN HXT  H N N 57  
ASP N    N N N 58  
ASP CA   C N S 59  
ASP C    C N N 60  
ASP O    O N N 61  
ASP CB   C N N 62  
ASP CG   C N N 63  
ASP OD1  O N N 64  
ASP OD2  O N N 65  
ASP OXT  O N N 66  
ASP H    H N N 67  
ASP H2   H N N 68  
ASP HA   H N N 69  
ASP HB2  H N N 70  
ASP HB3  H N N 71  
ASP HD2  H N N 72  
ASP HXT  H N N 73  
CYS N    N N N 74  
CYS CA   C N R 75  
CYS C    C N N 76  
CYS O    O N N 77  
CYS CB   C N N 78  
CYS SG   S N N 79  
CYS OXT  O N N 80  
CYS H    H N N 81  
CYS H2   H N N 82  
CYS HA   H N N 83  
CYS HB2  H N N 84  
CYS HB3  H N N 85  
CYS HG   H N N 86  
CYS HXT  H N N 87  
GLN N    N N N 88  
GLN CA   C N S 89  
GLN C    C N N 90  
GLN O    O N N 91  
GLN CB   C N N 92  
GLN CG   C N N 93  
GLN CD   C N N 94  
GLN OE1  O N N 95  
GLN NE2  N N N 96  
GLN OXT  O N N 97  
GLN H    H N N 98  
GLN H2   H N N 99  
GLN HA   H N N 100 
GLN HB2  H N N 101 
GLN HB3  H N N 102 
GLN HG2  H N N 103 
GLN HG3  H N N 104 
GLN HE21 H N N 105 
GLN HE22 H N N 106 
GLN HXT  H N N 107 
GLU N    N N N 108 
GLU CA   C N S 109 
GLU C    C N N 110 
GLU O    O N N 111 
GLU CB   C N N 112 
GLU CG   C N N 113 
GLU CD   C N N 114 
GLU OE1  O N N 115 
GLU OE2  O N N 116 
GLU OXT  O N N 117 
GLU H    H N N 118 
GLU H2   H N N 119 
GLU HA   H N N 120 
GLU HB2  H N N 121 
GLU HB3  H N N 122 
GLU HG2  H N N 123 
GLU HG3  H N N 124 
GLU HE2  H N N 125 
GLU HXT  H N N 126 
GLY N    N N N 127 
GLY CA   C N N 128 
GLY C    C N N 129 
GLY O    O N N 130 
GLY OXT  O N N 131 
GLY H    H N N 132 
GLY H2   H N N 133 
GLY HA2  H N N 134 
GLY HA3  H N N 135 
GLY HXT  H N N 136 
GSH N1   N N N 137 
GSH CA1  C N S 138 
GSH C1   C N N 139 
GSH O11  O N N 140 
GSH O12  O N N 141 
GSH CB1  C N N 142 
GSH CG1  C N N 143 
GSH CD1  C N N 144 
GSH OE1  O N N 145 
GSH N2   N N N 146 
GSH CA2  C N R 147 
GSH C2   C N N 148 
GSH O2   O N N 149 
GSH CB2  C N N 150 
GSH SG2  S N N 151 
GSH N3   N N N 152 
GSH CA3  C N N 153 
GSH C3   C N N 154 
GSH O31  O N N 155 
GSH O32  O N N 156 
GSH HN11 H N N 157 
GSH HN12 H N N 158 
GSH HA1  H N N 159 
GSH H12  H N N 160 
GSH HB12 H N N 161 
GSH HB13 H N N 162 
GSH HG12 H N N 163 
GSH HG13 H N N 164 
GSH HN2  H N N 165 
GSH HA2  H N N 166 
GSH HB22 H N N 167 
GSH HB23 H N N 168 
GSH HSG  H N N 169 
GSH HN3  H N N 170 
GSH HA31 H N N 171 
GSH HA32 H N N 172 
GSH H32  H N N 173 
HIS N    N N N 174 
HIS CA   C N S 175 
HIS C    C N N 176 
HIS O    O N N 177 
HIS CB   C N N 178 
HIS CG   C Y N 179 
HIS ND1  N Y N 180 
HIS CD2  C Y N 181 
HIS CE1  C Y N 182 
HIS NE2  N Y N 183 
HIS OXT  O N N 184 
HIS H    H N N 185 
HIS H2   H N N 186 
HIS HA   H N N 187 
HIS HB2  H N N 188 
HIS HB3  H N N 189 
HIS HD1  H N N 190 
HIS HD2  H N N 191 
HIS HE1  H N N 192 
HIS HE2  H N N 193 
HIS HXT  H N N 194 
ILE N    N N N 195 
ILE CA   C N S 196 
ILE C    C N N 197 
ILE O    O N N 198 
ILE CB   C N S 199 
ILE CG1  C N N 200 
ILE CG2  C N N 201 
ILE CD1  C N N 202 
ILE OXT  O N N 203 
ILE H    H N N 204 
ILE H2   H N N 205 
ILE HA   H N N 206 
ILE HB   H N N 207 
ILE HG12 H N N 208 
ILE HG13 H N N 209 
ILE HG21 H N N 210 
ILE HG22 H N N 211 
ILE HG23 H N N 212 
ILE HD11 H N N 213 
ILE HD12 H N N 214 
ILE HD13 H N N 215 
ILE HXT  H N N 216 
LEU N    N N N 217 
LEU CA   C N S 218 
LEU C    C N N 219 
LEU O    O N N 220 
LEU CB   C N N 221 
LEU CG   C N N 222 
LEU CD1  C N N 223 
LEU CD2  C N N 224 
LEU OXT  O N N 225 
LEU H    H N N 226 
LEU H2   H N N 227 
LEU HA   H N N 228 
LEU HB2  H N N 229 
LEU HB3  H N N 230 
LEU HG   H N N 231 
LEU HD11 H N N 232 
LEU HD12 H N N 233 
LEU HD13 H N N 234 
LEU HD21 H N N 235 
LEU HD22 H N N 236 
LEU HD23 H N N 237 
LEU HXT  H N N 238 
LYS N    N N N 239 
LYS CA   C N S 240 
LYS C    C N N 241 
LYS O    O N N 242 
LYS CB   C N N 243 
LYS CG   C N N 244 
LYS CD   C N N 245 
LYS CE   C N N 246 
LYS NZ   N N N 247 
LYS OXT  O N N 248 
LYS H    H N N 249 
LYS H2   H N N 250 
LYS HA   H N N 251 
LYS HB2  H N N 252 
LYS HB3  H N N 253 
LYS HG2  H N N 254 
LYS HG3  H N N 255 
LYS HD2  H N N 256 
LYS HD3  H N N 257 
LYS HE2  H N N 258 
LYS HE3  H N N 259 
LYS HZ1  H N N 260 
LYS HZ2  H N N 261 
LYS HZ3  H N N 262 
LYS HXT  H N N 263 
MET N    N N N 264 
MET CA   C N S 265 
MET C    C N N 266 
MET O    O N N 267 
MET CB   C N N 268 
MET CG   C N N 269 
MET SD   S N N 270 
MET CE   C N N 271 
MET OXT  O N N 272 
MET H    H N N 273 
MET H2   H N N 274 
MET HA   H N N 275 
MET HB2  H N N 276 
MET HB3  H N N 277 
MET HG2  H N N 278 
MET HG3  H N N 279 
MET HE1  H N N 280 
MET HE2  H N N 281 
MET HE3  H N N 282 
MET HXT  H N N 283 
PHE N    N N N 284 
PHE CA   C N S 285 
PHE C    C N N 286 
PHE O    O N N 287 
PHE CB   C N N 288 
PHE CG   C Y N 289 
PHE CD1  C Y N 290 
PHE CD2  C Y N 291 
PHE CE1  C Y N 292 
PHE CE2  C Y N 293 
PHE CZ   C Y N 294 
PHE OXT  O N N 295 
PHE H    H N N 296 
PHE H2   H N N 297 
PHE HA   H N N 298 
PHE HB2  H N N 299 
PHE HB3  H N N 300 
PHE HD1  H N N 301 
PHE HD2  H N N 302 
PHE HE1  H N N 303 
PHE HE2  H N N 304 
PHE HZ   H N N 305 
PHE HXT  H N N 306 
PRO N    N N N 307 
PRO CA   C N S 308 
PRO C    C N N 309 
PRO O    O N N 310 
PRO CB   C N N 311 
PRO CG   C N N 312 
PRO CD   C N N 313 
PRO OXT  O N N 314 
PRO H    H N N 315 
PRO HA   H N N 316 
PRO HB2  H N N 317 
PRO HB3  H N N 318 
PRO HG2  H N N 319 
PRO HG3  H N N 320 
PRO HD2  H N N 321 
PRO HD3  H N N 322 
PRO HXT  H N N 323 
SER N    N N N 324 
SER CA   C N S 325 
SER C    C N N 326 
SER O    O N N 327 
SER CB   C N N 328 
SER OG   O N N 329 
SER OXT  O N N 330 
SER H    H N N 331 
SER H2   H N N 332 
SER HA   H N N 333 
SER HB2  H N N 334 
SER HB3  H N N 335 
SER HG   H N N 336 
SER HXT  H N N 337 
THR N    N N N 338 
THR CA   C N S 339 
THR C    C N N 340 
THR O    O N N 341 
THR CB   C N R 342 
THR OG1  O N N 343 
THR CG2  C N N 344 
THR OXT  O N N 345 
THR H    H N N 346 
THR H2   H N N 347 
THR HA   H N N 348 
THR HB   H N N 349 
THR HG1  H N N 350 
THR HG21 H N N 351 
THR HG22 H N N 352 
THR HG23 H N N 353 
THR HXT  H N N 354 
TYR N    N N N 355 
TYR CA   C N S 356 
TYR C    C N N 357 
TYR O    O N N 358 
TYR CB   C N N 359 
TYR CG   C Y N 360 
TYR CD1  C Y N 361 
TYR CD2  C Y N 362 
TYR CE1  C Y N 363 
TYR CE2  C Y N 364 
TYR CZ   C Y N 365 
TYR OH   O N N 366 
TYR OXT  O N N 367 
TYR H    H N N 368 
TYR H2   H N N 369 
TYR HA   H N N 370 
TYR HB2  H N N 371 
TYR HB3  H N N 372 
TYR HD1  H N N 373 
TYR HD2  H N N 374 
TYR HE1  H N N 375 
TYR HE2  H N N 376 
TYR HH   H N N 377 
TYR HXT  H N N 378 
VAL N    N N N 379 
VAL CA   C N S 380 
VAL C    C N N 381 
VAL O    O N N 382 
VAL CB   C N N 383 
VAL CG1  C N N 384 
VAL CG2  C N N 385 
VAL OXT  O N N 386 
VAL H    H N N 387 
VAL H2   H N N 388 
VAL HA   H N N 389 
VAL HB   H N N 390 
VAL HG11 H N N 391 
VAL HG12 H N N 392 
VAL HG13 H N N 393 
VAL HG21 H N N 394 
VAL HG22 H N N 395 
VAL HG23 H N N 396 
VAL HXT  H N N 397 
# 
loop_
_chem_comp_bond.comp_id 
_chem_comp_bond.atom_id_1 
_chem_comp_bond.atom_id_2 
_chem_comp_bond.value_order 
_chem_comp_bond.pdbx_aromatic_flag 
_chem_comp_bond.pdbx_stereo_config 
_chem_comp_bond.pdbx_ordinal 
ALA N   CA   sing N N 1   
ALA N   H    sing N N 2   
ALA N   H2   sing N N 3   
ALA CA  C    sing N N 4   
ALA CA  CB   sing N N 5   
ALA CA  HA   sing N N 6   
ALA C   O    doub N N 7   
ALA C   OXT  sing N N 8   
ALA CB  HB1  sing N N 9   
ALA CB  HB2  sing N N 10  
ALA CB  HB3  sing N N 11  
ALA OXT HXT  sing N N 12  
ARG N   CA   sing N N 13  
ARG N   H    sing N N 14  
ARG N   H2   sing N N 15  
ARG CA  C    sing N N 16  
ARG CA  CB   sing N N 17  
ARG CA  HA   sing N N 18  
ARG C   O    doub N N 19  
ARG C   OXT  sing N N 20  
ARG CB  CG   sing N N 21  
ARG CB  HB2  sing N N 22  
ARG CB  HB3  sing N N 23  
ARG CG  CD   sing N N 24  
ARG CG  HG2  sing N N 25  
ARG CG  HG3  sing N N 26  
ARG CD  NE   sing N N 27  
ARG CD  HD2  sing N N 28  
ARG CD  HD3  sing N N 29  
ARG NE  CZ   sing N N 30  
ARG NE  HE   sing N N 31  
ARG CZ  NH1  sing N N 32  
ARG CZ  NH2  doub N N 33  
ARG NH1 HH11 sing N N 34  
ARG NH1 HH12 sing N N 35  
ARG NH2 HH21 sing N N 36  
ARG NH2 HH22 sing N N 37  
ARG OXT HXT  sing N N 38  
ASN N   CA   sing N N 39  
ASN N   H    sing N N 40  
ASN N   H2   sing N N 41  
ASN CA  C    sing N N 42  
ASN CA  CB   sing N N 43  
ASN CA  HA   sing N N 44  
ASN C   O    doub N N 45  
ASN C   OXT  sing N N 46  
ASN CB  CG   sing N N 47  
ASN CB  HB2  sing N N 48  
ASN CB  HB3  sing N N 49  
ASN CG  OD1  doub N N 50  
ASN CG  ND2  sing N N 51  
ASN ND2 HD21 sing N N 52  
ASN ND2 HD22 sing N N 53  
ASN OXT HXT  sing N N 54  
ASP N   CA   sing N N 55  
ASP N   H    sing N N 56  
ASP N   H2   sing N N 57  
ASP CA  C    sing N N 58  
ASP CA  CB   sing N N 59  
ASP CA  HA   sing N N 60  
ASP C   O    doub N N 61  
ASP C   OXT  sing N N 62  
ASP CB  CG   sing N N 63  
ASP CB  HB2  sing N N 64  
ASP CB  HB3  sing N N 65  
ASP CG  OD1  doub N N 66  
ASP CG  OD2  sing N N 67  
ASP OD2 HD2  sing N N 68  
ASP OXT HXT  sing N N 69  
CYS N   CA   sing N N 70  
CYS N   H    sing N N 71  
CYS N   H2   sing N N 72  
CYS CA  C    sing N N 73  
CYS CA  CB   sing N N 74  
CYS CA  HA   sing N N 75  
CYS C   O    doub N N 76  
CYS C   OXT  sing N N 77  
CYS CB  SG   sing N N 78  
CYS CB  HB2  sing N N 79  
CYS CB  HB3  sing N N 80  
CYS SG  HG   sing N N 81  
CYS OXT HXT  sing N N 82  
GLN N   CA   sing N N 83  
GLN N   H    sing N N 84  
GLN N   H2   sing N N 85  
GLN CA  C    sing N N 86  
GLN CA  CB   sing N N 87  
GLN CA  HA   sing N N 88  
GLN C   O    doub N N 89  
GLN C   OXT  sing N N 90  
GLN CB  CG   sing N N 91  
GLN CB  HB2  sing N N 92  
GLN CB  HB3  sing N N 93  
GLN CG  CD   sing N N 94  
GLN CG  HG2  sing N N 95  
GLN CG  HG3  sing N N 96  
GLN CD  OE1  doub N N 97  
GLN CD  NE2  sing N N 98  
GLN NE2 HE21 sing N N 99  
GLN NE2 HE22 sing N N 100 
GLN OXT HXT  sing N N 101 
GLU N   CA   sing N N 102 
GLU N   H    sing N N 103 
GLU N   H2   sing N N 104 
GLU CA  C    sing N N 105 
GLU CA  CB   sing N N 106 
GLU CA  HA   sing N N 107 
GLU C   O    doub N N 108 
GLU C   OXT  sing N N 109 
GLU CB  CG   sing N N 110 
GLU CB  HB2  sing N N 111 
GLU CB  HB3  sing N N 112 
GLU CG  CD   sing N N 113 
GLU CG  HG2  sing N N 114 
GLU CG  HG3  sing N N 115 
GLU CD  OE1  doub N N 116 
GLU CD  OE2  sing N N 117 
GLU OE2 HE2  sing N N 118 
GLU OXT HXT  sing N N 119 
GLY N   CA   sing N N 120 
GLY N   H    sing N N 121 
GLY N   H2   sing N N 122 
GLY CA  C    sing N N 123 
GLY CA  HA2  sing N N 124 
GLY CA  HA3  sing N N 125 
GLY C   O    doub N N 126 
GLY C   OXT  sing N N 127 
GLY OXT HXT  sing N N 128 
GSH N1  CA1  sing N N 129 
GSH N1  HN11 sing N N 130 
GSH N1  HN12 sing N N 131 
GSH CA1 C1   sing N N 132 
GSH CA1 CB1  sing N N 133 
GSH CA1 HA1  sing N N 134 
GSH C1  O11  doub N N 135 
GSH C1  O12  sing N N 136 
GSH O12 H12  sing N N 137 
GSH CB1 CG1  sing N N 138 
GSH CB1 HB12 sing N N 139 
GSH CB1 HB13 sing N N 140 
GSH CG1 CD1  sing N N 141 
GSH CG1 HG12 sing N N 142 
GSH CG1 HG13 sing N N 143 
GSH CD1 OE1  doub N N 144 
GSH CD1 N2   sing N N 145 
GSH N2  CA2  sing N N 146 
GSH N2  HN2  sing N N 147 
GSH CA2 C2   sing N N 148 
GSH CA2 CB2  sing N N 149 
GSH CA2 HA2  sing N N 150 
GSH C2  O2   doub N N 151 
GSH C2  N3   sing N N 152 
GSH CB2 SG2  sing N N 153 
GSH CB2 HB22 sing N N 154 
GSH CB2 HB23 sing N N 155 
GSH SG2 HSG  sing N N 156 
GSH N3  CA3  sing N N 157 
GSH N3  HN3  sing N N 158 
GSH CA3 C3   sing N N 159 
GSH CA3 HA31 sing N N 160 
GSH CA3 HA32 sing N N 161 
GSH C3  O31  doub N N 162 
GSH C3  O32  sing N N 163 
GSH O32 H32  sing N N 164 
HIS N   CA   sing N N 165 
HIS N   H    sing N N 166 
HIS N   H2   sing N N 167 
HIS CA  C    sing N N 168 
HIS CA  CB   sing N N 169 
HIS CA  HA   sing N N 170 
HIS C   O    doub N N 171 
HIS C   OXT  sing N N 172 
HIS CB  CG   sing N N 173 
HIS CB  HB2  sing N N 174 
HIS CB  HB3  sing N N 175 
HIS CG  ND1  sing Y N 176 
HIS CG  CD2  doub Y N 177 
HIS ND1 CE1  doub Y N 178 
HIS ND1 HD1  sing N N 179 
HIS CD2 NE2  sing Y N 180 
HIS CD2 HD2  sing N N 181 
HIS CE1 NE2  sing Y N 182 
HIS CE1 HE1  sing N N 183 
HIS NE2 HE2  sing N N 184 
HIS OXT HXT  sing N N 185 
ILE N   CA   sing N N 186 
ILE N   H    sing N N 187 
ILE N   H2   sing N N 188 
ILE CA  C    sing N N 189 
ILE CA  CB   sing N N 190 
ILE CA  HA   sing N N 191 
ILE C   O    doub N N 192 
ILE C   OXT  sing N N 193 
ILE CB  CG1  sing N N 194 
ILE CB  CG2  sing N N 195 
ILE CB  HB   sing N N 196 
ILE CG1 CD1  sing N N 197 
ILE CG1 HG12 sing N N 198 
ILE CG1 HG13 sing N N 199 
ILE CG2 HG21 sing N N 200 
ILE CG2 HG22 sing N N 201 
ILE CG2 HG23 sing N N 202 
ILE CD1 HD11 sing N N 203 
ILE CD1 HD12 sing N N 204 
ILE CD1 HD13 sing N N 205 
ILE OXT HXT  sing N N 206 
LEU N   CA   sing N N 207 
LEU N   H    sing N N 208 
LEU N   H2   sing N N 209 
LEU CA  C    sing N N 210 
LEU CA  CB   sing N N 211 
LEU CA  HA   sing N N 212 
LEU C   O    doub N N 213 
LEU C   OXT  sing N N 214 
LEU CB  CG   sing N N 215 
LEU CB  HB2  sing N N 216 
LEU CB  HB3  sing N N 217 
LEU CG  CD1  sing N N 218 
LEU CG  CD2  sing N N 219 
LEU CG  HG   sing N N 220 
LEU CD1 HD11 sing N N 221 
LEU CD1 HD12 sing N N 222 
LEU CD1 HD13 sing N N 223 
LEU CD2 HD21 sing N N 224 
LEU CD2 HD22 sing N N 225 
LEU CD2 HD23 sing N N 226 
LEU OXT HXT  sing N N 227 
LYS N   CA   sing N N 228 
LYS N   H    sing N N 229 
LYS N   H2   sing N N 230 
LYS CA  C    sing N N 231 
LYS CA  CB   sing N N 232 
LYS CA  HA   sing N N 233 
LYS C   O    doub N N 234 
LYS C   OXT  sing N N 235 
LYS CB  CG   sing N N 236 
LYS CB  HB2  sing N N 237 
LYS CB  HB3  sing N N 238 
LYS CG  CD   sing N N 239 
LYS CG  HG2  sing N N 240 
LYS CG  HG3  sing N N 241 
LYS CD  CE   sing N N 242 
LYS CD  HD2  sing N N 243 
LYS CD  HD3  sing N N 244 
LYS CE  NZ   sing N N 245 
LYS CE  HE2  sing N N 246 
LYS CE  HE3  sing N N 247 
LYS NZ  HZ1  sing N N 248 
LYS NZ  HZ2  sing N N 249 
LYS NZ  HZ3  sing N N 250 
LYS OXT HXT  sing N N 251 
MET N   CA   sing N N 252 
MET N   H    sing N N 253 
MET N   H2   sing N N 254 
MET CA  C    sing N N 255 
MET CA  CB   sing N N 256 
MET CA  HA   sing N N 257 
MET C   O    doub N N 258 
MET C   OXT  sing N N 259 
MET CB  CG   sing N N 260 
MET CB  HB2  sing N N 261 
MET CB  HB3  sing N N 262 
MET CG  SD   sing N N 263 
MET CG  HG2  sing N N 264 
MET CG  HG3  sing N N 265 
MET SD  CE   sing N N 266 
MET CE  HE1  sing N N 267 
MET CE  HE2  sing N N 268 
MET CE  HE3  sing N N 269 
MET OXT HXT  sing N N 270 
PHE N   CA   sing N N 271 
PHE N   H    sing N N 272 
PHE N   H2   sing N N 273 
PHE CA  C    sing N N 274 
PHE CA  CB   sing N N 275 
PHE CA  HA   sing N N 276 
PHE C   O    doub N N 277 
PHE C   OXT  sing N N 278 
PHE CB  CG   sing N N 279 
PHE CB  HB2  sing N N 280 
PHE CB  HB3  sing N N 281 
PHE CG  CD1  doub Y N 282 
PHE CG  CD2  sing Y N 283 
PHE CD1 CE1  sing Y N 284 
PHE CD1 HD1  sing N N 285 
PHE CD2 CE2  doub Y N 286 
PHE CD2 HD2  sing N N 287 
PHE CE1 CZ   doub Y N 288 
PHE CE1 HE1  sing N N 289 
PHE CE2 CZ   sing Y N 290 
PHE CE2 HE2  sing N N 291 
PHE CZ  HZ   sing N N 292 
PHE OXT HXT  sing N N 293 
PRO N   CA   sing N N 294 
PRO N   CD   sing N N 295 
PRO N   H    sing N N 296 
PRO CA  C    sing N N 297 
PRO CA  CB   sing N N 298 
PRO CA  HA   sing N N 299 
PRO C   O    doub N N 300 
PRO C   OXT  sing N N 301 
PRO CB  CG   sing N N 302 
PRO CB  HB2  sing N N 303 
PRO CB  HB3  sing N N 304 
PRO CG  CD   sing N N 305 
PRO CG  HG2  sing N N 306 
PRO CG  HG3  sing N N 307 
PRO CD  HD2  sing N N 308 
PRO CD  HD3  sing N N 309 
PRO OXT HXT  sing N N 310 
SER N   CA   sing N N 311 
SER N   H    sing N N 312 
SER N   H2   sing N N 313 
SER CA  C    sing N N 314 
SER CA  CB   sing N N 315 
SER CA  HA   sing N N 316 
SER C   O    doub N N 317 
SER C   OXT  sing N N 318 
SER CB  OG   sing N N 319 
SER CB  HB2  sing N N 320 
SER CB  HB3  sing N N 321 
SER OG  HG   sing N N 322 
SER OXT HXT  sing N N 323 
THR N   CA   sing N N 324 
THR N   H    sing N N 325 
THR N   H2   sing N N 326 
THR CA  C    sing N N 327 
THR CA  CB   sing N N 328 
THR CA  HA   sing N N 329 
THR C   O    doub N N 330 
THR C   OXT  sing N N 331 
THR CB  OG1  sing N N 332 
THR CB  CG2  sing N N 333 
THR CB  HB   sing N N 334 
THR OG1 HG1  sing N N 335 
THR CG2 HG21 sing N N 336 
THR CG2 HG22 sing N N 337 
THR CG2 HG23 sing N N 338 
THR OXT HXT  sing N N 339 
TYR N   CA   sing N N 340 
TYR N   H    sing N N 341 
TYR N   H2   sing N N 342 
TYR CA  C    sing N N 343 
TYR CA  CB   sing N N 344 
TYR CA  HA   sing N N 345 
TYR C   O    doub N N 346 
TYR C   OXT  sing N N 347 
TYR CB  CG   sing N N 348 
TYR CB  HB2  sing N N 349 
TYR CB  HB3  sing N N 350 
TYR CG  CD1  doub Y N 351 
TYR CG  CD2  sing Y N 352 
TYR CD1 CE1  sing Y N 353 
TYR CD1 HD1  sing N N 354 
TYR CD2 CE2  doub Y N 355 
TYR CD2 HD2  sing N N 356 
TYR CE1 CZ   doub Y N 357 
TYR CE1 HE1  sing N N 358 
TYR CE2 CZ   sing Y N 359 
TYR CE2 HE2  sing N N 360 
TYR CZ  OH   sing N N 361 
TYR OH  HH   sing N N 362 
TYR OXT HXT  sing N N 363 
VAL N   CA   sing N N 364 
VAL N   H    sing N N 365 
VAL N   H2   sing N N 366 
VAL CA  C    sing N N 367 
VAL CA  CB   sing N N 368 
VAL CA  HA   sing N N 369 
VAL C   O    doub N N 370 
VAL C   OXT  sing N N 371 
VAL CB  CG1  sing N N 372 
VAL CB  CG2  sing N N 373 
VAL CB  HB   sing N N 374 
VAL CG1 HG11 sing N N 375 
VAL CG1 HG12 sing N N 376 
VAL CG1 HG13 sing N N 377 
VAL CG2 HG21 sing N N 378 
VAL CG2 HG22 sing N N 379 
VAL CG2 HG23 sing N N 380 
VAL OXT HXT  sing N N 381 
# 
_em_ctf_correction.id        1 
_em_ctf_correction.details   Crystallographic 
_em_ctf_correction.type      . 
# 
_em_image_processing.id                   1 
_em_image_processing.image_recording_id   1 
_em_image_processing.details              ? 
# 
_em_image_recording.film_or_detector_model        . 
_em_image_recording.details                       'Kodak SO163 film for images, CCD for electron diffraction patterns' 
_em_image_recording.id                            1 
_em_image_recording.avg_electron_dose_per_image   10 
_em_image_recording.imaging_id                    1 
_em_image_recording.detector_mode                 ? 
_em_image_recording.average_exposure_time         ? 
_em_image_recording.num_diffraction_images        ? 
_em_image_recording.num_grids_imaged              ? 
_em_image_recording.num_real_images               ? 
# 
_em_specimen.experiment_id           1 
_em_specimen.id                      1 
_em_specimen.concentration           1 
_em_specimen.vitrification_applied   YES 
_em_specimen.staining_applied        NO 
_em_specimen.embedding_applied       NO 
_em_specimen.shadowing_applied       NO 
_em_specimen.details                 ? 
# 
_atom_sites.entry_id                    2H8A 
_atom_sites.fract_transf_matrix[1][1]   0.01252955 
_atom_sites.fract_transf_matrix[1][2]   -0.00116991 
_atom_sites.fract_transf_matrix[1][3]   -0.00639590 
_atom_sites.fract_transf_matrix[2][1]   0.00495044 
_atom_sites.fract_transf_matrix[2][2]   0.01065262 
_atom_sites.fract_transf_matrix[2][3]   -0.00782792 
_atom_sites.fract_transf_matrix[3][1]   0.00447888 
_atom_sites.fract_transf_matrix[3][2]   0.00384879 
_atom_sites.fract_transf_matrix[3][3]   0.00807010 
_atom_sites.fract_transf_vector[1]      -0.461443 
_atom_sites.fract_transf_vector[2]      0.343586 
_atom_sites.fract_transf_vector[3]      0.007915 
# 
loop_
_atom_type.symbol 
C 
N 
O 
S 
# 
loop_
_atom_site.group_PDB 
_atom_site.id 
_atom_site.type_symbol 
_atom_site.label_atom_id 
_atom_site.label_alt_id 
_atom_site.label_comp_id 
_atom_site.label_asym_id 
_atom_site.label_entity_id 
_atom_site.label_seq_id 
_atom_site.pdbx_PDB_ins_code 
_atom_site.Cartn_x 
_atom_site.Cartn_y 
_atom_site.Cartn_z 
_atom_site.occupancy 
_atom_site.B_iso_or_equiv 
_atom_site.pdbx_formal_charge 
_atom_site.auth_seq_id 
_atom_site.auth_comp_id 
_atom_site.auth_asym_id 
_atom_site.auth_atom_id 
_atom_site.pdbx_PDB_model_num 
ATOM   1   N N   . ASN A 1 9   ? -13.031 -7.205  -17.214 1.00 35.14 ? 9   ASN A N   1 
ATOM   2   C CA  . ASN A 1 9   ? -12.480 -6.078  -16.405 1.00 35.19 ? 9   ASN A CA  1 
ATOM   3   C C   . ASN A 1 9   ? -11.089 -6.249  -15.753 1.00 34.87 ? 9   ASN A C   1 
ATOM   4   O O   . ASN A 1 9   ? -10.467 -5.256  -15.353 1.00 35.04 ? 9   ASN A O   1 
ATOM   5   C CB  . ASN A 1 9   ? -13.515 -5.608  -15.391 1.00 35.25 ? 9   ASN A CB  1 
ATOM   6   C CG  . ASN A 1 9   ? -14.431 -4.562  -15.969 1.00 35.99 ? 9   ASN A CG  1 
ATOM   7   O OD1 . ASN A 1 9   ? -13.977 -3.654  -16.660 1.00 36.65 ? 9   ASN A OD1 1 
ATOM   8   N ND2 . ASN A 1 9   ? -15.729 -4.679  -15.698 1.00 37.10 ? 9   ASN A ND2 1 
ATOM   9   N N   . GLU A 1 10  ? -10.601 -7.485  -15.658 1.00 34.23 ? 10  GLU A N   1 
ATOM   10  C CA  . GLU A 1 10  ? -9.237  -7.718  -15.179 1.00 33.95 ? 10  GLU A CA  1 
ATOM   11  C C   . GLU A 1 10  ? -8.290  -6.861  -15.992 1.00 33.41 ? 10  GLU A C   1 
ATOM   12  O O   . GLU A 1 10  ? -7.168  -6.552  -15.581 1.00 33.45 ? 10  GLU A O   1 
ATOM   13  C CB  . GLU A 1 10  ? -8.868  -9.184  -15.306 1.00 34.19 ? 10  GLU A CB  1 
ATOM   14  C CG  . GLU A 1 10  ? -9.598  -10.058 -14.327 1.00 34.75 ? 10  GLU A CG  1 
ATOM   15  C CD  . GLU A 1 10  ? -10.074 -11.332 -14.965 1.00 35.82 ? 10  GLU A CD  1 
ATOM   16  O OE1 . GLU A 1 10  ? -9.372  -11.853 -15.856 1.00 37.17 ? 10  GLU A OE1 1 
ATOM   17  O OE2 . GLU A 1 10  ? -11.156 -11.811 -14.581 1.00 35.73 ? 10  GLU A OE2 1 
ATOM   18  N N   . VAL A 1 11  ? -8.782  -6.500  -17.167 1.00 32.67 ? 11  VAL A N   1 
ATOM   19  C CA  . VAL A 1 11  ? -8.251  -5.422  -17.947 1.00 32.01 ? 11  VAL A CA  1 
ATOM   20  C C   . VAL A 1 11  ? -8.103  -4.180  -17.031 1.00 31.91 ? 11  VAL A C   1 
ATOM   21  O O   . VAL A 1 11  ? -7.137  -4.079  -16.266 1.00 31.69 ? 11  VAL A O   1 
ATOM   22  C CB  . VAL A 1 11  ? -9.171  -5.146  -19.174 1.00 31.83 ? 11  VAL A CB  1 
ATOM   23  C CG1 . VAL A 1 11  ? -8.331  -4.921  -20.417 1.00 31.99 ? 11  VAL A CG1 1 
ATOM   24  C CG2 . VAL A 1 11  ? -10.125 -6.299  -19.424 1.00 30.21 ? 11  VAL A CG2 1 
ATOM   25  N N   . LEU A 1 12  ? -9.083  -3.274  -17.065 1.00 31.72 ? 12  LEU A N   1 
ATOM   26  C CA  . LEU A 1 12  ? -8.973  -1.974  -16.381 1.00 31.53 ? 12  LEU A CA  1 
ATOM   27  C C   . LEU A 1 12  ? -8.413  -2.109  -14.969 1.00 31.59 ? 12  LEU A C   1 
ATOM   28  O O   . LEU A 1 12  ? -7.640  -1.250  -14.521 1.00 31.50 ? 12  LEU A O   1 
ATOM   29  C CB  . LEU A 1 12  ? -10.334 -1.245  -16.294 1.00 31.30 ? 12  LEU A CB  1 
ATOM   30  C CG  . LEU A 1 12  ? -11.548 -1.548  -17.192 1.00 31.00 ? 12  LEU A CG  1 
ATOM   31  C CD1 . LEU A 1 12  ? -12.744 -0.669  -16.807 1.00 29.79 ? 12  LEU A CD1 1 
ATOM   32  C CD2 . LEU A 1 12  ? -11.252 -1.405  -18.691 1.00 31.29 ? 12  LEU A CD2 1 
ATOM   33  N N   . MET A 1 13  ? -8.813  -3.198  -14.290 1.00 31.40 ? 13  MET A N   1 
ATOM   34  C CA  . MET A 1 13  ? -8.710  -3.302  -12.829 1.00 31.00 ? 13  MET A CA  1 
ATOM   35  C C   . MET A 1 13  ? -7.280  -3.341  -12.365 1.00 30.10 ? 13  MET A C   1 
ATOM   36  O O   . MET A 1 13  ? -6.840  -2.468  -11.610 1.00 29.86 ? 13  MET A O   1 
ATOM   37  C CB  . MET A 1 13  ? -9.541  -4.469  -12.248 1.00 30.98 ? 13  MET A CB  1 
ATOM   38  C CG  . MET A 1 13  ? -8.923  -5.881  -12.309 1.00 31.70 ? 13  MET A CG  1 
ATOM   39  S SD  . MET A 1 13  ? -9.867  -7.204  -11.449 1.00 32.10 ? 13  MET A SD  1 
ATOM   40  C CE  . MET A 1 13  ? -11.368 -7.281  -12.438 1.00 31.68 ? 13  MET A CE  1 
ATOM   41  N N   . ALA A 1 14  ? -6.542  -4.322  -12.853 1.00 29.29 ? 14  ALA A N   1 
ATOM   42  C CA  . ALA A 1 14  ? -5.165  -4.409  -12.480 1.00 29.02 ? 14  ALA A CA  1 
ATOM   43  C C   . ALA A 1 14  ? -4.590  -3.004  -12.589 1.00 28.86 ? 14  ALA A C   1 
ATOM   44  O O   . ALA A 1 14  ? -3.772  -2.605  -11.762 1.00 29.22 ? 14  ALA A O   1 
ATOM   45  C CB  . ALA A 1 14  ? -4.429  -5.371  -13.383 1.00 29.15 ? 14  ALA A CB  1 
ATOM   46  N N   . PHE A 1 15  ? -5.078  -2.234  -13.568 1.00 28.42 ? 15  PHE A N   1 
ATOM   47  C CA  . PHE A 1 15  ? -4.432  -0.963  -13.971 1.00 27.53 ? 15  PHE A CA  1 
ATOM   48  C C   . PHE A 1 15  ? -4.518  0.174   -12.951 1.00 26.52 ? 15  PHE A C   1 
ATOM   49  O O   . PHE A 1 15  ? -3.512  0.475   -12.289 1.00 26.16 ? 15  PHE A O   1 
ATOM   50  C CB  . PHE A 1 15  ? -4.850  -0.500  -15.389 1.00 27.71 ? 15  PHE A CB  1 
ATOM   51  C CG  . PHE A 1 15  ? -4.716  -1.571  -16.453 1.00 27.96 ? 15  PHE A CG  1 
ATOM   52  C CD1 . PHE A 1 15  ? -3.640  -2.462  -16.444 1.00 27.34 ? 15  PHE A CD1 1 
ATOM   53  C CD2 . PHE A 1 15  ? -5.671  -1.685  -17.465 1.00 28.24 ? 15  PHE A CD2 1 
ATOM   54  C CE1 . PHE A 1 15  ? -3.526  -3.454  -17.414 1.00 27.91 ? 15  PHE A CE1 1 
ATOM   55  C CE2 . PHE A 1 15  ? -5.555  -2.664  -18.452 1.00 27.98 ? 15  PHE A CE2 1 
ATOM   56  C CZ  . PHE A 1 15  ? -4.487  -3.552  -18.423 1.00 28.03 ? 15  PHE A CZ  1 
ATOM   57  N N   . THR A 1 16  ? -5.699  0.786   -12.811 1.00 25.19 ? 16  THR A N   1 
ATOM   58  C CA  . THR A 1 16  ? -5.827  1.948   -11.931 1.00 23.95 ? 16  THR A CA  1 
ATOM   59  C C   . THR A 1 16  ? -4.986  1.627   -10.713 1.00 23.13 ? 16  THR A C   1 
ATOM   60  O O   . THR A 1 16  ? -4.129  2.419   -10.317 1.00 22.93 ? 16  THR A O   1 
ATOM   61  C CB  . THR A 1 16  ? -7.291  2.249   -11.496 1.00 24.07 ? 16  THR A CB  1 
ATOM   62  O OG1 . THR A 1 16  ? -8.185  2.116   -12.612 1.00 24.14 ? 16  THR A OG1 1 
ATOM   63  C CG2 . THR A 1 16  ? -7.400  3.657   -10.901 1.00 23.04 ? 16  THR A CG2 1 
ATOM   64  N N   . SER A 1 17  ? -5.234  0.430   -10.168 1.00 22.10 ? 17  SER A N   1 
ATOM   65  C CA  . SER A 1 17  ? -4.463  -0.149  -9.078  1.00 20.85 ? 17  SER A CA  1 
ATOM   66  C C   . SER A 1 17  ? -3.011  0.243   -9.195  1.00 20.47 ? 17  SER A C   1 
ATOM   67  O O   . SER A 1 17  ? -2.567  1.217   -8.581  1.00 20.56 ? 17  SER A O   1 
ATOM   68  C CB  . SER A 1 17  ? -4.586  -1.685  -9.081  1.00 20.77 ? 17  SER A CB  1 
ATOM   69  O OG  . SER A 1 17  ? -3.441  -2.312  -8.517  1.00 18.80 ? 17  SER A OG  1 
ATOM   70  N N   . TYR A 1 18  ? -2.280  -0.498  -10.018 1.00 19.53 ? 18  TYR A N   1 
ATOM   71  C CA  . TYR A 1 18  ? -0.837  -0.471  -9.921  1.00 18.72 ? 18  TYR A CA  1 
ATOM   72  C C   . TYR A 1 18  ? -0.294  0.938   -9.893  1.00 18.13 ? 18  TYR A C   1 
ATOM   73  O O   . TYR A 1 18  ? 0.603   1.243   -9.123  1.00 17.80 ? 18  TYR A O   1 
ATOM   74  C CB  . TYR A 1 18  ? -0.179  -1.311  -11.011 1.00 18.75 ? 18  TYR A CB  1 
ATOM   75  C CG  . TYR A 1 18  ? -0.476  -0.912  -12.428 1.00 18.43 ? 18  TYR A CG  1 
ATOM   76  C CD1 . TYR A 1 18  ? 0.306   0.027   -13.067 1.00 17.53 ? 18  TYR A CD1 1 
ATOM   77  C CD2 . TYR A 1 18  ? -1.513  -1.505  -13.142 1.00 17.98 ? 18  TYR A CD2 1 
ATOM   78  C CE1 . TYR A 1 18  ? 0.048   0.401   -14.372 1.00 18.62 ? 18  TYR A CE1 1 
ATOM   79  C CE2 . TYR A 1 18  ? -1.779  -1.146  -14.455 1.00 18.26 ? 18  TYR A CE2 1 
ATOM   80  C CZ  . TYR A 1 18  ? -0.990  -0.184  -15.076 1.00 19.39 ? 18  TYR A CZ  1 
ATOM   81  O OH  . TYR A 1 18  ? -1.200  0.202   -16.397 1.00 19.58 ? 18  TYR A OH  1 
ATOM   82  N N   . ALA A 1 19  ? -0.873  1.810   -10.705 1.00 17.55 ? 19  ALA A N   1 
ATOM   83  C CA  . ALA A 1 19  ? -0.302  3.125   -10.857 1.00 17.15 ? 19  ALA A CA  1 
ATOM   84  C C   . ALA A 1 19  ? -0.193  3.790   -9.493  1.00 16.78 ? 19  ALA A C   1 
ATOM   85  O O   . ALA A 1 19  ? 0.747   4.539   -9.237  1.00 16.54 ? 19  ALA A O   1 
ATOM   86  C CB  . ALA A 1 19  ? -1.100  3.968   -11.840 1.00 17.30 ? 19  ALA A CB  1 
ATOM   87  N N   . THR A 1 20  ? -1.131  3.478   -8.603  1.00 16.37 ? 20  THR A N   1 
ATOM   88  C CA  . THR A 1 20  ? -1.105  4.072   -7.275  1.00 15.97 ? 20  THR A CA  1 
ATOM   89  C C   . THR A 1 20  ? 0.023   3.475   -6.475  1.00 15.58 ? 20  THR A C   1 
ATOM   90  O O   . THR A 1 20  ? 0.481   4.093   -5.531  1.00 15.37 ? 20  THR A O   1 
ATOM   91  C CB  . THR A 1 20  ? -2.447  3.940   -6.498  1.00 16.06 ? 20  THR A CB  1 
ATOM   92  O OG1 . THR A 1 20  ? -2.860  2.563   -6.454  1.00 16.38 ? 20  THR A OG1 1 
ATOM   93  C CG2 . THR A 1 20  ? -3.532  4.814   -7.143  1.00 15.40 ? 20  THR A CG2 1 
ATOM   94  N N   . ILE A 1 21  ? 0.488   2.289   -6.876  1.00 15.35 ? 21  ILE A N   1 
ATOM   95  C CA  . ILE A 1 21  ? 1.538   1.572   -6.116  1.00 15.01 ? 21  ILE A CA  1 
ATOM   96  C C   . ILE A 1 21  ? 2.983   1.979   -6.381  1.00 15.16 ? 21  ILE A C   1 
ATOM   97  O O   . ILE A 1 21  ? 3.843   1.740   -5.542  1.00 14.86 ? 21  ILE A O   1 
ATOM   98  C CB  . ILE A 1 21  ? 1.389   0.019   -6.165  1.00 14.83 ? 21  ILE A CB  1 
ATOM   99  C CG1 . ILE A 1 21  ? 1.859   -0.564  -7.511  1.00 12.25 ? 21  ILE A CG1 1 
ATOM   100 C CG2 . ILE A 1 21  ? -0.049  -0.411  -5.701  1.00 14.66 ? 21  ILE A CG2 1 
ATOM   101 C CD1 . ILE A 1 21  ? 3.153   -1.264  -7.428  1.00 8.37  ? 21  ILE A CD1 1 
ATOM   102 N N   . ILE A 1 22  ? 3.248   2.577   -7.540  1.00 15.71 ? 22  ILE A N   1 
ATOM   103 C CA  . ILE A 1 22  ? 4.521   3.274   -7.761  1.00 16.41 ? 22  ILE A CA  1 
ATOM   104 C C   . ILE A 1 22  ? 4.362   4.737   -7.470  1.00 17.26 ? 22  ILE A C   1 
ATOM   105 O O   . ILE A 1 22  ? 5.329   5.402   -7.154  1.00 17.03 ? 22  ILE A O   1 
ATOM   106 C CB  . ILE A 1 22  ? 5.042   3.229   -9.194  1.00 16.11 ? 22  ILE A CB  1 
ATOM   107 C CG1 . ILE A 1 22  ? 4.376   2.126   -10.015 1.00 15.99 ? 22  ILE A CG1 1 
ATOM   108 C CG2 . ILE A 1 22  ? 6.523   3.106   -9.145  1.00 16.06 ? 22  ILE A CG2 1 
ATOM   109 C CD1 . ILE A 1 22  ? 3.069   2.527   -10.665 1.00 14.58 ? 22  ILE A CD1 1 
ATOM   110 N N   . LEU A 1 23  ? 3.143   5.245   -7.633  1.00 18.67 ? 23  LEU A N   1 
ATOM   111 C CA  . LEU A 1 23  ? 2.826   6.612   -7.248  1.00 19.65 ? 23  LEU A CA  1 
ATOM   112 C C   . LEU A 1 23  ? 2.687   6.690   -5.716  1.00 20.52 ? 23  LEU A C   1 
ATOM   113 O O   . LEU A 1 23  ? 3.643   7.086   -5.047  1.00 20.26 ? 23  LEU A O   1 
ATOM   114 C CB  . LEU A 1 23  ? 1.596   7.136   -8.007  1.00 19.60 ? 23  LEU A CB  1 
ATOM   115 C CG  . LEU A 1 23  ? 1.633   7.066   -9.546  1.00 19.11 ? 23  LEU A CG  1 
ATOM   116 C CD1 . LEU A 1 23  ? 0.372   7.706   -10.182 1.00 18.49 ? 23  LEU A CD1 1 
ATOM   117 C CD2 . LEU A 1 23  ? 2.928   7.672   -10.124 1.00 18.79 ? 23  LEU A CD2 1 
ATOM   118 N N   . ALA A 1 24  ? 1.549   6.266   -5.154  1.00 21.68 ? 24  ALA A N   1 
ATOM   119 C CA  . ALA A 1 24  ? 1.379   6.264   -3.685  1.00 23.33 ? 24  ALA A CA  1 
ATOM   120 C C   . ALA A 1 24  ? 2.722   6.041   -2.997  1.00 24.48 ? 24  ALA A C   1 
ATOM   121 O O   . ALA A 1 24  ? 3.307   6.983   -2.451  1.00 25.03 ? 24  ALA A O   1 
ATOM   122 C CB  . ALA A 1 24  ? 0.346   5.211   -3.224  1.00 22.76 ? 24  ALA A CB  1 
ATOM   123 N N   . LYS A 1 25  ? 3.207   4.800   -3.061  1.00 25.69 ? 25  LYS A N   1 
ATOM   124 C CA  . LYS A 1 25  ? 4.523   4.418   -2.548  1.00 26.65 ? 25  LYS A CA  1 
ATOM   125 C C   . LYS A 1 25  ? 5.634   5.343   -3.056  1.00 27.12 ? 25  LYS A C   1 
ATOM   126 O O   . LYS A 1 25  ? 6.313   6.008   -2.274  1.00 27.19 ? 25  LYS A O   1 
ATOM   127 C CB  . LYS A 1 25  ? 4.808   2.957   -2.932  1.00 26.78 ? 25  LYS A CB  1 
ATOM   128 C CG  . LYS A 1 25  ? 6.251   2.474   -2.765  1.00 27.29 ? 25  LYS A CG  1 
ATOM   129 C CD  . LYS A 1 25  ? 6.549   2.117   -1.325  1.00 28.38 ? 25  LYS A CD  1 
ATOM   130 C CE  . LYS A 1 25  ? 8.027   1.919   -1.075  1.00 28.61 ? 25  LYS A CE  1 
ATOM   131 N NZ  . LYS A 1 25  ? 8.364   2.112   0.354   1.00 28.27 ? 25  LYS A NZ  1 
ATOM   132 N N   . MET A 1 26  ? 5.795   5.396   -4.370  1.00 27.75 ? 26  MET A N   1 
ATOM   133 C CA  . MET A 1 26  ? 6.963   6.042   -4.938  1.00 28.67 ? 26  MET A CA  1 
ATOM   134 C C   . MET A 1 26  ? 6.870   7.583   -5.038  1.00 28.60 ? 26  MET A C   1 
ATOM   135 O O   . MET A 1 26  ? 7.885   8.256   -4.839  1.00 28.87 ? 26  MET A O   1 
ATOM   136 C CB  . MET A 1 26  ? 7.430   5.324   -6.222  1.00 28.31 ? 26  MET A CB  1 
ATOM   137 C CG  . MET A 1 26  ? 7.901   6.254   -7.306  1.00 29.49 ? 26  MET A CG  1 
ATOM   138 S SD  . MET A 1 26  ? 8.825   5.546   -8.674  1.00 29.91 ? 26  MET A SD  1 
ATOM   139 C CE  . MET A 1 26  ? 10.128  4.644   -7.818  1.00 32.36 ? 26  MET A CE  1 
ATOM   140 N N   . MET A 1 27  ? 5.680   8.140   -5.290  1.00 28.53 ? 27  MET A N   1 
ATOM   141 C CA  . MET A 1 27  ? 5.469   9.606   -5.198  1.00 28.63 ? 27  MET A CA  1 
ATOM   142 C C   . MET A 1 27  ? 5.904   10.088  -3.824  1.00 28.05 ? 27  MET A C   1 
ATOM   143 O O   . MET A 1 27  ? 5.897   11.294  -3.512  1.00 27.87 ? 27  MET A O   1 
ATOM   144 C CB  . MET A 1 27  ? 3.991   9.985   -5.390  1.00 28.61 ? 27  MET A CB  1 
ATOM   145 C CG  . MET A 1 27  ? 3.105   9.747   -4.142  1.00 29.15 ? 27  MET A CG  1 
ATOM   146 S SD  . MET A 1 27  ? 1.434   10.467  -4.146  1.00 29.83 ? 27  MET A SD  1 
ATOM   147 C CE  . MET A 1 27  ? 0.661   9.678   -5.569  1.00 28.93 ? 27  MET A CE  1 
ATOM   148 N N   . PHE A 1 28  ? 6.297   9.118   -3.011  1.00 27.38 ? 28  PHE A N   1 
ATOM   149 C CA  . PHE A 1 28  ? 6.414   9.326   -1.606  1.00 26.95 ? 28  PHE A CA  1 
ATOM   150 C C   . PHE A 1 28  ? 7.815   9.084   -1.058  1.00 26.64 ? 28  PHE A C   1 
ATOM   151 O O   . PHE A 1 28  ? 8.286   9.833   -0.217  1.00 26.44 ? 28  PHE A O   1 
ATOM   152 C CB  . PHE A 1 28  ? 5.365   8.460   -0.928  1.00 27.06 ? 28  PHE A CB  1 
ATOM   153 C CG  . PHE A 1 28  ? 5.447   8.466   0.540   1.00 26.65 ? 28  PHE A CG  1 
ATOM   154 C CD1 . PHE A 1 28  ? 5.609   9.670   1.235   1.00 26.30 ? 28  PHE A CD1 1 
ATOM   155 C CD2 . PHE A 1 28  ? 5.357   7.273   1.234   1.00 25.34 ? 28  PHE A CD2 1 
ATOM   156 C CE1 . PHE A 1 28  ? 5.700   9.672   2.590   1.00 26.47 ? 28  PHE A CE1 1 
ATOM   157 C CE2 . PHE A 1 28  ? 5.439   7.260   2.581   1.00 25.25 ? 28  PHE A CE2 1 
ATOM   158 C CZ  . PHE A 1 28  ? 5.612   8.456   3.270   1.00 26.63 ? 28  PHE A CZ  1 
ATOM   159 N N   . LEU A 1 29  ? 8.482   8.046   -1.526  1.00 26.61 ? 29  LEU A N   1 
ATOM   160 C CA  . LEU A 1 29  ? 9.886   7.869   -1.191  1.00 26.97 ? 29  LEU A CA  1 
ATOM   161 C C   . LEU A 1 29  ? 10.738  9.106   -1.532  1.00 27.80 ? 29  LEU A C   1 
ATOM   162 O O   . LEU A 1 29  ? 11.523  9.573   -0.704  1.00 27.83 ? 29  LEU A O   1 
ATOM   163 C CB  . LEU A 1 29  ? 10.460  6.636   -1.889  1.00 26.66 ? 29  LEU A CB  1 
ATOM   164 C CG  . LEU A 1 29  ? 9.613   5.957   -2.964  1.00 25.98 ? 29  LEU A CG  1 
ATOM   165 C CD1 . LEU A 1 29  ? 10.367  5.685   -4.235  1.00 25.48 ? 29  LEU A CD1 1 
ATOM   166 C CD2 . LEU A 1 29  ? 9.100   4.679   -2.403  1.00 26.07 ? 29  LEU A CD2 1 
ATOM   167 N N   . SER A 1 30  ? 10.587  9.637   -2.747  1.00 28.48 ? 30  SER A N   1 
ATOM   168 C CA  . SER A 1 30  ? 11.406  10.773  -3.172  1.00 29.09 ? 30  SER A CA  1 
ATOM   169 C C   . SER A 1 30  ? 11.070  12.065  -2.435  1.00 29.68 ? 30  SER A C   1 
ATOM   170 O O   . SER A 1 30  ? 11.963  12.848  -2.113  1.00 29.94 ? 30  SER A O   1 
ATOM   171 C CB  . SER A 1 30  ? 11.325  10.982  -4.676  1.00 28.89 ? 30  SER A CB  1 
ATOM   172 O OG  . SER A 1 30  ? 11.842  9.851   -5.339  1.00 28.89 ? 30  SER A OG  1 
ATOM   173 N N   . SER A 1 31  ? 9.783   12.288  -2.171  1.00 30.20 ? 31  SER A N   1 
ATOM   174 C CA  . SER A 1 31  ? 9.344   13.432  -1.347  1.00 30.56 ? 31  SER A CA  1 
ATOM   175 C C   . SER A 1 31  ? 9.832   13.279  0.098   1.00 31.08 ? 31  SER A C   1 
ATOM   176 O O   . SER A 1 31  ? 9.701   14.206  0.914   1.00 30.90 ? 31  SER A O   1 
ATOM   177 C CB  . SER A 1 31  ? 7.814   13.587  -1.375  1.00 30.33 ? 31  SER A CB  1 
ATOM   178 O OG  . SER A 1 31  ? 7.369   14.259  -0.213  1.00 28.65 ? 31  SER A OG  1 
ATOM   179 N N   . ALA A 1 32  ? 10.366  12.086  0.392   1.00 31.75 ? 32  ALA A N   1 
ATOM   180 C CA  . ALA A 1 32  ? 10.968  11.746  1.686   1.00 31.91 ? 32  ALA A CA  1 
ATOM   181 C C   . ALA A 1 32  ? 12.476  11.948  1.597   1.00 31.88 ? 32  ALA A C   1 
ATOM   182 O O   . ALA A 1 32  ? 13.180  11.878  2.612   1.00 32.04 ? 32  ALA A O   1 
ATOM   183 C CB  . ALA A 1 32  ? 10.621  10.297  2.097   1.00 31.63 ? 32  ALA A CB  1 
ATOM   184 N N   . THR A 1 33  ? 12.965  12.211  0.387   1.00 31.79 ? 33  THR A N   1 
ATOM   185 C CA  . THR A 1 33  ? 14.385  12.432  0.198   1.00 32.09 ? 33  THR A CA  1 
ATOM   186 C C   . THR A 1 33  ? 14.875  13.649  0.992   1.00 32.30 ? 33  THR A C   1 
ATOM   187 O O   . THR A 1 33  ? 14.129  14.602  1.227   1.00 32.33 ? 33  THR A O   1 
ATOM   188 C CB  . THR A 1 33  ? 14.775  12.521  -1.290  1.00 32.11 ? 33  THR A CB  1 
ATOM   189 O OG1 . THR A 1 33  ? 16.146  12.120  -1.450  1.00 32.20 ? 33  THR A OG1 1 
ATOM   190 C CG2 . THR A 1 33  ? 14.569  13.934  -1.832  1.00 31.95 ? 33  THR A CG2 1 
ATOM   191 N N   . ALA A 1 34  ? 16.141  13.587  1.387   1.00 32.63 ? 34  ALA A N   1 
ATOM   192 C CA  . ALA A 1 34  ? 16.727  14.454  2.404   1.00 33.15 ? 34  ALA A CA  1 
ATOM   193 C C   . ALA A 1 34  ? 16.515  15.953  2.220   1.00 33.51 ? 34  ALA A C   1 
ATOM   194 O O   . ALA A 1 34  ? 17.366  16.628  1.642   1.00 34.17 ? 34  ALA A O   1 
ATOM   195 C CB  . ALA A 1 34  ? 18.239  14.151  2.528   1.00 32.96 ? 34  ALA A CB  1 
ATOM   196 N N   . PHE A 1 35  ? 15.412  16.499  2.716   1.00 33.84 ? 35  PHE A N   1 
ATOM   197 C CA  . PHE A 1 35  ? 15.358  17.956  2.838   1.00 34.54 ? 35  PHE A CA  1 
ATOM   198 C C   . PHE A 1 35  ? 16.181  18.302  4.074   1.00 35.13 ? 35  PHE A C   1 
ATOM   199 O O   . PHE A 1 35  ? 15.736  18.970  5.018   1.00 34.90 ? 35  PHE A O   1 
ATOM   200 C CB  . PHE A 1 35  ? 13.926  18.512  2.827   1.00 34.47 ? 35  PHE A CB  1 
ATOM   201 C CG  . PHE A 1 35  ? 13.234  18.354  1.493   1.00 33.93 ? 35  PHE A CG  1 
ATOM   202 C CD1 . PHE A 1 35  ? 11.907  17.934  1.426   1.00 33.58 ? 35  PHE A CD1 1 
ATOM   203 C CD2 . PHE A 1 35  ? 13.921  18.601  0.302   1.00 32.95 ? 35  PHE A CD2 1 
ATOM   204 C CE1 . PHE A 1 35  ? 11.269  17.779  0.195   1.00 33.30 ? 35  PHE A CE1 1 
ATOM   205 C CE2 . PHE A 1 35  ? 13.301  18.439  -0.933  1.00 32.85 ? 35  PHE A CE2 1 
ATOM   206 C CZ  . PHE A 1 35  ? 11.972  18.028  -0.989  1.00 33.72 ? 35  PHE A CZ  1 
ATOM   207 N N   . GLN A 1 36  ? 17.432  17.862  3.960   1.00 36.10 ? 36  GLN A N   1 
ATOM   208 C CA  . GLN A 1 36  ? 18.363  17.536  5.032   1.00 37.27 ? 36  GLN A CA  1 
ATOM   209 C C   . GLN A 1 36  ? 18.179  18.145  6.417   1.00 38.46 ? 36  GLN A C   1 
ATOM   210 O O   . GLN A 1 36  ? 17.933  19.350  6.582   1.00 38.52 ? 36  GLN A O   1 
ATOM   211 C CB  . GLN A 1 36  ? 19.806  17.755  4.565   1.00 36.87 ? 36  GLN A CB  1 
ATOM   212 C CG  . GLN A 1 36  ? 20.737  16.623  4.956   1.00 36.41 ? 36  GLN A CG  1 
ATOM   213 C CD  . GLN A 1 36  ? 22.191  17.048  5.047   1.00 35.65 ? 36  GLN A CD  1 
ATOM   214 O OE1 . GLN A 1 36  ? 22.494  18.237  5.112   1.00 35.23 ? 36  GLN A OE1 1 
ATOM   215 N NE2 . GLN A 1 36  ? 23.104  16.068  5.066   1.00 34.76 ? 36  GLN A NE2 1 
ATOM   216 N N   . ARG A 1 37  ? 18.316  17.266  7.408   1.00 39.91 ? 37  ARG A N   1 
ATOM   217 C CA  . ARG A 1 37  ? 18.670  17.665  8.764   1.00 41.00 ? 37  ARG A CA  1 
ATOM   218 C C   . ARG A 1 37  ? 19.969  18.473  8.670   1.00 41.92 ? 37  ARG A C   1 
ATOM   219 O O   . ARG A 1 37  ? 20.791  18.248  7.769   1.00 41.73 ? 37  ARG A O   1 
ATOM   220 C CB  . ARG A 1 37  ? 18.864  16.431  9.673   1.00 41.13 ? 37  ARG A CB  1 
ATOM   221 C CG  . ARG A 1 37  ? 20.041  15.500  9.287   1.00 41.08 ? 37  ARG A CG  1 
ATOM   222 C CD  . ARG A 1 37  ? 20.016  14.153  10.004  1.00 40.25 ? 37  ARG A CD  1 
ATOM   223 N NE  . ARG A 1 37  ? 21.055  13.264  9.495   1.00 38.55 ? 37  ARG A NE  1 
ATOM   224 C CZ  . ARG A 1 37  ? 21.000  11.933  9.536   1.00 39.20 ? 37  ARG A CZ  1 
ATOM   225 N NH1 . ARG A 1 37  ? 19.954  11.306  10.066  1.00 39.26 ? 37  ARG A NH1 1 
ATOM   226 N NH2 . ARG A 1 37  ? 22.003  11.219  9.042   1.00 39.09 ? 37  ARG A NH2 1 
ATOM   227 N N   . LEU A 1 38  ? 20.130  19.430  9.576   1.00 43.11 ? 38  LEU A N   1 
ATOM   228 C CA  . LEU A 1 38  ? 21.418  20.065  9.774   1.00 44.31 ? 38  LEU A CA  1 
ATOM   229 C C   . LEU A 1 38  ? 22.324  18.952  10.329  1.00 45.19 ? 38  LEU A C   1 
ATOM   230 O O   . LEU A 1 38  ? 22.335  18.667  11.536  1.00 45.49 ? 38  LEU A O   1 
ATOM   231 C CB  . LEU A 1 38  ? 21.289  21.285  10.703  1.00 44.15 ? 38  LEU A CB  1 
ATOM   232 C CG  . LEU A 1 38  ? 20.856  22.627  10.066  1.00 44.58 ? 38  LEU A CG  1 
ATOM   233 C CD1 . LEU A 1 38  ? 19.678  22.522  9.071   1.00 44.40 ? 38  LEU A CD1 1 
ATOM   234 C CD2 . LEU A 1 38  ? 20.552  23.682  11.132  1.00 44.39 ? 38  LEU A CD2 1 
ATOM   235 N N   . THR A 1 39  ? 23.034  18.294  9.407   1.00 46.06 ? 39  THR A N   1 
ATOM   236 C CA  . THR A 1 39  ? 23.769  17.068  9.706   1.00 46.74 ? 39  THR A CA  1 
ATOM   237 C C   . THR A 1 39  ? 25.049  17.337  10.468  1.00 47.19 ? 39  THR A C   1 
ATOM   238 O O   . THR A 1 39  ? 25.735  18.347  10.252  1.00 47.30 ? 39  THR A O   1 
ATOM   239 C CB  . THR A 1 39  ? 24.108  16.240  8.422   1.00 46.85 ? 39  THR A CB  1 
ATOM   240 O OG1 . THR A 1 39  ? 22.907  15.712  7.846   1.00 47.36 ? 39  THR A OG1 1 
ATOM   241 C CG2 . THR A 1 39  ? 25.051  15.068  8.745   1.00 46.63 ? 39  THR A CG2 1 
ATOM   242 N N   . ASN A 1 40  ? 25.331  16.413  11.378  1.00 47.70 ? 40  ASN A N   1 
ATOM   243 C CA  . ASN A 1 40  ? 26.630  16.272  11.990  1.00 48.35 ? 40  ASN A CA  1 
ATOM   244 C C   . ASN A 1 40  ? 26.823  14.783  12.242  1.00 48.44 ? 40  ASN A C   1 
ATOM   245 O O   . ASN A 1 40  ? 27.838  14.204  11.855  1.00 48.94 ? 40  ASN A O   1 
ATOM   246 C CB  . ASN A 1 40  ? 26.704  17.073  13.295  1.00 48.59 ? 40  ASN A CB  1 
ATOM   247 C CG  . ASN A 1 40  ? 27.976  17.899  13.402  1.00 49.54 ? 40  ASN A CG  1 
ATOM   248 O OD1 . ASN A 1 40  ? 29.092  17.358  13.398  1.00 50.99 ? 40  ASN A OD1 1 
ATOM   249 N ND2 . ASN A 1 40  ? 27.815  19.221  13.505  1.00 49.62 ? 40  ASN A ND2 1 
ATOM   250 N N   . LYS A 1 41  ? 25.808  14.170  12.853  1.00 48.31 ? 41  LYS A N   1 
ATOM   251 C CA  . LYS A 1 41  ? 25.796  12.744  13.208  1.00 47.99 ? 41  LYS A CA  1 
ATOM   252 C C   . LYS A 1 41  ? 25.745  11.766  12.010  1.00 47.89 ? 41  LYS A C   1 
ATOM   253 O O   . LYS A 1 41  ? 24.683  11.241  11.652  1.00 47.69 ? 41  LYS A O   1 
ATOM   254 C CB  . LYS A 1 41  ? 24.657  12.467  14.207  1.00 48.02 ? 41  LYS A CB  1 
ATOM   255 C CG  . LYS A 1 41  ? 23.302  13.090  13.818  1.00 47.80 ? 41  LYS A CG  1 
ATOM   256 C CD  . LYS A 1 41  ? 22.583  13.674  15.011  1.00 47.07 ? 41  LYS A CD  1 
ATOM   257 C CE  . LYS A 1 41  ? 22.001  15.035  14.657  1.00 47.18 ? 41  LYS A CE  1 
ATOM   258 N NZ  . LYS A 1 41  ? 21.508  15.789  15.847  1.00 46.70 ? 41  LYS A NZ  1 
ATOM   259 N N   . VAL A 1 42  ? 26.904  11.546  11.389  1.00 47.94 ? 42  VAL A N   1 
ATOM   260 C CA  . VAL A 1 42  ? 27.107  10.414  10.474  1.00 48.10 ? 42  VAL A CA  1 
ATOM   261 C C   . VAL A 1 42  ? 28.380  9.702   10.895  1.00 48.20 ? 42  VAL A C   1 
ATOM   262 O O   . VAL A 1 42  ? 28.472  8.474   10.817  1.00 48.11 ? 42  VAL A O   1 
ATOM   263 C CB  . VAL A 1 42  ? 27.235  10.826  8.975   1.00 48.23 ? 42  VAL A CB  1 
ATOM   264 C CG1 . VAL A 1 42  ? 27.248  9.576   8.063   1.00 47.97 ? 42  VAL A CG1 1 
ATOM   265 C CG2 . VAL A 1 42  ? 26.125  11.786  8.550   1.00 48.21 ? 42  VAL A CG2 1 
ATOM   266 N N   . PHE A 1 43  ? 29.347  10.497  11.352  1.00 48.53 ? 43  PHE A N   1 
ATOM   267 C CA  . PHE A 1 43  ? 30.680  10.015  11.741  1.00 48.85 ? 43  PHE A CA  1 
ATOM   268 C C   . PHE A 1 43  ? 30.693  9.047   12.946  1.00 48.77 ? 43  PHE A C   1 
ATOM   269 O O   . PHE A 1 43  ? 29.724  8.937   13.707  1.00 48.53 ? 43  PHE A O   1 
ATOM   270 C CB  . PHE A 1 43  ? 31.620  11.210  11.988  1.00 49.01 ? 43  PHE A CB  1 
ATOM   271 C CG  . PHE A 1 43  ? 31.214  12.073  13.155  1.00 49.39 ? 43  PHE A CG  1 
ATOM   272 C CD1 . PHE A 1 43  ? 31.646  11.768  14.450  1.00 49.69 ? 43  PHE A CD1 1 
ATOM   273 C CD2 . PHE A 1 43  ? 30.401  13.187  12.965  1.00 49.26 ? 43  PHE A CD2 1 
ATOM   274 C CE1 . PHE A 1 43  ? 31.270  12.558  15.536  1.00 49.57 ? 43  PHE A CE1 1 
ATOM   275 C CE2 . PHE A 1 43  ? 30.023  13.986  14.045  1.00 49.46 ? 43  PHE A CE2 1 
ATOM   276 C CZ  . PHE A 1 43  ? 30.460  13.669  15.333  1.00 49.54 ? 43  PHE A CZ  1 
ATOM   277 N N   . LEU A 1 62  ? 16.095  17.832  17.484  1.00 49.74 ? 62  LEU A N   1 
ATOM   278 C CA  . LEU A 1 62  ? 14.659  17.643  17.309  1.00 49.71 ? 62  LEU A CA  1 
ATOM   279 C C   . LEU A 1 62  ? 14.361  16.891  16.012  1.00 49.75 ? 62  LEU A C   1 
ATOM   280 O O   . LEU A 1 62  ? 13.449  16.059  15.965  1.00 49.98 ? 62  LEU A O   1 
ATOM   281 C CB  . LEU A 1 62  ? 13.923  18.992  17.369  1.00 49.60 ? 62  LEU A CB  1 
ATOM   282 C CG  . LEU A 1 62  ? 13.663  19.547  18.781  1.00 49.54 ? 62  LEU A CG  1 
ATOM   283 C CD1 . LEU A 1 62  ? 14.054  21.012  18.898  1.00 49.08 ? 62  LEU A CD1 1 
ATOM   284 C CD2 . LEU A 1 62  ? 12.215  19.337  19.228  1.00 49.58 ? 62  LEU A CD2 1 
ATOM   285 N N   . ARG A 1 63  ? 15.154  17.161  14.978  1.00 49.67 ? 63  ARG A N   1 
ATOM   286 C CA  . ARG A 1 63  ? 14.925  16.582  13.656  1.00 49.63 ? 63  ARG A CA  1 
ATOM   287 C C   . ARG A 1 63  ? 15.192  15.073  13.561  1.00 49.42 ? 63  ARG A C   1 
ATOM   288 O O   . ARG A 1 63  ? 14.258  14.294  13.726  1.00 49.27 ? 63  ARG A O   1 
ATOM   289 C CB  . ARG A 1 63  ? 15.663  17.374  12.569  1.00 49.73 ? 63  ARG A CB  1 
ATOM   290 C CG  . ARG A 1 63  ? 14.796  18.422  11.841  1.00 50.48 ? 63  ARG A CG  1 
ATOM   291 C CD  . ARG A 1 63  ? 14.382  19.592  12.744  1.00 51.17 ? 63  ARG A CD  1 
ATOM   292 N NE  . ARG A 1 63  ? 14.203  20.845  12.004  1.00 51.05 ? 63  ARG A NE  1 
ATOM   293 C CZ  . ARG A 1 63  ? 15.191  21.672  11.657  1.00 51.16 ? 63  ARG A CZ  1 
ATOM   294 N NH1 . ARG A 1 63  ? 16.460  21.398  11.959  1.00 51.51 ? 63  ARG A NH1 1 
ATOM   295 N NH2 . ARG A 1 63  ? 14.910  22.783  10.997  1.00 50.64 ? 63  ARG A NH2 1 
ATOM   296 N N   . THR A 1 64  ? 16.445  14.674  13.314  1.00 49.33 ? 64  THR A N   1 
ATOM   297 C CA  . THR A 1 64  ? 16.790  13.280  12.938  1.00 49.25 ? 64  THR A CA  1 
ATOM   298 C C   . THR A 1 64  ? 15.635  12.298  13.117  1.00 49.14 ? 64  THR A C   1 
ATOM   299 O O   . THR A 1 64  ? 14.851  12.062  12.189  1.00 49.05 ? 64  THR A O   1 
ATOM   300 C CB  . THR A 1 64  ? 18.025  12.717  13.696  1.00 49.23 ? 64  THR A CB  1 
ATOM   301 O OG1 . THR A 1 64  ? 17.986  13.133  15.069  1.00 49.03 ? 64  THR A OG1 1 
ATOM   302 C CG2 . THR A 1 64  ? 19.320  13.167  13.048  1.00 49.35 ? 64  THR A CG2 1 
ATOM   303 N N   . ASP A 1 65  ? 15.541  11.739  14.320  1.00 48.93 ? 65  ASP A N   1 
ATOM   304 C CA  . ASP A 1 65  ? 14.472  10.816  14.661  1.00 48.78 ? 65  ASP A CA  1 
ATOM   305 C C   . ASP A 1 65  ? 13.124  11.295  14.131  1.00 48.61 ? 65  ASP A C   1 
ATOM   306 O O   . ASP A 1 65  ? 12.554  10.626  13.295  1.00 48.59 ? 65  ASP A O   1 
ATOM   307 C CB  . ASP A 1 65  ? 14.433  10.485  16.168  1.00 48.82 ? 65  ASP A CB  1 
ATOM   308 C CG  . ASP A 1 65  ? 14.874  11.645  17.055  1.00 49.21 ? 65  ASP A CG  1 
ATOM   309 O OD1 . ASP A 1 65  ? 15.713  12.469  16.620  1.00 50.57 ? 65  ASP A OD1 1 
ATOM   310 O OD2 . ASP A 1 65  ? 14.389  11.719  18.207  1.00 48.88 ? 65  ASP A OD2 1 
ATOM   311 N N   . GLU A 1 66  ? 12.646  12.464  14.559  1.00 48.66 ? 66  GLU A N   1 
ATOM   312 C CA  . GLU A 1 66  ? 11.320  12.964  14.119  1.00 48.62 ? 66  GLU A CA  1 
ATOM   313 C C   . GLU A 1 66  ? 11.209  13.437  12.644  1.00 48.78 ? 66  GLU A C   1 
ATOM   314 O O   . GLU A 1 66  ? 10.122  13.825  12.201  1.00 48.86 ? 66  GLU A O   1 
ATOM   315 C CB  . GLU A 1 66  ? 10.734  14.015  15.092  1.00 48.37 ? 66  GLU A CB  1 
ATOM   316 C CG  . GLU A 1 66  ? 10.241  13.473  16.465  1.00 47.40 ? 66  GLU A CG  1 
ATOM   317 C CD  . GLU A 1 66  ? 8.977   12.576  16.417  1.00 45.78 ? 66  GLU A CD  1 
ATOM   318 O OE1 . GLU A 1 66  ? 8.727   11.862  17.416  1.00 44.06 ? 66  GLU A OE1 1 
ATOM   319 O OE2 . GLU A 1 66  ? 8.232   12.577  15.412  1.00 45.16 ? 66  GLU A OE2 1 
ATOM   320 N N   . LYS A 1 67  ? 12.311  13.414  11.892  1.00 48.82 ? 67  LYS A N   1 
ATOM   321 C CA  . LYS A 1 67  ? 12.224  13.499  10.426  1.00 48.95 ? 67  LYS A CA  1 
ATOM   322 C C   . LYS A 1 67  ? 12.228  12.084  9.838   1.00 48.86 ? 67  LYS A C   1 
ATOM   323 O O   . LYS A 1 67  ? 11.367  11.738  9.019   1.00 48.98 ? 67  LYS A O   1 
ATOM   324 C CB  . LYS A 1 67  ? 13.335  14.383  9.845   1.00 49.19 ? 67  LYS A CB  1 
ATOM   325 C CG  . LYS A 1 67  ? 14.121  13.797  8.653   1.00 50.10 ? 67  LYS A CG  1 
ATOM   326 C CD  . LYS A 1 67  ? 13.544  14.114  7.254   1.00 50.64 ? 67  LYS A CD  1 
ATOM   327 C CE  . LYS A 1 67  ? 14.633  13.907  6.174   1.00 49.92 ? 67  LYS A CE  1 
ATOM   328 N NZ  . LYS A 1 67  ? 14.125  13.591  4.807   1.00 49.66 ? 67  LYS A NZ  1 
ATOM   329 N N   . VAL A 1 68  ? 13.197  11.279  10.270  1.00 48.55 ? 68  VAL A N   1 
ATOM   330 C CA  . VAL A 1 68  ? 13.217  9.844   10.010  1.00 48.36 ? 68  VAL A CA  1 
ATOM   331 C C   . VAL A 1 68  ? 11.897  9.201   10.463  1.00 48.21 ? 68  VAL A C   1 
ATOM   332 O O   . VAL A 1 68  ? 11.248  8.507   9.682   1.00 48.09 ? 68  VAL A O   1 
ATOM   333 C CB  . VAL A 1 68  ? 14.440  9.181   10.720  1.00 48.54 ? 68  VAL A CB  1 
ATOM   334 C CG1 . VAL A 1 68  ? 14.188  7.700   11.056  1.00 48.24 ? 68  VAL A CG1 1 
ATOM   335 C CG2 . VAL A 1 68  ? 15.716  9.361   9.893   1.00 48.65 ? 68  VAL A CG2 1 
ATOM   336 N N   . GLU A 1 69  ? 11.509  9.462   11.718  1.00 48.16 ? 69  GLU A N   1 
ATOM   337 C CA  . GLU A 1 69  ? 10.246  8.992   12.317  1.00 48.07 ? 69  GLU A CA  1 
ATOM   338 C C   . GLU A 1 69  ? 9.051   9.354   11.476  1.00 47.83 ? 69  GLU A C   1 
ATOM   339 O O   . GLU A 1 69  ? 7.946   8.838   11.697  1.00 47.85 ? 69  GLU A O   1 
ATOM   340 C CB  . GLU A 1 69  ? 10.028  9.594   13.698  1.00 48.06 ? 69  GLU A CB  1 
ATOM   341 C CG  . GLU A 1 69  ? 10.267  8.638   14.827  1.00 49.08 ? 69  GLU A CG  1 
ATOM   342 C CD  . GLU A 1 69  ? 10.206  9.322   16.175  1.00 50.52 ? 69  GLU A CD  1 
ATOM   343 O OE1 . GLU A 1 69  ? 11.092  10.169  16.442  1.00 51.20 ? 69  GLU A OE1 1 
ATOM   344 O OE2 . GLU A 1 69  ? 9.281   9.010   16.963  1.00 50.43 ? 69  GLU A OE2 1 
ATOM   345 N N   . ARG A 1 70  ? 9.260   10.277  10.545  1.00 47.29 ? 70  ARG A N   1 
ATOM   346 C CA  . ARG A 1 70  ? 8.280   10.466  9.510   1.00 46.84 ? 70  ARG A CA  1 
ATOM   347 C C   . ARG A 1 70  ? 8.726   9.680   8.292   1.00 46.48 ? 70  ARG A C   1 
ATOM   348 O O   . ARG A 1 70  ? 8.015   8.780   7.865   1.00 46.56 ? 70  ARG A O   1 
ATOM   349 C CB  . ARG A 1 70  ? 8.010   11.942  9.215   1.00 46.90 ? 70  ARG A CB  1 
ATOM   350 C CG  . ARG A 1 70  ? 6.506   12.251  9.025   1.00 46.66 ? 70  ARG A CG  1 
ATOM   351 C CD  . ARG A 1 70  ? 5.648   11.854  10.248  1.00 45.57 ? 70  ARG A CD  1 
ATOM   352 N NE  . ARG A 1 70  ? 4.238   11.677  9.893   1.00 45.07 ? 70  ARG A NE  1 
ATOM   353 C CZ  . ARG A 1 70  ? 3.407   10.798  10.461  1.00 44.57 ? 70  ARG A CZ  1 
ATOM   354 N NH1 . ARG A 1 70  ? 3.811   9.992   11.433  1.00 43.91 ? 70  ARG A NH1 1 
ATOM   355 N NH2 . ARG A 1 70  ? 2.158   10.721  10.045  1.00 43.60 ? 70  ARG A NH2 1 
ATOM   356 N N   . VAL A 1 71  ? 9.925   9.965   7.787   1.00 45.91 ? 71  VAL A N   1 
ATOM   357 C CA  . VAL A 1 71  ? 10.397  9.358   6.532   1.00 45.58 ? 71  VAL A CA  1 
ATOM   358 C C   . VAL A 1 71  ? 10.465  7.816   6.522   1.00 45.15 ? 71  VAL A C   1 
ATOM   359 O O   . VAL A 1 71  ? 9.668   7.189   5.822   1.00 45.19 ? 71  VAL A O   1 
ATOM   360 C CB  . VAL A 1 71  ? 11.714  10.004  6.023   1.00 45.86 ? 71  VAL A CB  1 
ATOM   361 C CG1 . VAL A 1 71  ? 12.379  9.138   4.933   1.00 45.84 ? 71  VAL A CG1 1 
ATOM   362 C CG2 . VAL A 1 71  ? 11.441  11.434  5.513   1.00 45.44 ? 71  VAL A CG2 1 
ATOM   363 N N   . ARG A 1 72  ? 11.396  7.216   7.271   1.00 44.48 ? 72  ARG A N   1 
ATOM   364 C CA  . ARG A 1 72  ? 11.495  5.748   7.345   1.00 43.84 ? 72  ARG A CA  1 
ATOM   365 C C   . ARG A 1 72  ? 10.132  5.159   7.640   1.00 43.15 ? 72  ARG A C   1 
ATOM   366 O O   . ARG A 1 72  ? 9.655   4.271   6.934   1.00 42.83 ? 72  ARG A O   1 
ATOM   367 C CB  . ARG A 1 72  ? 12.460  5.308   8.447   1.00 44.13 ? 72  ARG A CB  1 
ATOM   368 C CG  . ARG A 1 72  ? 13.940  5.500   8.136   1.00 44.94 ? 72  ARG A CG  1 
ATOM   369 C CD  . ARG A 1 72  ? 14.589  4.307   7.424   1.00 45.62 ? 72  ARG A CD  1 
ATOM   370 N NE  . ARG A 1 72  ? 15.563  4.816   6.460   1.00 46.29 ? 72  ARG A NE  1 
ATOM   371 C CZ  . ARG A 1 72  ? 16.869  4.922   6.673   1.00 46.37 ? 72  ARG A CZ  1 
ATOM   372 N NH1 . ARG A 1 72  ? 17.412  4.521   7.816   1.00 46.47 ? 72  ARG A NH1 1 
ATOM   373 N NH2 . ARG A 1 72  ? 17.639  5.429   5.722   1.00 46.70 ? 72  ARG A NH2 1 
ATOM   374 N N   . ARG A 1 73  ? 9.515   5.709   8.681   1.00 42.56 ? 73  ARG A N   1 
ATOM   375 C CA  . ARG A 1 73  ? 8.216   5.285   9.198   1.00 42.13 ? 73  ARG A CA  1 
ATOM   376 C C   . ARG A 1 73  ? 7.065   5.512   8.201   1.00 41.23 ? 73  ARG A C   1 
ATOM   377 O O   . ARG A 1 73  ? 5.978   4.895   8.286   1.00 40.95 ? 73  ARG A O   1 
ATOM   378 C CB  . ARG A 1 73  ? 7.948   6.005   10.528  1.00 42.36 ? 73  ARG A CB  1 
ATOM   379 C CG  . ARG A 1 73  ? 8.894   5.585   11.661  1.00 43.42 ? 73  ARG A CG  1 
ATOM   380 C CD  . ARG A 1 73  ? 8.286   5.796   13.046  1.00 45.09 ? 73  ARG A CD  1 
ATOM   381 N NE  . ARG A 1 73  ? 9.167   5.274   14.095  1.00 46.58 ? 73  ARG A NE  1 
ATOM   382 C CZ  . ARG A 1 73  ? 8.985   5.421   15.410  1.00 46.81 ? 73  ARG A CZ  1 
ATOM   383 N NH1 . ARG A 1 73  ? 7.931   6.069   15.896  1.00 46.75 ? 73  ARG A NH1 1 
ATOM   384 N NH2 . ARG A 1 73  ? 9.875   4.913   16.247  1.00 46.81 ? 73  ARG A NH2 1 
ATOM   385 N N   . ALA A 1 74  ? 7.330   6.407   7.254   1.00 39.99 ? 74  ALA A N   1 
ATOM   386 C CA  . ALA A 1 74  ? 6.416   6.662   6.156   1.00 38.65 ? 74  ALA A CA  1 
ATOM   387 C C   . ALA A 1 74  ? 6.780   5.822   4.918   1.00 37.56 ? 74  ALA A C   1 
ATOM   388 O O   . ALA A 1 74  ? 5.887   5.239   4.291   1.00 37.67 ? 74  ALA A O   1 
ATOM   389 C CB  . ALA A 1 74  ? 6.379   8.144   5.840   1.00 38.67 ? 74  ALA A CB  1 
ATOM   390 N N   . HIS A 1 75  ? 8.069   5.751   4.576   1.00 35.75 ? 75  HIS A N   1 
ATOM   391 C CA  . HIS A 1 75  ? 8.514   4.889   3.489   1.00 34.14 ? 75  HIS A CA  1 
ATOM   392 C C   . HIS A 1 75  ? 8.327   3.413   3.825   1.00 33.02 ? 75  HIS A C   1 
ATOM   393 O O   . HIS A 1 75  ? 8.348   2.562   2.932   1.00 33.16 ? 75  HIS A O   1 
ATOM   394 C CB  . HIS A 1 75  ? 9.971   5.149   3.118   1.00 34.38 ? 75  HIS A CB  1 
ATOM   395 C CG  . HIS A 1 75  ? 10.669  3.955   2.530   1.00 35.25 ? 75  HIS A CG  1 
ATOM   396 N ND1 . HIS A 1 75  ? 10.729  3.720   1.172   1.00 35.13 ? 75  HIS A ND1 1 
ATOM   397 C CD2 . HIS A 1 75  ? 11.320  2.919   3.121   1.00 35.46 ? 75  HIS A CD2 1 
ATOM   398 C CE1 . HIS A 1 75  ? 11.392  2.596   0.953   1.00 35.88 ? 75  HIS A CE1 1 
ATOM   399 N NE2 . HIS A 1 75  ? 11.759  2.089   2.117   1.00 35.49 ? 75  HIS A NE2 1 
ATOM   400 N N   . LEU A 1 76  ? 8.150   3.091   5.098   1.00 31.40 ? 76  LEU A N   1 
ATOM   401 C CA  . LEU A 1 76  ? 7.918   1.698   5.452   1.00 29.89 ? 76  LEU A CA  1 
ATOM   402 C C   . LEU A 1 76  ? 6.523   1.245   5.071   1.00 29.13 ? 76  LEU A C   1 
ATOM   403 O O   . LEU A 1 76  ? 6.366   0.132   4.581   1.00 28.82 ? 76  LEU A O   1 
ATOM   404 C CB  . LEU A 1 76  ? 8.207   1.414   6.935   1.00 29.75 ? 76  LEU A CB  1 
ATOM   405 C CG  . LEU A 1 76  ? 9.581   0.824   7.280   1.00 28.49 ? 76  LEU A CG  1 
ATOM   406 C CD1 . LEU A 1 76  ? 10.139  1.346   8.600   1.00 27.60 ? 76  LEU A CD1 1 
ATOM   407 C CD2 . LEU A 1 76  ? 9.517   -0.682  7.288   1.00 27.26 ? 76  LEU A CD2 1 
ATOM   408 N N   . ASN A 1 77  ? 5.530   2.120   5.260   1.00 28.37 ? 77  ASN A N   1 
ATOM   409 C CA  . ASN A 1 77  ? 4.110   1.692   5.281   1.00 27.81 ? 77  ASN A CA  1 
ATOM   410 C C   . ASN A 1 77  ? 3.262   1.873   4.012   1.00 26.94 ? 77  ASN A C   1 
ATOM   411 O O   . ASN A 1 77  ? 2.255   1.186   3.818   1.00 26.64 ? 77  ASN A O   1 
ATOM   412 C CB  . ASN A 1 77  ? 3.364   2.243   6.496   1.00 27.94 ? 77  ASN A CB  1 
ATOM   413 C CG  . ASN A 1 77  ? 2.246   1.319   6.928   1.00 28.90 ? 77  ASN A CG  1 
ATOM   414 O OD1 . ASN A 1 77  ? 2.501   0.170   7.349   1.00 30.36 ? 77  ASN A OD1 1 
ATOM   415 N ND2 . ASN A 1 77  ? 1.001   1.791   6.796   1.00 28.99 ? 77  ASN A ND2 1 
ATOM   416 N N   . ASP A 1 78  ? 3.654   2.834   3.189   1.00 25.91 ? 78  ASP A N   1 
ATOM   417 C CA  . ASP A 1 78  ? 3.354   2.817   1.779   1.00 25.10 ? 78  ASP A CA  1 
ATOM   418 C C   . ASP A 1 78  ? 3.684   1.427   1.262   1.00 24.57 ? 78  ASP A C   1 
ATOM   419 O O   . ASP A 1 78  ? 2.844   0.738   0.685   1.00 24.64 ? 78  ASP A O   1 
ATOM   420 C CB  . ASP A 1 78  ? 4.325   3.774   1.111   1.00 25.44 ? 78  ASP A CB  1 
ATOM   421 C CG  . ASP A 1 78  ? 5.772   3.570   1.598   1.00 25.62 ? 78  ASP A CG  1 
ATOM   422 O OD1 . ASP A 1 78  ? 5.946   2.884   2.637   1.00 24.86 ? 78  ASP A OD1 1 
ATOM   423 O OD2 . ASP A 1 78  ? 6.723   4.081   0.950   1.00 25.08 ? 78  ASP A OD2 1 
ATOM   424 N N   . LEU A 1 79  ? 4.929   1.030   1.536   1.00 23.76 ? 79  LEU A N   1 
ATOM   425 C CA  . LEU A 1 79  ? 5.589   -0.170  1.039   1.00 22.79 ? 79  LEU A CA  1 
ATOM   426 C C   . LEU A 1 79  ? 4.871   -1.475  1.359   1.00 22.02 ? 79  LEU A C   1 
ATOM   427 O O   . LEU A 1 79  ? 4.040   -1.923  0.572   1.00 21.84 ? 79  LEU A O   1 
ATOM   428 C CB  . LEU A 1 79  ? 7.007   -0.203  1.600   1.00 22.80 ? 79  LEU A CB  1 
ATOM   429 C CG  . LEU A 1 79  ? 8.012   -1.199  1.044   1.00 23.63 ? 79  LEU A CG  1 
ATOM   430 C CD1 . LEU A 1 79  ? 7.879   -1.335  -0.470  1.00 24.34 ? 79  LEU A CD1 1 
ATOM   431 C CD2 . LEU A 1 79  ? 9.410   -0.750  1.444   1.00 24.41 ? 79  LEU A CD2 1 
ATOM   432 N N   . GLU A 1 80  ? 5.198   -2.075  2.507   1.00 21.12 ? 80  GLU A N   1 
ATOM   433 C CA  . GLU A 1 80  ? 4.646   -3.387  2.883   1.00 20.18 ? 80  GLU A CA  1 
ATOM   434 C C   . GLU A 1 80  ? 3.143   -3.490  2.607   1.00 19.57 ? 80  GLU A C   1 
ATOM   435 O O   . GLU A 1 80  ? 2.703   -4.463  1.992   1.00 19.78 ? 80  GLU A O   1 
ATOM   436 C CB  . GLU A 1 80  ? 5.047   -3.850  4.312   1.00 20.01 ? 80  GLU A CB  1 
ATOM   437 C CG  . GLU A 1 80  ? 4.664   -2.919  5.460   1.00 19.55 ? 80  GLU A CG  1 
ATOM   438 C CD  . GLU A 1 80  ? 5.778   -2.777  6.486   1.00 19.09 ? 80  GLU A CD  1 
ATOM   439 O OE1 . GLU A 1 80  ? 6.862   -2.262  6.131   1.00 18.48 ? 80  GLU A OE1 1 
ATOM   440 O OE2 . GLU A 1 80  ? 5.566   -3.162  7.655   1.00 19.11 ? 80  GLU A OE2 1 
ATOM   441 N N   . ASN A 1 81  ? 2.359   -2.491  3.002   1.00 18.53 ? 81  ASN A N   1 
ATOM   442 C CA  . ASN A 1 81  ? 0.935   -2.529  2.668   1.00 17.58 ? 81  ASN A CA  1 
ATOM   443 C C   . ASN A 1 81  ? 0.687   -2.974  1.216   1.00 16.64 ? 81  ASN A C   1 
ATOM   444 O O   . ASN A 1 81  ? -0.468  -3.194  0.820   1.00 16.30 ? 81  ASN A O   1 
ATOM   445 C CB  . ASN A 1 81  ? 0.236   -1.195  2.969   1.00 17.82 ? 81  ASN A CB  1 
ATOM   446 C CG  . ASN A 1 81  ? -0.322  -1.143  4.371   1.00 17.99 ? 81  ASN A CG  1 
ATOM   447 O OD1 . ASN A 1 81  ? -1.526  -1.228  4.562   1.00 18.26 ? 81  ASN A OD1 1 
ATOM   448 N ND2 . ASN A 1 81  ? 0.554   -1.044  5.363   1.00 19.15 ? 81  ASN A ND2 1 
ATOM   449 N N   . ILE A 1 82  ? 1.786   -3.097  0.452   1.00 15.20 ? 82  ILE A N   1 
ATOM   450 C CA  . ILE A 1 82  ? 1.798   -3.590  -0.936  1.00 13.48 ? 82  ILE A CA  1 
ATOM   451 C C   . ILE A 1 82  ? 2.477   -4.942  -1.031  1.00 12.63 ? 82  ILE A C   1 
ATOM   452 O O   . ILE A 1 82  ? 1.910   -5.854  -1.597  1.00 12.13 ? 82  ILE A O   1 
ATOM   453 C CB  . ILE A 1 82  ? 2.494   -2.588  -1.917  1.00 13.22 ? 82  ILE A CB  1 
ATOM   454 C CG1 . ILE A 1 82  ? 1.516   -1.507  -2.398  1.00 11.74 ? 82  ILE A CG1 1 
ATOM   455 C CG2 . ILE A 1 82  ? 3.092   -3.321  -3.124  1.00 12.95 ? 82  ILE A CG2 1 
ATOM   456 C CD1 . ILE A 1 82  ? 1.258   -0.400  -1.419  1.00 8.78  ? 82  ILE A CD1 1 
ATOM   457 N N   . VAL A 1 83  ? 3.678   -5.054  -0.457  1.00 12.11 ? 83  VAL A N   1 
ATOM   458 C CA  . VAL A 1 83  ? 4.560   -6.220  -0.647  1.00 11.68 ? 83  VAL A CA  1 
ATOM   459 C C   . VAL A 1 83  ? 3.803   -7.555  -0.724  1.00 12.09 ? 83  VAL A C   1 
ATOM   460 O O   . VAL A 1 83  ? 3.962   -8.275  -1.728  1.00 12.58 ? 83  VAL A O   1 
ATOM   461 C CB  . VAL A 1 83  ? 5.698   -6.346  0.404   1.00 11.29 ? 83  VAL A CB  1 
ATOM   462 C CG1 . VAL A 1 83  ? 6.979   -6.763  -0.288  1.00 11.17 ? 83  VAL A CG1 1 
ATOM   463 C CG2 . VAL A 1 83  ? 5.916   -5.077  1.142   1.00 10.38 ? 83  VAL A CG2 1 
ATOM   464 N N   . PRO A 1 84  ? 3.036   -7.925  0.343   1.00 12.00 ? 84  PRO A N   1 
ATOM   465 C CA  . PRO A 1 84  ? 2.008   -8.952  0.143   1.00 12.08 ? 84  PRO A CA  1 
ATOM   466 C C   . PRO A 1 84  ? 0.873   -8.449  -0.751  1.00 12.26 ? 84  PRO A C   1 
ATOM   467 O O   . PRO A 1 84  ? 0.770   -8.876  -1.906  1.00 12.07 ? 84  PRO A O   1 
ATOM   468 C CB  . PRO A 1 84  ? 1.494   -9.223  1.562   1.00 12.10 ? 84  PRO A CB  1 
ATOM   469 C CG  . PRO A 1 84  ? 1.849   -7.997  2.349   1.00 11.74 ? 84  PRO A CG  1 
ATOM   470 C CD  . PRO A 1 84  ? 3.125   -7.519  1.762   1.00 11.87 ? 84  PRO A CD  1 
ATOM   471 N N   . PHE A 1 85  ? 0.076   -7.523  -0.210  1.00 12.46 ? 85  PHE A N   1 
ATOM   472 C CA  . PHE A 1 85  ? -1.144  -6.987  -0.819  1.00 12.90 ? 85  PHE A CA  1 
ATOM   473 C C   . PHE A 1 85  ? -1.180  -7.035  -2.336  1.00 13.49 ? 85  PHE A C   1 
ATOM   474 O O   . PHE A 1 85  ? -2.118  -7.578  -2.936  1.00 13.40 ? 85  PHE A O   1 
ATOM   475 C CB  . PHE A 1 85  ? -1.355  -5.535  -0.375  1.00 12.84 ? 85  PHE A CB  1 
ATOM   476 C CG  . PHE A 1 85  ? -2.592  -4.889  -0.958  1.00 12.20 ? 85  PHE A CG  1 
ATOM   477 C CD1 . PHE A 1 85  ? -3.811  -4.945  -0.278  1.00 11.07 ? 85  PHE A CD1 1 
ATOM   478 C CD2 . PHE A 1 85  ? -2.541  -4.238  -2.188  1.00 10.99 ? 85  PHE A CD2 1 
ATOM   479 C CE1 . PHE A 1 85  ? -4.950  -4.362  -0.805  1.00 10.92 ? 85  PHE A CE1 1 
ATOM   480 C CE2 . PHE A 1 85  ? -3.681  -3.649  -2.720  1.00 11.11 ? 85  PHE A CE2 1 
ATOM   481 C CZ  . PHE A 1 85  ? -4.886  -3.713  -2.030  1.00 11.51 ? 85  PHE A CZ  1 
ATOM   482 N N   . LEU A 1 86  ? -0.160  -6.420  -2.933  1.00 14.15 ? 86  LEU A N   1 
ATOM   483 C CA  . LEU A 1 86  ? -0.014  -6.317  -4.379  1.00 14.19 ? 86  LEU A CA  1 
ATOM   484 C C   . LEU A 1 86  ? 0.637   -7.554  -5.002  1.00 14.21 ? 86  LEU A C   1 
ATOM   485 O O   . LEU A 1 86  ? 0.162   -8.054  -6.016  1.00 14.18 ? 86  LEU A O   1 
ATOM   486 C CB  . LEU A 1 86  ? 0.803   -5.087  -4.716  1.00 13.87 ? 86  LEU A CB  1 
ATOM   487 C CG  . LEU A 1 86  ? 0.521   -4.694  -6.145  1.00 13.62 ? 86  LEU A CG  1 
ATOM   488 C CD1 . LEU A 1 86  ? -0.644  -3.703  -6.225  1.00 13.03 ? 86  LEU A CD1 1 
ATOM   489 C CD2 . LEU A 1 86  ? 1.789   -4.112  -6.652  1.00 14.19 ? 86  LEU A CD2 1 
ATOM   490 N N   . GLY A 1 87  ? 1.722   -8.032  -4.404  1.00 14.16 ? 87  GLY A N   1 
ATOM   491 C CA  . GLY A 1 87  ? 2.278   -9.310  -4.791  1.00 14.87 ? 87  GLY A CA  1 
ATOM   492 C C   . GLY A 1 87  ? 1.132   -10.282 -4.992  1.00 15.29 ? 87  GLY A C   1 
ATOM   493 O O   . GLY A 1 87  ? 0.811   -10.676 -6.119  1.00 15.21 ? 87  GLY A O   1 
ATOM   494 N N   . ILE A 1 88  ? 0.487   -10.648 -3.898  1.00 15.93 ? 88  ILE A N   1 
ATOM   495 C CA  . ILE A 1 88  ? -0.768  -11.395 -3.988  1.00 17.03 ? 88  ILE A CA  1 
ATOM   496 C C   . ILE A 1 88  ? -1.728  -10.752 -5.035  1.00 17.48 ? 88  ILE A C   1 
ATOM   497 O O   . ILE A 1 88  ? -2.379  -11.469 -5.805  1.00 17.95 ? 88  ILE A O   1 
ATOM   498 C CB  . ILE A 1 88  ? -1.469  -11.532 -2.596  1.00 16.94 ? 88  ILE A CB  1 
ATOM   499 C CG1 . ILE A 1 88  ? -2.209  -10.239 -2.248  1.00 18.42 ? 88  ILE A CG1 1 
ATOM   500 C CG2 . ILE A 1 88  ? -0.473  -11.850 -1.514  1.00 16.60 ? 88  ILE A CG2 1 
ATOM   501 C CD1 . ILE A 1 88  ? -2.223  -9.874  -0.782  1.00 20.05 ? 88  ILE A CD1 1 
ATOM   502 N N   . GLY A 1 89  ? -1.786  -9.415  -5.072  1.00 17.45 ? 89  GLY A N   1 
ATOM   503 C CA  . GLY A 1 89  ? -2.701  -8.676  -5.939  1.00 17.41 ? 89  GLY A CA  1 
ATOM   504 C C   . GLY A 1 89  ? -2.754  -9.223  -7.350  1.00 17.71 ? 89  GLY A C   1 
ATOM   505 O O   . GLY A 1 89  ? -3.795  -9.140  -8.013  1.00 17.73 ? 89  GLY A O   1 
ATOM   506 N N   . LEU A 1 90  ? -1.628  -9.775  -7.809  1.00 17.76 ? 90  LEU A N   1 
ATOM   507 C CA  . LEU A 1 90  ? -1.580  -10.454 -9.097  1.00 18.00 ? 90  LEU A CA  1 
ATOM   508 C C   . LEU A 1 90  ? -1.601  -11.925 -8.892  1.00 18.34 ? 90  LEU A C   1 
ATOM   509 O O   . LEU A 1 90  ? -2.317  -12.621 -9.590  1.00 18.17 ? 90  LEU A O   1 
ATOM   510 C CB  . LEU A 1 90  ? -0.314  -10.121 -9.878  1.00 17.89 ? 90  LEU A CB  1 
ATOM   511 C CG  . LEU A 1 90  ? -0.163  -8.719  -10.435 1.00 17.81 ? 90  LEU A CG  1 
ATOM   512 C CD1 . LEU A 1 90  ? 0.876   -8.766  -11.528 1.00 17.15 ? 90  LEU A CD1 1 
ATOM   513 C CD2 . LEU A 1 90  ? -1.503  -8.174  -10.947 1.00 17.91 ? 90  LEU A CD2 1 
ATOM   514 N N   . LEU A 1 91  ? -0.794  -12.383 -7.934  1.00 19.25 ? 91  LEU A N   1 
ATOM   515 C CA  . LEU A 1 91  ? -0.516  -13.803 -7.689  1.00 20.46 ? 91  LEU A CA  1 
ATOM   516 C C   . LEU A 1 91  ? -1.759  -14.642 -7.923  1.00 21.34 ? 91  LEU A C   1 
ATOM   517 O O   . LEU A 1 91  ? -1.698  -15.859 -8.115  1.00 21.35 ? 91  LEU A O   1 
ATOM   518 C CB  . LEU A 1 91  ? -0.023  -13.967 -6.250  1.00 20.56 ? 91  LEU A CB  1 
ATOM   519 C CG  . LEU A 1 91  ? 1.124   -14.886 -5.796  1.00 20.56 ? 91  LEU A CG  1 
ATOM   520 C CD1 . LEU A 1 91  ? 2.315   -14.957 -6.743  1.00 19.87 ? 91  LEU A CD1 1 
ATOM   521 C CD2 . LEU A 1 91  ? 1.585   -14.426 -4.409  1.00 20.22 ? 91  LEU A CD2 1 
ATOM   522 N N   . TYR A 1 92  ? -2.878  -13.933 -7.937  1.00 22.61 ? 92  TYR A N   1 
ATOM   523 C CA  . TYR A 1 92  ? -4.203  -14.469 -8.097  1.00 23.88 ? 92  TYR A CA  1 
ATOM   524 C C   . TYR A 1 92  ? -4.736  -14.260 -9.503  1.00 23.72 ? 92  TYR A C   1 
ATOM   525 O O   . TYR A 1 92  ? -5.051  -15.231 -10.200 1.00 24.06 ? 92  TYR A O   1 
ATOM   526 C CB  . TYR A 1 92  ? -5.091  -13.727 -7.133  1.00 25.16 ? 92  TYR A CB  1 
ATOM   527 C CG  . TYR A 1 92  ? -4.666  -13.918 -5.705  1.00 27.44 ? 92  TYR A CG  1 
ATOM   528 C CD1 . TYR A 1 92  ? -4.145  -12.857 -4.948  1.00 28.36 ? 92  TYR A CD1 1 
ATOM   529 C CD2 . TYR A 1 92  ? -4.793  -15.164 -5.096  1.00 28.99 ? 92  TYR A CD2 1 
ATOM   530 C CE1 . TYR A 1 92  ? -3.775  -13.040 -3.603  1.00 29.33 ? 92  TYR A CE1 1 
ATOM   531 C CE2 . TYR A 1 92  ? -4.444  -15.354 -3.759  1.00 30.07 ? 92  TYR A CE2 1 
ATOM   532 C CZ  . TYR A 1 92  ? -3.924  -14.300 -3.018  1.00 29.92 ? 92  TYR A CZ  1 
ATOM   533 O OH  . TYR A 1 92  ? -3.562  -14.540 -1.707  1.00 29.34 ? 92  TYR A OH  1 
ATOM   534 N N   . SER A 1 93  ? -4.832  -12.991 -9.907  1.00 23.22 ? 93  SER A N   1 
ATOM   535 C CA  . SER A 1 93  ? -5.307  -12.608 -11.232 1.00 23.07 ? 93  SER A CA  1 
ATOM   536 C C   . SER A 1 93  ? -4.504  -13.240 -12.350 1.00 23.16 ? 93  SER A C   1 
ATOM   537 O O   . SER A 1 93  ? -4.953  -13.297 -13.497 1.00 23.02 ? 93  SER A O   1 
ATOM   538 C CB  . SER A 1 93  ? -5.274  -11.098 -11.380 1.00 23.10 ? 93  SER A CB  1 
ATOM   539 O OG  . SER A 1 93  ? -6.523  -10.528 -11.027 1.00 23.63 ? 93  SER A OG  1 
ATOM   540 N N   . LEU A 1 94  ? -3.309  -13.710 -12.002 1.00 23.63 ? 94  LEU A N   1 
ATOM   541 C CA  . LEU A 1 94  ? -2.468  -14.510 -12.904 1.00 23.73 ? 94  LEU A CA  1 
ATOM   542 C C   . LEU A 1 94  ? -3.231  -15.636 -13.587 1.00 23.71 ? 94  LEU A C   1 
ATOM   543 O O   . LEU A 1 94  ? -2.800  -16.166 -14.625 1.00 24.03 ? 94  LEU A O   1 
ATOM   544 C CB  . LEU A 1 94  ? -1.248  -15.079 -12.172 1.00 23.58 ? 94  LEU A CB  1 
ATOM   545 C CG  . LEU A 1 94  ? 0.039   -14.479 -12.724 1.00 23.95 ? 94  LEU A CG  1 
ATOM   546 C CD1 . LEU A 1 94  ? 1.114   -15.544 -12.795 1.00 24.62 ? 94  LEU A CD1 1 
ATOM   547 C CD2 . LEU A 1 94  ? -0.202  -13.879 -14.115 1.00 23.31 ? 94  LEU A CD2 1 
ATOM   548 N N   . SER A 1 95  ? -4.348  -16.008 -12.965 1.00 23.29 ? 95  SER A N   1 
ATOM   549 C CA  . SER A 1 95  ? -5.345  -16.853 -13.573 1.00 22.44 ? 95  SER A CA  1 
ATOM   550 C C   . SER A 1 95  ? -6.582  -15.999 -13.453 1.00 22.07 ? 95  SER A C   1 
ATOM   551 O O   . SER A 1 95  ? -7.315  -16.105 -12.477 1.00 22.04 ? 95  SER A O   1 
ATOM   552 C CB  . SER A 1 95  ? -5.470  -18.166 -12.793 1.00 22.40 ? 95  SER A CB  1 
ATOM   553 O OG  . SER A 1 95  ? -4.196  -18.675 -12.420 1.00 20.99 ? 95  SER A OG  1 
ATOM   554 N N   . GLY A 1 96  ? -6.765  -15.118 -14.440 1.00 21.98 ? 96  GLY A N   1 
ATOM   555 C CA  . GLY A 1 96  ? -7.780  -14.041 -14.427 1.00 22.22 ? 96  GLY A CA  1 
ATOM   556 C C   . GLY A 1 96  ? -9.266  -14.369 -14.238 1.00 22.37 ? 96  GLY A C   1 
ATOM   557 O O   . GLY A 1 96  ? -9.912  -14.896 -15.156 1.00 22.16 ? 96  GLY A O   1 
ATOM   558 N N   . PRO A 1 97  ? -9.830  -14.000 -13.066 1.00 22.49 ? 97  PRO A N   1 
ATOM   559 C CA  . PRO A 1 97  ? -11.158 -14.399 -12.570 1.00 22.61 ? 97  PRO A CA  1 
ATOM   560 C C   . PRO A 1 97  ? -12.323 -14.257 -13.566 1.00 22.75 ? 97  PRO A C   1 
ATOM   561 O O   . PRO A 1 97  ? -12.102 -14.066 -14.765 1.00 22.61 ? 97  PRO A O   1 
ATOM   562 C CB  . PRO A 1 97  ? -11.386 -13.446 -11.381 1.00 22.89 ? 97  PRO A CB  1 
ATOM   563 C CG  . PRO A 1 97  ? -10.291 -12.404 -11.452 1.00 22.57 ? 97  PRO A CG  1 
ATOM   564 C CD  . PRO A 1 97  ? -9.155  -13.098 -12.114 1.00 22.44 ? 97  PRO A CD  1 
ATOM   565 N N   . ASP A 1 98  ? -13.551 -14.375 -13.047 1.00 22.96 ? 98  ASP A N   1 
ATOM   566 C CA  . ASP A 1 98  ? -14.789 -14.153 -13.799 1.00 23.05 ? 98  ASP A CA  1 
ATOM   567 C C   . ASP A 1 98  ? -14.787 -12.703 -14.233 1.00 23.16 ? 98  ASP A C   1 
ATOM   568 O O   . ASP A 1 98  ? -14.028 -12.380 -15.121 1.00 23.23 ? 98  ASP A O   1 
ATOM   569 C CB  . ASP A 1 98  ? -16.008 -14.477 -12.930 1.00 23.25 ? 98  ASP A CB  1 
ATOM   570 C CG  . ASP A 1 98  ? -17.323 -14.418 -13.701 1.00 23.87 ? 98  ASP A CG  1 
ATOM   571 O OD1 . ASP A 1 98  ? -17.303 -14.326 -14.953 1.00 23.97 ? 98  ASP A OD1 1 
ATOM   572 O OD2 . ASP A 1 98  ? -18.383 -14.472 -13.036 1.00 24.87 ? 98  ASP A OD2 1 
ATOM   573 N N   . LEU A 1 99  ? -15.606 -11.839 -13.611 1.00 23.47 ? 99  LEU A N   1 
ATOM   574 C CA  . LEU A 1 99  ? -15.590 -10.370 -13.842 1.00 23.75 ? 99  LEU A CA  1 
ATOM   575 C C   . LEU A 1 99  ? -16.647 -9.565  -13.043 1.00 23.89 ? 99  LEU A C   1 
ATOM   576 O O   . LEU A 1 99  ? -16.434 -8.389  -12.732 1.00 23.82 ? 99  LEU A O   1 
ATOM   577 C CB  . LEU A 1 99  ? -15.716 -10.006 -15.338 1.00 23.82 ? 99  LEU A CB  1 
ATOM   578 C CG  . LEU A 1 99  ? -14.671 -10.309 -16.434 1.00 24.83 ? 99  LEU A CG  1 
ATOM   579 C CD1 . LEU A 1 99  ? -15.035 -9.616  -17.738 1.00 26.03 ? 99  LEU A CD1 1 
ATOM   580 C CD2 . LEU A 1 99  ? -13.217 -9.973  -16.064 1.00 26.32 ? 99  LEU A CD2 1 
ATOM   581 N N   . SER A 1 100 ? -17.794 -10.173 -12.748 1.00 24.22 ? 100 SER A N   1 
ATOM   582 C CA  . SER A 1 100 ? -18.879 -9.463  -12.026 1.00 24.46 ? 100 SER A CA  1 
ATOM   583 C C   . SER A 1 100 ? -18.493 -9.179  -10.542 1.00 24.48 ? 100 SER A C   1 
ATOM   584 O O   . SER A 1 100 ? -18.756 -8.083  -9.999  1.00 24.22 ? 100 SER A O   1 
ATOM   585 C CB  . SER A 1 100 ? -20.234 -10.220 -12.144 1.00 24.57 ? 100 SER A CB  1 
ATOM   586 O OG  . SER A 1 100 ? -20.829 -10.098 -13.438 1.00 23.54 ? 100 SER A OG  1 
ATOM   587 N N   . THR A 1 101 ? -17.878 -10.189 -9.914  1.00 24.34 ? 101 THR A N   1 
ATOM   588 C CA  . THR A 1 101 ? -17.170 -10.060 -8.632  1.00 23.86 ? 101 THR A CA  1 
ATOM   589 C C   . THR A 1 101 ? -15.977 -9.094  -8.767  1.00 23.73 ? 101 THR A C   1 
ATOM   590 O O   . THR A 1 101 ? -15.871 -8.100  -8.039  1.00 23.57 ? 101 THR A O   1 
ATOM   591 C CB  . THR A 1 101 ? -16.668 -11.463 -8.087  1.00 23.93 ? 101 THR A CB  1 
ATOM   592 O OG1 . THR A 1 101 ? -15.354 -11.332 -7.520  1.00 23.03 ? 101 THR A OG1 1 
ATOM   593 C CG2 . THR A 1 101 ? -16.615 -12.524 -9.197  1.00 23.56 ? 101 THR A CG2 1 
ATOM   594 N N   . ALA A 1 102 ? -15.116 -9.395  -9.736  1.00 23.29 ? 102 ALA A N   1 
ATOM   595 C CA  . ALA A 1 102 ? -13.775 -8.827  -9.847  1.00 22.96 ? 102 ALA A CA  1 
ATOM   596 C C   . ALA A 1 102 ? -13.673 -7.293  -9.885  1.00 22.64 ? 102 ALA A C   1 
ATOM   597 O O   . ALA A 1 102 ? -12.680 -6.725  -9.429  1.00 22.38 ? 102 ALA A O   1 
ATOM   598 C CB  . ALA A 1 102 ? -13.053 -9.460  -11.036 1.00 23.17 ? 102 ALA A CB  1 
ATOM   599 N N   . LEU A 1 103 ? -14.684 -6.631  -10.435 1.00 22.41 ? 103 LEU A N   1 
ATOM   600 C CA  . LEU A 1 103 ? -14.747 -5.176  -10.375 1.00 22.37 ? 103 LEU A CA  1 
ATOM   601 C C   . LEU A 1 103 ? -14.796 -4.757  -8.918  1.00 22.47 ? 103 LEU A C   1 
ATOM   602 O O   . LEU A 1 103 ? -14.172 -3.777  -8.523  1.00 21.73 ? 103 LEU A O   1 
ATOM   603 C CB  . LEU A 1 103 ? -16.001 -4.653  -11.077 1.00 22.55 ? 103 LEU A CB  1 
ATOM   604 C CG  . LEU A 1 103 ? -16.005 -4.232  -12.543 1.00 22.08 ? 103 LEU A CG  1 
ATOM   605 C CD1 . LEU A 1 103 ? -17.433 -4.221  -13.053 1.00 21.82 ? 103 LEU A CD1 1 
ATOM   606 C CD2 . LEU A 1 103 ? -15.360 -2.867  -12.715 1.00 22.32 ? 103 LEU A CD2 1 
ATOM   607 N N   . ILE A 1 104 ? -15.558 -5.511  -8.127  1.00 22.96 ? 104 ILE A N   1 
ATOM   608 C CA  . ILE A 1 104 ? -15.683 -5.242  -6.697  1.00 23.48 ? 104 ILE A CA  1 
ATOM   609 C C   . ILE A 1 104 ? -14.354 -5.555  -6.029  1.00 23.86 ? 104 ILE A C   1 
ATOM   610 O O   . ILE A 1 104 ? -13.575 -4.644  -5.683  1.00 23.59 ? 104 ILE A O   1 
ATOM   611 C CB  . ILE A 1 104 ? -16.783 -6.097  -6.030  1.00 23.19 ? 104 ILE A CB  1 
ATOM   612 C CG1 . ILE A 1 104 ? -18.056 -6.070  -6.880  1.00 24.19 ? 104 ILE A CG1 1 
ATOM   613 C CG2 . ILE A 1 104 ? -17.026 -5.608  -4.603  1.00 22.38 ? 104 ILE A CG2 1 
ATOM   614 C CD1 . ILE A 1 104 ? -18.930 -7.300  -6.758  1.00 25.42 ? 104 ILE A CD1 1 
ATOM   615 N N   . HIS A 1 105 ? -14.093 -6.858  -5.896  1.00 24.06 ? 105 HIS A N   1 
ATOM   616 C CA  . HIS A 1 105 ? -12.993 -7.330  -5.080  1.00 24.24 ? 105 HIS A CA  1 
ATOM   617 C C   . HIS A 1 105 ? -11.707 -6.649  -5.465  1.00 23.23 ? 105 HIS A C   1 
ATOM   618 O O   . HIS A 1 105 ? -10.778 -6.638  -4.677  1.00 23.37 ? 105 HIS A O   1 
ATOM   619 C CB  . HIS A 1 105 ? -12.844 -8.845  -5.150  1.00 25.00 ? 105 HIS A CB  1 
ATOM   620 C CG  . HIS A 1 105 ? -12.318 -9.459  -3.887  1.00 27.90 ? 105 HIS A CG  1 
ATOM   621 N ND1 . HIS A 1 105 ? -13.152 -9.985  -2.920  1.00 31.14 ? 105 HIS A ND1 1 
ATOM   622 C CD2 . HIS A 1 105 ? -11.051 -9.644  -3.436  1.00 29.59 ? 105 HIS A CD2 1 
ATOM   623 C CE1 . HIS A 1 105 ? -12.422 -10.477 -1.931  1.00 32.23 ? 105 HIS A CE1 1 
ATOM   624 N NE2 . HIS A 1 105 ? -11.145 -10.281 -2.217  1.00 31.53 ? 105 HIS A NE2 1 
ATOM   625 N N   . PHE A 1 106 ? -11.656 -6.058  -6.655  1.00 22.13 ? 106 PHE A N   1 
ATOM   626 C CA  . PHE A 1 106 ? -10.488 -5.267  -7.017  1.00 21.37 ? 106 PHE A CA  1 
ATOM   627 C C   . PHE A 1 106 ? -10.660 -3.760  -6.871  1.00 20.86 ? 106 PHE A C   1 
ATOM   628 O O   . PHE A 1 106 ? -9.659  -3.063  -6.666  1.00 20.38 ? 106 PHE A O   1 
ATOM   629 C CB  . PHE A 1 106 ? -9.965  -5.619  -8.403  1.00 21.37 ? 106 PHE A CB  1 
ATOM   630 C CG  . PHE A 1 106 ? -8.514  -5.965  -8.406  1.00 21.45 ? 106 PHE A CG  1 
ATOM   631 C CD1 . PHE A 1 106 ? -8.068  -7.137  -7.778  1.00 20.15 ? 106 PHE A CD1 1 
ATOM   632 C CD2 . PHE A 1 106 ? -7.585  -5.126  -9.015  1.00 22.01 ? 106 PHE A CD2 1 
ATOM   633 C CE1 . PHE A 1 106 ? -6.727  -7.474  -7.752  1.00 19.76 ? 106 PHE A CE1 1 
ATOM   634 C CE2 . PHE A 1 106 ? -6.221  -5.453  -9.003  1.00 21.51 ? 106 PHE A CE2 1 
ATOM   635 C CZ  . PHE A 1 106 ? -5.800  -6.639  -8.367  1.00 21.32 ? 106 PHE A CZ  1 
ATOM   636 N N   . ARG A 1 107 ? -11.910 -3.271  -6.995  1.00 20.29 ? 107 ARG A N   1 
ATOM   637 C CA  . ARG A 1 107 ? -12.245 -1.843  -6.784  1.00 19.22 ? 107 ARG A CA  1 
ATOM   638 C C   . ARG A 1 107 ? -12.255 -1.616  -5.291  1.00 18.13 ? 107 ARG A C   1 
ATOM   639 O O   . ARG A 1 107 ? -11.743 -0.605  -4.797  1.00 17.53 ? 107 ARG A O   1 
ATOM   640 C CB  . ARG A 1 107 ? -13.609 -1.455  -7.389  1.00 19.44 ? 107 ARG A CB  1 
ATOM   641 C CG  . ARG A 1 107 ? -13.614 -1.146  -8.914  1.00 20.84 ? 107 ARG A CG  1 
ATOM   642 C CD  . ARG A 1 107 ? -13.159 0.283   -9.311  1.00 22.49 ? 107 ARG A CD  1 
ATOM   643 N NE  . ARG A 1 107 ? -12.341 0.240   -10.538 1.00 24.79 ? 107 ARG A NE  1 
ATOM   644 C CZ  . ARG A 1 107 ? -11.946 1.302   -11.252 1.00 26.18 ? 107 ARG A CZ  1 
ATOM   645 N NH1 . ARG A 1 107 ? -12.287 2.541   -10.894 1.00 26.02 ? 107 ARG A NH1 1 
ATOM   646 N NH2 . ARG A 1 107 ? -11.202 1.125   -12.342 1.00 26.60 ? 107 ARG A NH2 1 
ATOM   647 N N   . ILE A 1 108 ? -12.832 -2.587  -4.584  1.00 17.05 ? 108 ILE A N   1 
ATOM   648 C CA  . ILE A 1 108 ? -12.771 -2.641  -3.145  1.00 16.18 ? 108 ILE A CA  1 
ATOM   649 C C   . ILE A 1 108 ? -11.322 -2.878  -2.761  1.00 15.77 ? 108 ILE A C   1 
ATOM   650 O O   . ILE A 1 108 ? -10.811 -2.252  -1.831  1.00 15.84 ? 108 ILE A O   1 
ATOM   651 C CB  . ILE A 1 108 ? -13.638 -3.773  -2.601  1.00 15.96 ? 108 ILE A CB  1 
ATOM   652 C CG1 . ILE A 1 108 ? -15.095 -3.338  -2.457  1.00 15.61 ? 108 ILE A CG1 1 
ATOM   653 C CG2 . ILE A 1 108 ? -13.139 -4.189  -1.250  1.00 17.07 ? 108 ILE A CG2 1 
ATOM   654 C CD1 . ILE A 1 108 ? -15.415 -2.598  -1.142  1.00 15.04 ? 108 ILE A CD1 1 
ATOM   655 N N   . PHE A 1 109 ? -10.670 -3.780  -3.495  1.00 15.27 ? 109 PHE A N   1 
ATOM   656 C CA  . PHE A 1 109 ? -9.268  -4.149  -3.275  1.00 14.76 ? 109 PHE A CA  1 
ATOM   657 C C   . PHE A 1 109 ? -8.338  -2.927  -3.159  1.00 15.15 ? 109 PHE A C   1 
ATOM   658 O O   . PHE A 1 109 ? -8.027  -2.502  -2.046  1.00 15.34 ? 109 PHE A O   1 
ATOM   659 C CB  . PHE A 1 109 ? -8.844  -5.168  -4.338  1.00 13.98 ? 109 PHE A CB  1 
ATOM   660 C CG  . PHE A 1 109 ? -7.423  -5.076  -4.780  1.00 12.51 ? 109 PHE A CG  1 
ATOM   661 C CD1 . PHE A 1 109 ? -6.471  -5.894  -4.228  1.00 10.04 ? 109 PHE A CD1 1 
ATOM   662 C CD2 . PHE A 1 109 ? -7.053  -4.208  -5.795  1.00 11.21 ? 109 PHE A CD2 1 
ATOM   663 C CE1 . PHE A 1 109 ? -5.190  -5.825  -4.654  1.00 10.33 ? 109 PHE A CE1 1 
ATOM   664 C CE2 . PHE A 1 109 ? -5.762  -4.120  -6.202  1.00 9.40  ? 109 PHE A CE2 1 
ATOM   665 C CZ  . PHE A 1 109 ? -4.834  -4.931  -5.644  1.00 10.52 ? 109 PHE A CZ  1 
ATOM   666 N N   . VAL A 1 110 ? -7.903  -2.336  -4.269  1.00 15.33 ? 110 VAL A N   1 
ATOM   667 C CA  . VAL A 1 110 ? -7.157  -1.105  -4.132  1.00 15.48 ? 110 VAL A CA  1 
ATOM   668 C C   . VAL A 1 110 ? -7.975  -0.232  -3.189  1.00 16.14 ? 110 VAL A C   1 
ATOM   669 O O   . VAL A 1 110 ? -7.418  0.314   -2.227  1.00 16.40 ? 110 VAL A O   1 
ATOM   670 C CB  . VAL A 1 110 ? -6.924  -0.348  -5.469  1.00 15.44 ? 110 VAL A CB  1 
ATOM   671 C CG1 . VAL A 1 110 ? -5.494  -0.516  -5.929  1.00 15.55 ? 110 VAL A CG1 1 
ATOM   672 C CG2 . VAL A 1 110 ? -7.945  -0.725  -6.557  1.00 14.51 ? 110 VAL A CG2 1 
ATOM   673 N N   . GLY A 1 111 ? -9.298  -0.175  -3.458  1.00 16.29 ? 111 GLY A N   1 
ATOM   674 C CA  . GLY A 1 111 ? -10.261 0.762   -2.871  1.00 15.80 ? 111 GLY A CA  1 
ATOM   675 C C   . GLY A 1 111 ? -9.906  1.162   -1.468  1.00 15.96 ? 111 GLY A C   1 
ATOM   676 O O   . GLY A 1 111 ? -9.595  2.324   -1.209  1.00 16.05 ? 111 GLY A O   1 
ATOM   677 N N   . ALA A 1 112 ? -9.932  0.190   -0.565  1.00 16.08 ? 112 ALA A N   1 
ATOM   678 C CA  . ALA A 1 112 ? -9.475  0.415   0.784   1.00 16.45 ? 112 ALA A CA  1 
ATOM   679 C C   . ALA A 1 112 ? -8.037  0.943   0.720   1.00 16.99 ? 112 ALA A C   1 
ATOM   680 O O   . ALA A 1 112 ? -7.811  2.153   0.762   1.00 16.64 ? 112 ALA A O   1 
ATOM   681 C CB  . ALA A 1 112 ? -9.565  -0.866  1.582   1.00 16.27 ? 112 ALA A CB  1 
ATOM   682 N N   . ARG A 1 113 ? -7.095  0.014   0.552   1.00 17.94 ? 113 ARG A N   1 
ATOM   683 C CA  . ARG A 1 113 ? -5.642  0.250   0.520   1.00 18.59 ? 113 ARG A CA  1 
ATOM   684 C C   . ARG A 1 113 ? -5.182  1.629   0.026   1.00 19.05 ? 113 ARG A C   1 
ATOM   685 O O   . ARG A 1 113 ? -4.155  2.142   0.492   1.00 19.32 ? 113 ARG A O   1 
ATOM   686 C CB  . ARG A 1 113 ? -4.972  -0.853  -0.303  1.00 18.50 ? 113 ARG A CB  1 
ATOM   687 C CG  . ARG A 1 113 ? -3.601  -1.248  0.184   1.00 18.97 ? 113 ARG A CG  1 
ATOM   688 C CD  . ARG A 1 113 ? -3.700  -2.008  1.483   1.00 19.86 ? 113 ARG A CD  1 
ATOM   689 N NE  . ARG A 1 113 ? -2.608  -2.960  1.675   1.00 20.21 ? 113 ARG A NE  1 
ATOM   690 C CZ  . ARG A 1 113 ? -2.376  -3.606  2.817   1.00 21.65 ? 113 ARG A CZ  1 
ATOM   691 N NH1 . ARG A 1 113 ? -3.137  -3.384  3.886   1.00 21.73 ? 113 ARG A NH1 1 
ATOM   692 N NH2 . ARG A 1 113 ? -1.363  -4.461  2.908   1.00 21.93 ? 113 ARG A NH2 1 
ATOM   693 N N   . ILE A 1 114 ? -5.911  2.199   -0.936  1.00 19.35 ? 114 ILE A N   1 
ATOM   694 C CA  . ILE A 1 114 ? -5.714  3.587   -1.339  1.00 19.52 ? 114 ILE A CA  1 
ATOM   695 C C   . ILE A 1 114 ? -6.020  4.443   -0.107  1.00 20.33 ? 114 ILE A C   1 
ATOM   696 O O   . ILE A 1 114 ? -5.105  4.778   0.665   1.00 20.22 ? 114 ILE A O   1 
ATOM   697 C CB  . ILE A 1 114 ? -6.655  3.980   -2.513  1.00 19.39 ? 114 ILE A CB  1 
ATOM   698 C CG1 . ILE A 1 114 ? -6.474  3.008   -3.692  1.00 18.60 ? 114 ILE A CG1 1 
ATOM   699 C CG2 . ILE A 1 114 ? -6.496  5.484   -2.864  1.00 18.96 ? 114 ILE A CG2 1 
ATOM   700 C CD1 . ILE A 1 114 ? -6.831  3.555   -5.082  1.00 19.11 ? 114 ILE A CD1 1 
ATOM   701 N N   . TYR A 1 115 ? -7.313  4.759   0.066   1.00 20.89 ? 115 TYR A N   1 
ATOM   702 C CA  . TYR A 1 115 ? -7.882  5.377   1.265   1.00 21.26 ? 115 TYR A CA  1 
ATOM   703 C C   . TYR A 1 115 ? -7.049  5.000   2.495   1.00 21.44 ? 115 TYR A C   1 
ATOM   704 O O   . TYR A 1 115 ? -6.569  5.879   3.222   1.00 21.32 ? 115 TYR A O   1 
ATOM   705 C CB  . TYR A 1 115 ? -9.364  4.969   1.342   1.00 21.38 ? 115 TYR A CB  1 
ATOM   706 C CG  . TYR A 1 115 ? -10.072 4.830   2.691   1.00 22.05 ? 115 TYR A CG  1 
ATOM   707 C CD1 . TYR A 1 115 ? -9.658  5.528   3.827   1.00 22.84 ? 115 TYR A CD1 1 
ATOM   708 C CD2 . TYR A 1 115 ? -11.231 4.031   2.796   1.00 22.18 ? 115 TYR A CD2 1 
ATOM   709 C CE1 . TYR A 1 115 ? -10.348 5.396   5.045   1.00 23.36 ? 115 TYR A CE1 1 
ATOM   710 C CE2 . TYR A 1 115 ? -11.927 3.901   3.993   1.00 21.84 ? 115 TYR A CE2 1 
ATOM   711 C CZ  . TYR A 1 115 ? -11.478 4.583   5.112   1.00 22.50 ? 115 TYR A CZ  1 
ATOM   712 O OH  . TYR A 1 115 ? -12.159 4.458   6.293   1.00 22.42 ? 115 TYR A OH  1 
ATOM   713 N N   . HIS A 1 116 ? -6.827  3.695   2.666   1.00 21.65 ? 116 HIS A N   1 
ATOM   714 C CA  . HIS A 1 116 ? -6.003  3.157   3.752   1.00 21.74 ? 116 HIS A CA  1 
ATOM   715 C C   . HIS A 1 116 ? -4.597  3.761   3.809   1.00 21.51 ? 116 HIS A C   1 
ATOM   716 O O   . HIS A 1 116 ? -4.146  4.185   4.881   1.00 21.82 ? 116 HIS A O   1 
ATOM   717 C CB  . HIS A 1 116 ? -5.899  1.636   3.657   1.00 21.65 ? 116 HIS A CB  1 
ATOM   718 C CG  . HIS A 1 116 ? -4.686  1.080   4.334   1.00 23.33 ? 116 HIS A CG  1 
ATOM   719 N ND1 . HIS A 1 116 ? -3.403  1.462   3.995   1.00 24.56 ? 116 HIS A ND1 1 
ATOM   720 C CD2 . HIS A 1 116 ? -4.555  0.165   5.326   1.00 25.12 ? 116 HIS A CD2 1 
ATOM   721 C CE1 . HIS A 1 116 ? -2.538  0.827   4.762   1.00 25.32 ? 116 HIS A CE1 1 
ATOM   722 N NE2 . HIS A 1 116 ? -3.210  0.022   5.571   1.00 25.83 ? 116 HIS A NE2 1 
ATOM   723 N N   . THR A 1 117 ? -3.889  3.763   2.676   1.00 20.92 ? 117 THR A N   1 
ATOM   724 C CA  . THR A 1 117 ? -2.539  4.317   2.640   1.00 19.95 ? 117 THR A CA  1 
ATOM   725 C C   . THR A 1 117 ? -2.650  5.770   3.040   1.00 19.37 ? 117 THR A C   1 
ATOM   726 O O   . THR A 1 117 ? -1.821  6.271   3.803   1.00 19.35 ? 117 THR A O   1 
ATOM   727 C CB  . THR A 1 117 ? -1.875  4.169   1.256   1.00 20.07 ? 117 THR A CB  1 
ATOM   728 O OG1 . THR A 1 117 ? -0.980  3.047   1.278   1.00 19.71 ? 117 THR A OG1 1 
ATOM   729 C CG2 . THR A 1 117 ? -1.095  5.442   0.872   1.00 19.74 ? 117 THR A CG2 1 
ATOM   730 N N   . ILE A 1 118 ? -3.711  6.421   2.559   1.00 18.45 ? 118 ILE A N   1 
ATOM   731 C CA  . ILE A 1 118 ? -3.939  7.821   2.867   1.00 17.64 ? 118 ILE A CA  1 
ATOM   732 C C   . ILE A 1 118 ? -4.238  7.886   4.342   1.00 17.41 ? 118 ILE A C   1 
ATOM   733 O O   . ILE A 1 118 ? -3.822  8.818   5.017   1.00 17.68 ? 118 ILE A O   1 
ATOM   734 C CB  . ILE A 1 118 ? -5.084  8.471   2.029   1.00 17.40 ? 118 ILE A CB  1 
ATOM   735 C CG1 . ILE A 1 118 ? -4.804  8.386   0.519   1.00 16.65 ? 118 ILE A CG1 1 
ATOM   736 C CG2 . ILE A 1 118 ? -5.214  9.936   2.386   1.00 17.37 ? 118 ILE A CG2 1 
ATOM   737 C CD1 . ILE A 1 118 ? -6.035  8.206   -0.363  1.00 13.92 ? 118 ILE A CD1 1 
ATOM   738 N N   . ALA A 1 119 ? -4.918  6.869   4.849   1.00 17.21 ? 119 ALA A N   1 
ATOM   739 C CA  . ALA A 1 119 ? -5.271  6.834   6.263   1.00 17.37 ? 119 ALA A CA  1 
ATOM   740 C C   . ALA A 1 119 ? -4.067  6.740   7.193   1.00 17.42 ? 119 ALA A C   1 
ATOM   741 O O   . ALA A 1 119 ? -3.976  7.521   8.136   1.00 17.17 ? 119 ALA A O   1 
ATOM   742 C CB  . ALA A 1 119 ? -6.252  5.697   6.555   1.00 17.47 ? 119 ALA A CB  1 
ATOM   743 N N   . TYR A 1 120 ? -3.149  5.806   6.917   1.00 17.60 ? 120 TYR A N   1 
ATOM   744 C CA  . TYR A 1 120 ? -2.097  5.444   7.881   1.00 17.73 ? 120 TYR A CA  1 
ATOM   745 C C   . TYR A 1 120 ? -0.844  6.326   7.910   1.00 17.56 ? 120 TYR A C   1 
ATOM   746 O O   . TYR A 1 120 ? -0.309  6.627   8.982   1.00 17.48 ? 120 TYR A O   1 
ATOM   747 C CB  . TYR A 1 120 ? -1.688  3.972   7.754   1.00 18.14 ? 120 TYR A CB  1 
ATOM   748 C CG  . TYR A 1 120 ? -0.779  3.522   8.874   1.00 18.77 ? 120 TYR A CG  1 
ATOM   749 C CD1 . TYR A 1 120 ? -1.282  2.985   10.053  1.00 19.16 ? 120 TYR A CD1 1 
ATOM   750 C CD2 . TYR A 1 120 ? 0.596   3.683   8.766   1.00 20.05 ? 120 TYR A CD2 1 
ATOM   751 C CE1 . TYR A 1 120 ? -0.428  2.600   11.080  1.00 20.43 ? 120 TYR A CE1 1 
ATOM   752 C CE2 . TYR A 1 120 ? 1.448   3.309   9.770   1.00 20.42 ? 120 TYR A CE2 1 
ATOM   753 C CZ  . TYR A 1 120 ? 0.946   2.767   10.919  1.00 20.57 ? 120 TYR A CZ  1 
ATOM   754 O OH  . TYR A 1 120 ? 1.858   2.405   11.890  1.00 21.64 ? 120 TYR A OH  1 
ATOM   755 N N   . LEU A 1 121 ? -0.362  6.732   6.746   1.00 17.28 ? 121 LEU A N   1 
ATOM   756 C CA  . LEU A 1 121 ? 0.862   7.511   6.698   1.00 17.19 ? 121 LEU A CA  1 
ATOM   757 C C   . LEU A 1 121 ? 0.735   8.774   7.559   1.00 17.71 ? 121 LEU A C   1 
ATOM   758 O O   . LEU A 1 121 ? 1.591   9.026   8.416   1.00 17.30 ? 121 LEU A O   1 
ATOM   759 C CB  . LEU A 1 121 ? 1.234   7.794   5.253   1.00 16.73 ? 121 LEU A CB  1 
ATOM   760 C CG  . LEU A 1 121 ? 0.987   6.567   4.362   1.00 16.29 ? 121 LEU A CG  1 
ATOM   761 C CD1 . LEU A 1 121 ? 1.899   6.594   3.154   1.00 16.90 ? 121 LEU A CD1 1 
ATOM   762 C CD2 . LEU A 1 121 ? 1.152   5.229   5.093   1.00 15.46 ? 121 LEU A CD2 1 
ATOM   763 N N   . THR A 1 122 ? -0.355  9.527   7.354   1.00 18.38 ? 122 THR A N   1 
ATOM   764 C CA  . THR A 1 122 ? -0.790  10.594  8.271   1.00 18.95 ? 122 THR A CA  1 
ATOM   765 C C   . THR A 1 122 ? -0.596  10.258  9.767   1.00 19.77 ? 122 THR A C   1 
ATOM   766 O O   . THR A 1 122 ? 0.178   10.937  10.448  1.00 19.88 ? 122 THR A O   1 
ATOM   767 C CB  . THR A 1 122 ? -2.270  10.988  8.051   1.00 18.71 ? 122 THR A CB  1 
ATOM   768 O OG1 . THR A 1 122 ? -3.006  9.849   7.593   1.00 18.22 ? 122 THR A OG1 1 
ATOM   769 C CG2 . THR A 1 122 ? -2.396  12.089  7.038   1.00 19.25 ? 122 THR A CG2 1 
ATOM   770 N N   . PRO A 1 123 ? -1.290  9.221   10.296  1.00 20.41 ? 123 PRO A N   1 
ATOM   771 C CA  . PRO A 1 123 ? -1.065  8.940   11.695  1.00 20.98 ? 123 PRO A CA  1 
ATOM   772 C C   . PRO A 1 123 ? 0.129   8.031   11.858  1.00 21.92 ? 123 PRO A C   1 
ATOM   773 O O   . PRO A 1 123 ? 1.120   8.162   11.122  1.00 22.42 ? 123 PRO A O   1 
ATOM   774 C CB  . PRO A 1 123 ? -2.335  8.188   12.080  1.00 21.17 ? 123 PRO A CB  1 
ATOM   775 C CG  . PRO A 1 123 ? -2.677  7.405   10.882  1.00 20.11 ? 123 PRO A CG  1 
ATOM   776 C CD  . PRO A 1 123 ? -2.293  8.296   9.732   1.00 20.39 ? 123 PRO A CD  1 
ATOM   777 N N   . LEU A 1 124 ? 0.016   7.111   12.818  1.00 22.85 ? 124 LEU A N   1 
ATOM   778 C CA  . LEU A 1 124 ? 0.991   6.040   13.041  1.00 23.53 ? 124 LEU A CA  1 
ATOM   779 C C   . LEU A 1 124 ? 0.380   4.834   13.787  1.00 24.07 ? 124 LEU A C   1 
ATOM   780 O O   . LEU A 1 124 ? 0.841   3.716   13.619  1.00 23.88 ? 124 LEU A O   1 
ATOM   781 C CB  . LEU A 1 124 ? 2.196   6.583   13.829  1.00 23.67 ? 124 LEU A CB  1 
ATOM   782 C CG  . LEU A 1 124 ? 3.587   6.503   13.207  1.00 22.88 ? 124 LEU A CG  1 
ATOM   783 C CD1 . LEU A 1 124 ? 3.601   7.294   11.925  1.00 21.52 ? 124 LEU A CD1 1 
ATOM   784 C CD2 . LEU A 1 124 ? 4.634   7.047   14.171  1.00 23.09 ? 124 LEU A CD2 1 
ATOM   785 N N   . PRO A 1 125 ? -0.652  5.059   14.630  1.00 24.82 ? 125 PRO A N   1 
ATOM   786 C CA  . PRO A 1 125 ? -1.019  3.936   15.496  1.00 25.54 ? 125 PRO A CA  1 
ATOM   787 C C   . PRO A 1 125 ? -2.203  3.058   15.002  1.00 26.36 ? 125 PRO A C   1 
ATOM   788 O O   . PRO A 1 125 ? -2.042  2.199   14.114  1.00 26.88 ? 125 PRO A O   1 
ATOM   789 C CB  . PRO A 1 125 ? -1.383  4.645   16.808  1.00 25.68 ? 125 PRO A CB  1 
ATOM   790 C CG  . PRO A 1 125 ? -1.879  6.077   16.351  1.00 25.14 ? 125 PRO A CG  1 
ATOM   791 C CD  . PRO A 1 125 ? -1.505  6.238   14.894  1.00 24.45 ? 125 PRO A CD  1 
ATOM   792 N N   . GLN A 1 126 ? -3.383  3.296   15.570  1.00 26.40 ? 126 GLN A N   1 
ATOM   793 C CA  . GLN A 1 126 ? -4.487  2.346   15.504  1.00 26.52 ? 126 GLN A CA  1 
ATOM   794 C C   . GLN A 1 126 ? -5.391  2.356   14.233  1.00 26.20 ? 126 GLN A C   1 
ATOM   795 O O   . GLN A 1 126 ? -5.679  1.283   13.690  1.00 26.34 ? 126 GLN A O   1 
ATOM   796 C CB  . GLN A 1 126 ? -5.325  2.421   16.809  1.00 26.95 ? 126 GLN A CB  1 
ATOM   797 C CG  . GLN A 1 126 ? -5.122  3.720   17.671  1.00 27.29 ? 126 GLN A CG  1 
ATOM   798 C CD  . GLN A 1 126 ? -6.295  4.024   18.616  1.00 26.57 ? 126 GLN A CD  1 
ATOM   799 O OE1 . GLN A 1 126 ? -7.311  4.595   18.199  1.00 25.96 ? 126 GLN A OE1 1 
ATOM   800 N NE2 . GLN A 1 126 ? -6.145  3.663   19.892  1.00 25.50 ? 126 GLN A NE2 1 
ATOM   801 N N   . PRO A 1 127 ? -5.806  3.552   13.737  1.00 25.60 ? 127 PRO A N   1 
ATOM   802 C CA  . PRO A 1 127 ? -6.976  3.663   12.819  1.00 25.06 ? 127 PRO A CA  1 
ATOM   803 C C   . PRO A 1 127 ? -6.806  3.006   11.446  1.00 24.78 ? 127 PRO A C   1 
ATOM   804 O O   . PRO A 1 127 ? -7.700  3.111   10.590  1.00 24.65 ? 127 PRO A O   1 
ATOM   805 C CB  . PRO A 1 127 ? -7.147  5.170   12.630  1.00 24.92 ? 127 PRO A CB  1 
ATOM   806 C CG  . PRO A 1 127 ? -6.211  5.821   13.595  1.00 25.45 ? 127 PRO A CG  1 
ATOM   807 C CD  . PRO A 1 127 ? -5.151  4.853   13.954  1.00 25.35 ? 127 PRO A CD  1 
ATOM   808 N N   . ASN A 1 128 ? -5.671  2.336   11.256  1.00 24.32 ? 128 ASN A N   1 
ATOM   809 C CA  . ASN A 1 128 ? -5.311  1.750   9.992   1.00 23.91 ? 128 ASN A CA  1 
ATOM   810 C C   . ASN A 1 128 ? -4.980  0.259   10.109  1.00 24.11 ? 128 ASN A C   1 
ATOM   811 O O   . ASN A 1 128 ? -5.542  -0.545  9.359   1.00 24.73 ? 128 ASN A O   1 
ATOM   812 C CB  . ASN A 1 128 ? -4.140  2.513   9.413   1.00 23.82 ? 128 ASN A CB  1 
ATOM   813 C CG  . ASN A 1 128 ? -3.725  2.009   8.048   1.00 23.98 ? 128 ASN A CG  1 
ATOM   814 O OD1 . ASN A 1 128 ? -2.966  1.056   7.937   1.00 24.20 ? 128 ASN A OD1 1 
ATOM   815 N ND2 . ASN A 1 128 ? -4.191  2.677   6.999   1.00 24.72 ? 128 ASN A ND2 1 
ATOM   816 N N   . ARG A 1 129 ? -4.080  -0.116  11.030  1.00 23.36 ? 129 ARG A N   1 
ATOM   817 C CA  . ARG A 1 129 ? -3.757  -1.523  11.264  1.00 22.22 ? 129 ARG A CA  1 
ATOM   818 C C   . ARG A 1 129 ? -5.008  -2.347  11.077  1.00 21.84 ? 129 ARG A C   1 
ATOM   819 O O   . ARG A 1 129 ? -4.974  -3.409  10.483  1.00 21.86 ? 129 ARG A O   1 
ATOM   820 C CB  . ARG A 1 129 ? -3.247  -1.728  12.676  1.00 22.21 ? 129 ARG A CB  1 
ATOM   821 C CG  . ARG A 1 129 ? -2.042  -0.881  13.035  1.00 23.30 ? 129 ARG A CG  1 
ATOM   822 C CD  . ARG A 1 129 ? -1.226  -1.537  14.158  1.00 24.01 ? 129 ARG A CD  1 
ATOM   823 N NE  . ARG A 1 129 ? -0.180  -0.662  14.695  1.00 22.98 ? 129 ARG A NE  1 
ATOM   824 C CZ  . ARG A 1 129 ? 0.400   -0.841  15.877  1.00 22.54 ? 129 ARG A CZ  1 
ATOM   825 N NH1 . ARG A 1 129 ? 0.039   -1.860  16.650  1.00 22.66 ? 129 ARG A NH1 1 
ATOM   826 N NH2 . ARG A 1 129 ? 1.337   0.000   16.290  1.00 21.60 ? 129 ARG A NH2 1 
ATOM   827 N N   . GLY A 1 130 ? -6.123  -1.825  11.587  1.00 21.74 ? 130 GLY A N   1 
ATOM   828 C CA  . GLY A 1 130 ? -7.452  -2.413  11.402  1.00 21.41 ? 130 GLY A CA  1 
ATOM   829 C C   . GLY A 1 130 ? -7.790  -2.641  9.939   1.00 21.17 ? 130 GLY A C   1 
ATOM   830 O O   . GLY A 1 130 ? -7.873  -3.804  9.499   1.00 21.20 ? 130 GLY A O   1 
ATOM   831 N N   . LEU A 1 131 ? -7.968  -1.535  9.197   1.00 20.45 ? 131 LEU A N   1 
ATOM   832 C CA  . LEU A 1 131 ? -8.234  -1.556  7.736   1.00 19.89 ? 131 LEU A CA  1 
ATOM   833 C C   . LEU A 1 131 ? -7.207  -2.392  6.912   1.00 19.09 ? 131 LEU A C   1 
ATOM   834 O O   . LEU A 1 131 ? -7.552  -3.050  5.923   1.00 18.64 ? 131 LEU A O   1 
ATOM   835 C CB  . LEU A 1 131 ? -8.356  -0.123  7.177   1.00 19.87 ? 131 LEU A CB  1 
ATOM   836 C CG  . LEU A 1 131 ? -8.988  0.997   8.033   1.00 21.16 ? 131 LEU A CG  1 
ATOM   837 C CD1 . LEU A 1 131 ? -8.745  2.386   7.421   1.00 21.28 ? 131 LEU A CD1 1 
ATOM   838 C CD2 . LEU A 1 131 ? -10.497 0.807   8.303   1.00 22.95 ? 131 LEU A CD2 1 
ATOM   839 N N   . ALA A 1 132 ? -5.953  -2.377  7.338   1.00 18.42 ? 132 ALA A N   1 
ATOM   840 C CA  . ALA A 1 132 ? -4.920  -3.139  6.659   1.00 18.07 ? 132 ALA A CA  1 
ATOM   841 C C   . ALA A 1 132 ? -5.125  -4.660  6.820   1.00 17.61 ? 132 ALA A C   1 
ATOM   842 O O   . ALA A 1 132 ? -4.570  -5.463  6.044   1.00 17.63 ? 132 ALA A O   1 
ATOM   843 C CB  . ALA A 1 132 ? -3.519  -2.697  7.142   1.00 18.02 ? 132 ALA A CB  1 
ATOM   844 N N   . PHE A 1 133 ? -5.938  -5.041  7.806   1.00 16.98 ? 133 PHE A N   1 
ATOM   845 C CA  . PHE A 1 133 ? -6.133  -6.454  8.152   1.00 16.68 ? 133 PHE A CA  1 
ATOM   846 C C   . PHE A 1 133 ? -7.232  -7.090  7.304   1.00 16.07 ? 133 PHE A C   1 
ATOM   847 O O   . PHE A 1 133 ? -6.989  -8.101  6.647   1.00 15.50 ? 133 PHE A O   1 
ATOM   848 C CB  . PHE A 1 133 ? -6.234  -6.634  9.695   1.00 16.89 ? 133 PHE A CB  1 
ATOM   849 C CG  . PHE A 1 133 ? -7.244  -7.668  10.191  1.00 17.97 ? 133 PHE A CG  1 
ATOM   850 C CD1 . PHE A 1 133 ? -6.986  -9.033  10.139  1.00 18.76 ? 133 PHE A CD1 1 
ATOM   851 C CD2 . PHE A 1 133 ? -8.424  -7.251  10.834  1.00 20.56 ? 133 PHE A CD2 1 
ATOM   852 C CE1 . PHE A 1 133 ? -7.929  -9.974  10.661  1.00 18.91 ? 133 PHE A CE1 1 
ATOM   853 C CE2 . PHE A 1 133 ? -9.360  -8.182  11.365  1.00 19.32 ? 133 PHE A CE2 1 
ATOM   854 C CZ  . PHE A 1 133 ? -9.107  -9.535  11.267  1.00 18.27 ? 133 PHE A CZ  1 
ATOM   855 N N   . PHE A 1 134 ? -8.399  -6.451  7.239   1.00 15.99 ? 134 PHE A N   1 
ATOM   856 C CA  . PHE A 1 134 ? -9.546  -6.999  6.468   1.00 15.92 ? 134 PHE A CA  1 
ATOM   857 C C   . PHE A 1 134 ? -9.252  -7.261  4.978   1.00 15.31 ? 134 PHE A C   1 
ATOM   858 O O   . PHE A 1 134 ? -9.899  -8.090  4.330   1.00 14.91 ? 134 PHE A O   1 
ATOM   859 C CB  . PHE A 1 134 ? -10.855 -6.176  6.683   1.00 16.07 ? 134 PHE A CB  1 
ATOM   860 C CG  . PHE A 1 134 ? -11.562 -6.476  8.016   1.00 16.98 ? 134 PHE A CG  1 
ATOM   861 C CD1 . PHE A 1 134 ? -12.259 -5.472  8.698   1.00 16.95 ? 134 PHE A CD1 1 
ATOM   862 C CD2 . PHE A 1 134 ? -11.493 -7.763  8.601   1.00 15.85 ? 134 PHE A CD2 1 
ATOM   863 C CE1 . PHE A 1 134 ? -12.881 -5.744  9.922   1.00 16.05 ? 134 PHE A CE1 1 
ATOM   864 C CE2 . PHE A 1 134 ? -12.104 -8.029  9.808   1.00 15.07 ? 134 PHE A CE2 1 
ATOM   865 C CZ  . PHE A 1 134 ? -12.791 -7.023  10.473  1.00 16.09 ? 134 PHE A CZ  1 
ATOM   866 N N   . VAL A 1 135 ? -8.233  -6.576  4.473   1.00 14.96 ? 135 VAL A N   1 
ATOM   867 C CA  . VAL A 1 135 ? -7.897  -6.573  3.056   1.00 14.30 ? 135 VAL A CA  1 
ATOM   868 C C   . VAL A 1 135 ? -6.864  -7.645  2.751   1.00 13.67 ? 135 VAL A C   1 
ATOM   869 O O   . VAL A 1 135 ? -7.232  -8.741  2.322   1.00 13.72 ? 135 VAL A O   1 
ATOM   870 C CB  . VAL A 1 135 ? -7.433  -5.182  2.612   1.00 14.30 ? 135 VAL A CB  1 
ATOM   871 C CG1 . VAL A 1 135 ? -8.545  -4.152  2.908   1.00 14.22 ? 135 VAL A CG1 1 
ATOM   872 C CG2 . VAL A 1 135 ? -6.152  -4.809  3.324   1.00 14.33 ? 135 VAL A CG2 1 
ATOM   873 N N   . GLY A 1 136 ? -5.592  -7.340  3.001   1.00 12.80 ? 136 GLY A N   1 
ATOM   874 C CA  . GLY A 1 136 ? -4.512  -8.325  2.899   1.00 11.96 ? 136 GLY A CA  1 
ATOM   875 C C   . GLY A 1 136 ? -4.801  -9.757  3.362   1.00 11.26 ? 136 GLY A C   1 
ATOM   876 O O   . GLY A 1 136 ? -4.442  -10.692 2.672   1.00 11.05 ? 136 GLY A O   1 
ATOM   877 N N   . TYR A 1 137 ? -5.426  -9.940  4.531   1.00 10.71 ? 137 TYR A N   1 
ATOM   878 C CA  . TYR A 1 137 ? -5.813  -11.282 5.009   1.00 10.06 ? 137 TYR A CA  1 
ATOM   879 C C   . TYR A 1 137 ? -6.985  -11.832 4.214   1.00 10.12 ? 137 TYR A C   1 
ATOM   880 O O   . TYR A 1 137 ? -6.988  -12.999 3.826   1.00 9.93  ? 137 TYR A O   1 
ATOM   881 C CB  . TYR A 1 137 ? -6.155  -11.264 6.505   1.00 9.49  ? 137 TYR A CB  1 
ATOM   882 C CG  . TYR A 1 137 ? -4.975  -10.911 7.391   1.00 9.32  ? 137 TYR A CG  1 
ATOM   883 C CD1 . TYR A 1 137 ? -4.577  -9.582  7.571   1.00 8.71  ? 137 TYR A CD1 1 
ATOM   884 C CD2 . TYR A 1 137 ? -4.243  -11.902 8.031   1.00 9.64  ? 137 TYR A CD2 1 
ATOM   885 C CE1 . TYR A 1 137 ? -3.490  -9.251  8.374   1.00 7.78  ? 137 TYR A CE1 1 
ATOM   886 C CE2 . TYR A 1 137 ? -3.143  -11.578 8.844   1.00 8.88  ? 137 TYR A CE2 1 
ATOM   887 C CZ  . TYR A 1 137 ? -2.775  -10.252 9.009   1.00 8.02  ? 137 TYR A CZ  1 
ATOM   888 O OH  . TYR A 1 137 ? -1.689  -9.933  9.798   1.00 6.63  ? 137 TYR A OH  1 
ATOM   889 N N   . GLY A 1 138 ? -7.964  -10.965 3.956   1.00 10.63 ? 138 GLY A N   1 
ATOM   890 C CA  . GLY A 1 138 ? -9.222  -11.340 3.290   1.00 10.99 ? 138 GLY A CA  1 
ATOM   891 C C   . GLY A 1 138 ? -9.063  -11.590 1.805   1.00 11.20 ? 138 GLY A C   1 
ATOM   892 O O   . GLY A 1 138 ? -8.883  -12.753 1.378   1.00 10.91 ? 138 GLY A O   1 
ATOM   893 N N   . VAL A 1 139 ? -9.126  -10.500 1.030   1.00 11.30 ? 139 VAL A N   1 
ATOM   894 C CA  . VAL A 1 139 ? -8.858  -10.527 -0.419  1.00 11.61 ? 139 VAL A CA  1 
ATOM   895 C C   . VAL A 1 139 ? -7.869  -11.636 -0.820  1.00 11.85 ? 139 VAL A C   1 
ATOM   896 O O   . VAL A 1 139 ? -7.836  -12.058 -1.983  1.00 12.40 ? 139 VAL A O   1 
ATOM   897 C CB  . VAL A 1 139 ? -8.335  -9.153  -0.985  1.00 11.47 ? 139 VAL A CB  1 
ATOM   898 C CG1 . VAL A 1 139 ? -9.083  -7.973  -0.369  1.00 11.64 ? 139 VAL A CG1 1 
ATOM   899 C CG2 . VAL A 1 139 ? -6.831  -8.996  -0.793  1.00 11.14 ? 139 VAL A CG2 1 
ATOM   900 N N   . THR A 1 140 ? -7.076  -12.108 0.145   1.00 11.45 ? 140 THR A N   1 
ATOM   901 C CA  . THR A 1 140 ? -6.048  -13.102 -0.135  1.00 10.99 ? 140 THR A CA  1 
ATOM   902 C C   . THR A 1 140 ? -6.493  -14.528 0.161   1.00 10.56 ? 140 THR A C   1 
ATOM   903 O O   . THR A 1 140 ? -6.219  -15.437 -0.637  1.00 9.98  ? 140 THR A O   1 
ATOM   904 C CB  . THR A 1 140 ? -4.744  -12.781 0.592   1.00 11.08 ? 140 THR A CB  1 
ATOM   905 O OG1 . THR A 1 140 ? -4.911  -12.918 2.011   1.00 10.83 ? 140 THR A OG1 1 
ATOM   906 C CG2 . THR A 1 140 ? -4.361  -11.392 0.268   1.00 10.90 ? 140 THR A CG2 1 
ATOM   907 N N   . LEU A 1 141 ? -7.169  -14.719 1.296   1.00 10.04 ? 141 LEU A N   1 
ATOM   908 C CA  . LEU A 1 141 ? -7.765  -16.009 1.602   1.00 9.78  ? 141 LEU A CA  1 
ATOM   909 C C   . LEU A 1 141 ? -8.785  -16.278 0.502   1.00 9.88  ? 141 LEU A C   1 
ATOM   910 O O   . LEU A 1 141 ? -8.990  -17.430 0.086   1.00 9.58  ? 141 LEU A O   1 
ATOM   911 C CB  . LEU A 1 141 ? -8.429  -16.007 2.987   1.00 9.46  ? 141 LEU A CB  1 
ATOM   912 C CG  . LEU A 1 141 ? -9.630  -16.958 3.157   1.00 9.12  ? 141 LEU A CG  1 
ATOM   913 C CD1 . LEU A 1 141 ? -9.252  -18.397 3.612   1.00 9.25  ? 141 LEU A CD1 1 
ATOM   914 C CD2 . LEU A 1 141 ? -10.680 -16.330 4.072   1.00 8.54  ? 141 LEU A CD2 1 
ATOM   915 N N   . SER A 1 142 ? -9.391  -15.185 0.024   1.00 10.04 ? 142 SER A N   1 
ATOM   916 C CA  . SER A 1 142 ? -10.440 -15.226 -0.993  1.00 10.00 ? 142 SER A CA  1 
ATOM   917 C C   . SER A 1 142 ? -9.861  -15.691 -2.313  1.00 10.58 ? 142 SER A C   1 
ATOM   918 O O   . SER A 1 142 ? -10.059 -16.840 -2.719  1.00 9.69  ? 142 SER A O   1 
ATOM   919 C CB  . SER A 1 142 ? -11.110 -13.851 -1.127  1.00 10.06 ? 142 SER A CB  1 
ATOM   920 O OG  . SER A 1 142 ? -10.183 -12.821 -1.384  1.00 7.96  ? 142 SER A OG  1 
ATOM   921 N N   . MET A 1 143 ? -9.129  -14.780 -2.949  1.00 11.67 ? 143 MET A N   1 
ATOM   922 C CA  . MET A 1 143 ? -8.255  -15.054 -4.089  1.00 13.39 ? 143 MET A CA  1 
ATOM   923 C C   . MET A 1 143 ? -7.395  -16.363 -4.026  1.00 13.99 ? 143 MET A C   1 
ATOM   924 O O   . MET A 1 143 ? -6.907  -16.877 -5.067  1.00 13.50 ? 143 MET A O   1 
ATOM   925 C CB  . MET A 1 143 ? -7.366  -13.845 -4.291  1.00 13.43 ? 143 MET A CB  1 
ATOM   926 C CG  . MET A 1 143 ? -8.069  -12.614 -4.806  1.00 17.39 ? 143 MET A CG  1 
ATOM   927 S SD  . MET A 1 143 ? -9.624  -12.959 -5.673  1.00 25.68 ? 143 MET A SD  1 
ATOM   928 C CE  . MET A 1 143 ? -10.808 -12.714 -4.357  1.00 24.35 ? 143 MET A CE  1 
ATOM   929 N N   . ALA A 1 144 ? -7.189  -16.883 -2.810  1.00 14.76 ? 144 ALA A N   1 
ATOM   930 C CA  . ALA A 1 144 ? -6.755  -18.272 -2.649  1.00 15.15 ? 144 ALA A CA  1 
ATOM   931 C C   . ALA A 1 144 ? -7.962  -19.153 -2.926  1.00 15.30 ? 144 ALA A C   1 
ATOM   932 O O   . ALA A 1 144 ? -8.047  -19.814 -3.958  1.00 15.32 ? 144 ALA A O   1 
ATOM   933 C CB  . ALA A 1 144 ? -6.193  -18.538 -1.235  1.00 15.16 ? 144 ALA A CB  1 
ATOM   934 N N   . TYR A 1 145 ? -8.909  -19.111 -2.005  1.00 15.57 ? 145 TYR A N   1 
ATOM   935 C CA  . TYR A 1 145 ? -10.069 -19.969 -2.052  1.00 16.16 ? 145 TYR A CA  1 
ATOM   936 C C   . TYR A 1 145 ? -10.639 -19.941 -3.481  1.00 16.89 ? 145 TYR A C   1 
ATOM   937 O O   . TYR A 1 145 ? -10.481 -20.919 -4.228  1.00 16.51 ? 145 TYR A O   1 
ATOM   938 C CB  . TYR A 1 145 ? -11.090 -19.460 -1.015  1.00 15.73 ? 145 TYR A CB  1 
ATOM   939 C CG  . TYR A 1 145 ? -11.846 -20.478 -0.174  1.00 14.54 ? 145 TYR A CG  1 
ATOM   940 C CD1 . TYR A 1 145 ? -11.361 -20.899 1.079   1.00 13.24 ? 145 TYR A CD1 1 
ATOM   941 C CD2 . TYR A 1 145 ? -13.088 -20.957 -0.594  1.00 13.99 ? 145 TYR A CD2 1 
ATOM   942 C CE1 . TYR A 1 145 ? -12.088 -21.803 1.870   1.00 13.30 ? 145 TYR A CE1 1 
ATOM   943 C CE2 . TYR A 1 145 ? -13.827 -21.865 0.188   1.00 14.25 ? 145 TYR A CE2 1 
ATOM   944 C CZ  . TYR A 1 145 ? -13.337 -22.287 1.420   1.00 13.89 ? 145 TYR A CZ  1 
ATOM   945 O OH  . TYR A 1 145 ? -14.098 -23.194 2.157   1.00 12.23 ? 145 TYR A OH  1 
ATOM   946 N N   . ARG A 1 146 ? -11.230 -18.800 -3.863  1.00 17.99 ? 146 ARG A N   1 
ATOM   947 C CA  . ARG A 1 146 ? -12.146 -18.694 -5.018  1.00 19.26 ? 146 ARG A CA  1 
ATOM   948 C C   . ARG A 1 146 ? -11.726 -19.579 -6.179  1.00 19.99 ? 146 ARG A C   1 
ATOM   949 O O   . ARG A 1 146 ? -12.562 -20.189 -6.860  1.00 20.25 ? 146 ARG A O   1 
ATOM   950 C CB  . ARG A 1 146 ? -12.273 -17.249 -5.508  1.00 19.43 ? 146 ARG A CB  1 
ATOM   951 C CG  . ARG A 1 146 ? -12.331 -16.193 -4.411  1.00 21.22 ? 146 ARG A CG  1 
ATOM   952 C CD  . ARG A 1 146 ? -13.205 -14.987 -4.774  1.00 23.60 ? 146 ARG A CD  1 
ATOM   953 N NE  . ARG A 1 146 ? -12.684 -14.216 -5.907  1.00 26.75 ? 146 ARG A NE  1 
ATOM   954 C CZ  . ARG A 1 146 ? -13.196 -13.056 -6.330  1.00 28.08 ? 146 ARG A CZ  1 
ATOM   955 N NH1 . ARG A 1 146 ? -14.238 -12.512 -5.706  1.00 28.26 ? 146 ARG A NH1 1 
ATOM   956 N NH2 . ARG A 1 146 ? -12.665 -12.422 -7.373  1.00 28.30 ? 146 ARG A NH2 1 
ATOM   957 N N   . LEU A 1 147 ? -10.412 -19.629 -6.376  1.00 20.75 ? 147 LEU A N   1 
ATOM   958 C CA  . LEU A 1 147 ? -9.746  -20.441 -7.377  1.00 21.09 ? 147 LEU A CA  1 
ATOM   959 C C   . LEU A 1 147 ? -9.652  -21.919 -6.950  1.00 20.98 ? 147 LEU A C   1 
ATOM   960 O O   . LEU A 1 147 ? -8.643  -22.601 -7.199  1.00 20.88 ? 147 LEU A O   1 
ATOM   961 C CB  . LEU A 1 147 ? -8.348  -19.849 -7.614  1.00 21.40 ? 147 LEU A CB  1 
ATOM   962 C CG  . LEU A 1 147 ? -8.327  -18.378 -8.038  1.00 21.44 ? 147 LEU A CG  1 
ATOM   963 C CD1 . LEU A 1 147 ? -6.966  -17.737 -7.788  1.00 21.01 ? 147 LEU A CD1 1 
ATOM   964 C CD2 . LEU A 1 147 ? -8.719  -18.276 -9.506  1.00 22.46 ? 147 LEU A CD2 1 
HETATM 965 N N1  . GSH B 2 .   ? 8.297   1.232   17.866  1.00 49.39 ? 218 GSH A N1  1 
HETATM 966 C CA1 . GSH B 2 .   ? 8.086   2.677   17.965  1.00 49.02 ? 218 GSH A CA1 1 
HETATM 967 C C1  . GSH B 2 .   ? 9.403   3.363   18.276  1.00 48.81 ? 218 GSH A C1  1 
HETATM 968 O O11 . GSH B 2 .   ? 10.502  2.795   18.055  1.00 48.56 ? 218 GSH A O11 1 
HETATM 969 O O12 . GSH B 2 .   ? 9.429   4.517   18.773  1.00 48.78 ? 218 GSH A O12 1 
HETATM 970 C CB1 . GSH B 2 .   ? 7.385   3.260   16.726  1.00 48.61 ? 218 GSH A CB1 1 
HETATM 971 C CG1 . GSH B 2 .   ? 7.496   2.506   15.396  1.00 48.68 ? 218 GSH A CG1 1 
HETATM 972 C CD1 . GSH B 2 .   ? 6.539   3.118   14.371  1.00 49.78 ? 218 GSH A CD1 1 
HETATM 973 O OE1 . GSH B 2 .   ? 5.276   3.672   14.732  1.00 50.91 ? 218 GSH A OE1 1 
HETATM 974 N N2  . GSH B 2 .   ? 6.915   3.105   13.093  1.00 49.47 ? 218 GSH A N2  1 
HETATM 975 C CA2 . GSH B 2 .   ? 6.038   2.530   12.089  1.00 49.71 ? 218 GSH A CA2 1 
HETATM 976 C C2  . GSH B 2 .   ? 6.484   1.153   11.770  1.00 49.59 ? 218 GSH A C2  1 
HETATM 977 O O2  . GSH B 2 .   ? 7.863   0.857   11.842  1.00 50.01 ? 218 GSH A O2  1 
HETATM 978 C CB2 . GSH B 2 .   ? 6.144   3.261   10.765  1.00 49.79 ? 218 GSH A CB2 1 
HETATM 979 S SG2 . GSH B 2 .   ? 5.543   4.968   10.831  1.00 49.76 ? 218 GSH A SG2 1 
HETATM 980 N N3  . GSH B 2 .   ? 5.555   0.283   11.392  1.00 49.01 ? 218 GSH A N3  1 
HETATM 981 C CA3 . GSH B 2 .   ? 5.967   -0.857  10.588  1.00 48.25 ? 218 GSH A CA3 1 
HETATM 982 C C3  . GSH B 2 .   ? 5.295   -2.074  11.154  1.00 47.90 ? 218 GSH A C3  1 
HETATM 983 O O31 . GSH B 2 .   ? 4.110   -1.990  11.558  1.00 47.75 ? 218 GSH A O31 1 
HETATM 984 O O32 . GSH B 2 .   ? 5.923   -3.156  11.214  1.00 48.21 ? 218 GSH A O32 1 
# 
